data_3FVJ
# 
_entry.id   3FVJ 
# 
_audit_conform.dict_name       mmcif_pdbx.dic 
_audit_conform.dict_version    5.399 
_audit_conform.dict_location   http://mmcif.pdb.org/dictionaries/ascii/mmcif_pdbx.dic 
# 
loop_
_database_2.database_id 
_database_2.database_code 
_database_2.pdbx_database_accession 
_database_2.pdbx_DOI 
PDB   3FVJ         pdb_00003fvj 10.2210/pdb3fvj/pdb 
RCSB  RCSB051094   ?            ?                   
WWPDB D_1000051094 ?            ?                   
# 
loop_
_pdbx_audit_revision_history.ordinal 
_pdbx_audit_revision_history.data_content_type 
_pdbx_audit_revision_history.major_revision 
_pdbx_audit_revision_history.minor_revision 
_pdbx_audit_revision_history.revision_date 
1 'Structure model' 1 0 2010-03-16 
2 'Structure model' 1 1 2011-07-13 
3 'Structure model' 1 2 2023-09-06 
4 'Structure model' 1 3 2024-11-27 
# 
_pdbx_audit_revision_details.ordinal             1 
_pdbx_audit_revision_details.revision_ordinal    1 
_pdbx_audit_revision_details.data_content_type   'Structure model' 
_pdbx_audit_revision_details.provider            repository 
_pdbx_audit_revision_details.type                'Initial release' 
_pdbx_audit_revision_details.description         ? 
_pdbx_audit_revision_details.details             ? 
# 
loop_
_pdbx_audit_revision_group.ordinal 
_pdbx_audit_revision_group.revision_ordinal 
_pdbx_audit_revision_group.data_content_type 
_pdbx_audit_revision_group.group 
1 2 'Structure model' 'Version format compliance' 
2 3 'Structure model' 'Data collection'           
3 3 'Structure model' 'Database references'       
4 3 'Structure model' 'Derived calculations'      
5 3 'Structure model' 'Refinement description'    
6 4 'Structure model' 'Structure summary'         
# 
loop_
_pdbx_audit_revision_category.ordinal 
_pdbx_audit_revision_category.revision_ordinal 
_pdbx_audit_revision_category.data_content_type 
_pdbx_audit_revision_category.category 
1 3 'Structure model' chem_comp_atom                
2 3 'Structure model' chem_comp_bond                
3 3 'Structure model' database_2                    
4 3 'Structure model' pdbx_initial_refinement_model 
5 3 'Structure model' struct_site                   
6 4 'Structure model' pdbx_entry_details            
7 4 'Structure model' pdbx_modification_feature     
# 
loop_
_pdbx_audit_revision_item.ordinal 
_pdbx_audit_revision_item.revision_ordinal 
_pdbx_audit_revision_item.data_content_type 
_pdbx_audit_revision_item.item 
1 3 'Structure model' '_database_2.pdbx_DOI'                         
2 3 'Structure model' '_database_2.pdbx_database_accession'          
3 3 'Structure model' '_struct_site.pdbx_auth_asym_id'               
4 3 'Structure model' '_struct_site.pdbx_auth_comp_id'               
5 3 'Structure model' '_struct_site.pdbx_auth_seq_id'                
6 4 'Structure model' '_pdbx_entry_details.has_protein_modification' 
# 
_pdbx_database_status.status_code                     REL 
_pdbx_database_status.entry_id                        3FVJ 
_pdbx_database_status.recvd_initial_deposition_date   2009-01-15 
_pdbx_database_status.deposit_site                    RCSB 
_pdbx_database_status.process_site                    RCSB 
_pdbx_database_status.status_code_sf                  REL 
_pdbx_database_status.status_code_mr                  ? 
_pdbx_database_status.SG_entry                        ? 
_pdbx_database_status.pdb_format_compatible           Y 
_pdbx_database_status.status_code_cs                  ? 
_pdbx_database_status.status_code_nmr_data            ? 
_pdbx_database_status.methods_development_category    ? 
# 
_pdbx_database_related.db_name        PDB 
_pdbx_database_related.db_id          3FVI 
_pdbx_database_related.details        'the same protein complexed with octyl sulfates' 
_pdbx_database_related.content_type   unspecified 
# 
_audit_author.name           'Pan, Y.H.' 
_audit_author.pdbx_ordinal   1 
# 
_citation.id                        primary 
_citation.title                     
'Structure of a premicellar complex of alkyl sulfates with the interfacial binding surfaces of four subunits of phospholipase A2.' 
_citation.journal_abbrev            Biochim.Biophys.Acta 
_citation.journal_volume            1804 
_citation.page_first                1443 
_citation.page_last                 1448 
_citation.year                      2010 
_citation.journal_id_ASTM           BBACAQ 
_citation.country                   NE 
_citation.journal_id_ISSN           0006-3002 
_citation.journal_id_CSD            0113 
_citation.book_publisher            ? 
_citation.pdbx_database_id_PubMed   20302975 
_citation.pdbx_database_id_DOI      10.1016/j.bbapap.2010.03.004 
# 
loop_
_citation_author.citation_id 
_citation_author.name 
_citation_author.ordinal 
_citation_author.identifier_ORCID 
primary 'Pan, Y.H.'     1 ? 
primary 'Bahnson, B.J.' 2 ? 
# 
loop_
_entity.id 
_entity.type 
_entity.src_method 
_entity.pdbx_description 
_entity.formula_weight 
_entity.pdbx_number_of_molecules 
_entity.pdbx_ec 
_entity.pdbx_mutation 
_entity.pdbx_fragment 
_entity.details 
1 polymer     man 'Phospholipase A2, major isoenzyme' 14009.714 1  3.1.1.4 ? ? ? 
2 non-polymer syn 'CALCIUM ION'                       40.078    2  ?       ? ? ? 
3 non-polymer syn 'CHLORIDE ION'                      35.453    1  ?       ? ? ? 
4 water       nat water                               18.015    74 ?       ? ? ? 
# 
_entity_name_com.entity_id   1 
_entity_name_com.name        'Phosphatidylcholine 2-acylhydrolase, Group IB phospholipase A2' 
# 
_entity_poly.entity_id                      1 
_entity_poly.type                           'polypeptide(L)' 
_entity_poly.nstd_linkage                   no 
_entity_poly.nstd_monomer                   no 
_entity_poly.pdbx_seq_one_letter_code       
;ALWQFRSMIKCAIPGSHPLMDFNNYGCYCGLGGSGTPVDELDRCCETHDNCYRDAKNLDSCKFLVDNPYTESYSYSCSNT
EITCNSKNNACEAFICNCDRNAAICFSKAPYNKEHKNLDTKKYC
;
_entity_poly.pdbx_seq_one_letter_code_can   
;ALWQFRSMIKCAIPGSHPLMDFNNYGCYCGLGGSGTPVDELDRCCETHDNCYRDAKNLDSCKFLVDNPYTESYSYSCSNT
EITCNSKNNACEAFICNCDRNAAICFSKAPYNKEHKNLDTKKYC
;
_entity_poly.pdbx_strand_id                 A 
_entity_poly.pdbx_target_identifier         ? 
# 
loop_
_pdbx_entity_nonpoly.entity_id 
_pdbx_entity_nonpoly.name 
_pdbx_entity_nonpoly.comp_id 
2 'CALCIUM ION'  CA  
3 'CHLORIDE ION' CL  
4 water          HOH 
# 
loop_
_entity_poly_seq.entity_id 
_entity_poly_seq.num 
_entity_poly_seq.mon_id 
_entity_poly_seq.hetero 
1 1   ALA n 
1 2   LEU n 
1 3   TRP n 
1 4   GLN n 
1 5   PHE n 
1 6   ARG n 
1 7   SER n 
1 8   MET n 
1 9   ILE n 
1 10  LYS n 
1 11  CYS n 
1 12  ALA n 
1 13  ILE n 
1 14  PRO n 
1 15  GLY n 
1 16  SER n 
1 17  HIS n 
1 18  PRO n 
1 19  LEU n 
1 20  MET n 
1 21  ASP n 
1 22  PHE n 
1 23  ASN n 
1 24  ASN n 
1 25  TYR n 
1 26  GLY n 
1 27  CYS n 
1 28  TYR n 
1 29  CYS n 
1 30  GLY n 
1 31  LEU n 
1 32  GLY n 
1 33  GLY n 
1 34  SER n 
1 35  GLY n 
1 36  THR n 
1 37  PRO n 
1 38  VAL n 
1 39  ASP n 
1 40  GLU n 
1 41  LEU n 
1 42  ASP n 
1 43  ARG n 
1 44  CYS n 
1 45  CYS n 
1 46  GLU n 
1 47  THR n 
1 48  HIS n 
1 49  ASP n 
1 50  ASN n 
1 51  CYS n 
1 52  TYR n 
1 53  ARG n 
1 54  ASP n 
1 55  ALA n 
1 56  LYS n 
1 57  ASN n 
1 58  LEU n 
1 59  ASP n 
1 60  SER n 
1 61  CYS n 
1 62  LYS n 
1 63  PHE n 
1 64  LEU n 
1 65  VAL n 
1 66  ASP n 
1 67  ASN n 
1 68  PRO n 
1 69  TYR n 
1 70  THR n 
1 71  GLU n 
1 72  SER n 
1 73  TYR n 
1 74  SER n 
1 75  TYR n 
1 76  SER n 
1 77  CYS n 
1 78  SER n 
1 79  ASN n 
1 80  THR n 
1 81  GLU n 
1 82  ILE n 
1 83  THR n 
1 84  CYS n 
1 85  ASN n 
1 86  SER n 
1 87  LYS n 
1 88  ASN n 
1 89  ASN n 
1 90  ALA n 
1 91  CYS n 
1 92  GLU n 
1 93  ALA n 
1 94  PHE n 
1 95  ILE n 
1 96  CYS n 
1 97  ASN n 
1 98  CYS n 
1 99  ASP n 
1 100 ARG n 
1 101 ASN n 
1 102 ALA n 
1 103 ALA n 
1 104 ILE n 
1 105 CYS n 
1 106 PHE n 
1 107 SER n 
1 108 LYS n 
1 109 ALA n 
1 110 PRO n 
1 111 TYR n 
1 112 ASN n 
1 113 LYS n 
1 114 GLU n 
1 115 HIS n 
1 116 LYS n 
1 117 ASN n 
1 118 LEU n 
1 119 ASP n 
1 120 THR n 
1 121 LYS n 
1 122 LYS n 
1 123 TYR n 
1 124 CYS n 
# 
_entity_src_gen.entity_id                          1 
_entity_src_gen.pdbx_src_id                        1 
_entity_src_gen.pdbx_alt_source_flag               sample 
_entity_src_gen.pdbx_seq_type                      ? 
_entity_src_gen.pdbx_beg_seq_num                   ? 
_entity_src_gen.pdbx_end_seq_num                   ? 
_entity_src_gen.gene_src_common_name               'pigs,swine,wild boar' 
_entity_src_gen.gene_src_genus                     ? 
_entity_src_gen.pdbx_gene_src_gene                 ? 
_entity_src_gen.gene_src_species                   ? 
_entity_src_gen.gene_src_strain                    ? 
_entity_src_gen.gene_src_tissue                    ? 
_entity_src_gen.gene_src_tissue_fraction           ? 
_entity_src_gen.gene_src_details                   ? 
_entity_src_gen.pdbx_gene_src_fragment             ? 
_entity_src_gen.pdbx_gene_src_scientific_name      'Sus scrofa' 
_entity_src_gen.pdbx_gene_src_ncbi_taxonomy_id     9823 
_entity_src_gen.pdbx_gene_src_variant              ? 
_entity_src_gen.pdbx_gene_src_cell_line            ? 
_entity_src_gen.pdbx_gene_src_atcc                 ? 
_entity_src_gen.pdbx_gene_src_organ                ? 
_entity_src_gen.pdbx_gene_src_organelle            ? 
_entity_src_gen.pdbx_gene_src_cell                 ? 
_entity_src_gen.pdbx_gene_src_cellular_location    ? 
_entity_src_gen.host_org_common_name               ? 
_entity_src_gen.pdbx_host_org_scientific_name      'Escherichia coli' 
_entity_src_gen.pdbx_host_org_ncbi_taxonomy_id     ? 
_entity_src_gen.host_org_genus                     ? 
_entity_src_gen.pdbx_host_org_gene                 ? 
_entity_src_gen.pdbx_host_org_organ                ? 
_entity_src_gen.host_org_species                   ? 
_entity_src_gen.pdbx_host_org_tissue               ? 
_entity_src_gen.pdbx_host_org_tissue_fraction      ? 
_entity_src_gen.pdbx_host_org_strain               ? 
_entity_src_gen.pdbx_host_org_variant              ? 
_entity_src_gen.pdbx_host_org_cell_line            ? 
_entity_src_gen.pdbx_host_org_atcc                 ? 
_entity_src_gen.pdbx_host_org_culture_collection   ? 
_entity_src_gen.pdbx_host_org_cell                 ? 
_entity_src_gen.pdbx_host_org_organelle            ? 
_entity_src_gen.pdbx_host_org_cellular_location    ? 
_entity_src_gen.pdbx_host_org_vector_type          ? 
_entity_src_gen.pdbx_host_org_vector               ? 
_entity_src_gen.host_org_details                   ? 
_entity_src_gen.expression_system_id               ? 
_entity_src_gen.plasmid_name                       ? 
_entity_src_gen.plasmid_details                    ? 
_entity_src_gen.pdbx_description                   ? 
# 
loop_
_chem_comp.id 
_chem_comp.type 
_chem_comp.mon_nstd_flag 
_chem_comp.name 
_chem_comp.pdbx_synonyms 
_chem_comp.formula 
_chem_comp.formula_weight 
ALA 'L-peptide linking' y ALANINE         ? 'C3 H7 N O2'     89.093  
ARG 'L-peptide linking' y ARGININE        ? 'C6 H15 N4 O2 1' 175.209 
ASN 'L-peptide linking' y ASPARAGINE      ? 'C4 H8 N2 O3'    132.118 
ASP 'L-peptide linking' y 'ASPARTIC ACID' ? 'C4 H7 N O4'     133.103 
CA  non-polymer         . 'CALCIUM ION'   ? 'Ca 2'           40.078  
CL  non-polymer         . 'CHLORIDE ION'  ? 'Cl -1'          35.453  
CYS 'L-peptide linking' y CYSTEINE        ? 'C3 H7 N O2 S'   121.158 
GLN 'L-peptide linking' y GLUTAMINE       ? 'C5 H10 N2 O3'   146.144 
GLU 'L-peptide linking' y 'GLUTAMIC ACID' ? 'C5 H9 N O4'     147.129 
GLY 'peptide linking'   y GLYCINE         ? 'C2 H5 N O2'     75.067  
HIS 'L-peptide linking' y HISTIDINE       ? 'C6 H10 N3 O2 1' 156.162 
HOH non-polymer         . WATER           ? 'H2 O'           18.015  
ILE 'L-peptide linking' y ISOLEUCINE      ? 'C6 H13 N O2'    131.173 
LEU 'L-peptide linking' y LEUCINE         ? 'C6 H13 N O2'    131.173 
LYS 'L-peptide linking' y LYSINE          ? 'C6 H15 N2 O2 1' 147.195 
MET 'L-peptide linking' y METHIONINE      ? 'C5 H11 N O2 S'  149.211 
PHE 'L-peptide linking' y PHENYLALANINE   ? 'C9 H11 N O2'    165.189 
PRO 'L-peptide linking' y PROLINE         ? 'C5 H9 N O2'     115.130 
SER 'L-peptide linking' y SERINE          ? 'C3 H7 N O3'     105.093 
THR 'L-peptide linking' y THREONINE       ? 'C4 H9 N O3'     119.119 
TRP 'L-peptide linking' y TRYPTOPHAN      ? 'C11 H12 N2 O2'  204.225 
TYR 'L-peptide linking' y TYROSINE        ? 'C9 H11 N O3'    181.189 
VAL 'L-peptide linking' y VALINE          ? 'C5 H11 N O2'    117.146 
# 
loop_
_pdbx_poly_seq_scheme.asym_id 
_pdbx_poly_seq_scheme.entity_id 
_pdbx_poly_seq_scheme.seq_id 
_pdbx_poly_seq_scheme.mon_id 
_pdbx_poly_seq_scheme.ndb_seq_num 
_pdbx_poly_seq_scheme.pdb_seq_num 
_pdbx_poly_seq_scheme.auth_seq_num 
_pdbx_poly_seq_scheme.pdb_mon_id 
_pdbx_poly_seq_scheme.auth_mon_id 
_pdbx_poly_seq_scheme.pdb_strand_id 
_pdbx_poly_seq_scheme.pdb_ins_code 
_pdbx_poly_seq_scheme.hetero 
A 1 1   ALA 1   1   1   ALA ALA A . n 
A 1 2   LEU 2   2   2   LEU LEU A . n 
A 1 3   TRP 3   3   3   TRP TRP A . n 
A 1 4   GLN 4   4   4   GLN GLN A . n 
A 1 5   PHE 5   5   5   PHE PHE A . n 
A 1 6   ARG 6   6   6   ARG ARG A . n 
A 1 7   SER 7   7   7   SER SER A . n 
A 1 8   MET 8   8   8   MET MET A . n 
A 1 9   ILE 9   9   9   ILE ILE A . n 
A 1 10  LYS 10  10  10  LYS LYS A . n 
A 1 11  CYS 11  11  11  CYS CYS A . n 
A 1 12  ALA 12  12  12  ALA ALA A . n 
A 1 13  ILE 13  13  13  ILE ILE A . n 
A 1 14  PRO 14  14  14  PRO PRO A . n 
A 1 15  GLY 15  15  15  GLY GLY A . n 
A 1 16  SER 16  16  16  SER SER A . n 
A 1 17  HIS 17  17  17  HIS HIS A . n 
A 1 18  PRO 18  18  18  PRO PRO A . n 
A 1 19  LEU 19  19  19  LEU LEU A . n 
A 1 20  MET 20  20  20  MET MET A . n 
A 1 21  ASP 21  21  21  ASP ASP A . n 
A 1 22  PHE 22  22  22  PHE PHE A . n 
A 1 23  ASN 23  23  23  ASN ASN A . n 
A 1 24  ASN 24  24  24  ASN ASN A . n 
A 1 25  TYR 25  25  25  TYR TYR A . n 
A 1 26  GLY 26  26  26  GLY GLY A . n 
A 1 27  CYS 27  27  27  CYS CYS A . n 
A 1 28  TYR 28  28  28  TYR TYR A . n 
A 1 29  CYS 29  29  29  CYS CYS A . n 
A 1 30  GLY 30  30  30  GLY GLY A . n 
A 1 31  LEU 31  31  31  LEU LEU A . n 
A 1 32  GLY 32  32  32  GLY GLY A . n 
A 1 33  GLY 33  33  33  GLY GLY A . n 
A 1 34  SER 34  34  34  SER SER A . n 
A 1 35  GLY 35  35  35  GLY GLY A . n 
A 1 36  THR 36  36  36  THR THR A . n 
A 1 37  PRO 37  37  37  PRO PRO A . n 
A 1 38  VAL 38  38  38  VAL VAL A . n 
A 1 39  ASP 39  39  39  ASP ASP A . n 
A 1 40  GLU 40  40  40  GLU GLU A . n 
A 1 41  LEU 41  41  41  LEU LEU A . n 
A 1 42  ASP 42  42  42  ASP ASP A . n 
A 1 43  ARG 43  43  43  ARG ARG A . n 
A 1 44  CYS 44  44  44  CYS CYS A . n 
A 1 45  CYS 45  45  45  CYS CYS A . n 
A 1 46  GLU 46  46  46  GLU GLU A . n 
A 1 47  THR 47  47  47  THR THR A . n 
A 1 48  HIS 48  48  48  HIS HIS A . n 
A 1 49  ASP 49  49  49  ASP ASP A . n 
A 1 50  ASN 50  50  50  ASN ASN A . n 
A 1 51  CYS 51  51  51  CYS CYS A . n 
A 1 52  TYR 52  52  52  TYR TYR A . n 
A 1 53  ARG 53  53  53  ARG ARG A . n 
A 1 54  ASP 54  54  54  ASP ASP A . n 
A 1 55  ALA 55  55  55  ALA ALA A . n 
A 1 56  LYS 56  56  56  LYS LYS A . n 
A 1 57  ASN 57  57  57  ASN ASN A . n 
A 1 58  LEU 58  58  58  LEU LEU A . n 
A 1 59  ASP 59  59  59  ASP ASP A . n 
A 1 60  SER 60  60  60  SER SER A . n 
A 1 61  CYS 61  61  61  CYS CYS A . n 
A 1 62  LYS 62  62  62  LYS LYS A . n 
A 1 63  PHE 63  63  63  PHE PHE A . n 
A 1 64  LEU 64  64  64  LEU LEU A . n 
A 1 65  VAL 65  65  65  VAL VAL A . n 
A 1 66  ASP 66  66  66  ASP ASP A . n 
A 1 67  ASN 67  67  67  ASN ASN A . n 
A 1 68  PRO 68  68  68  PRO PRO A . n 
A 1 69  TYR 69  69  69  TYR TYR A . n 
A 1 70  THR 70  70  70  THR THR A . n 
A 1 71  GLU 71  71  71  GLU GLU A . n 
A 1 72  SER 72  72  72  SER SER A . n 
A 1 73  TYR 73  73  73  TYR TYR A . n 
A 1 74  SER 74  74  74  SER SER A . n 
A 1 75  TYR 75  75  75  TYR TYR A . n 
A 1 76  SER 76  76  76  SER SER A . n 
A 1 77  CYS 77  77  77  CYS CYS A . n 
A 1 78  SER 78  78  78  SER SER A . n 
A 1 79  ASN 79  79  79  ASN ASN A . n 
A 1 80  THR 80  80  80  THR THR A . n 
A 1 81  GLU 81  81  81  GLU GLU A . n 
A 1 82  ILE 82  82  82  ILE ILE A . n 
A 1 83  THR 83  83  83  THR THR A . n 
A 1 84  CYS 84  84  84  CYS CYS A . n 
A 1 85  ASN 85  85  85  ASN ASN A . n 
A 1 86  SER 86  86  86  SER SER A . n 
A 1 87  LYS 87  87  87  LYS LYS A . n 
A 1 88  ASN 88  88  88  ASN ASN A . n 
A 1 89  ASN 89  89  89  ASN ASN A . n 
A 1 90  ALA 90  90  90  ALA ALA A . n 
A 1 91  CYS 91  91  91  CYS CYS A . n 
A 1 92  GLU 92  92  92  GLU GLU A . n 
A 1 93  ALA 93  93  93  ALA ALA A . n 
A 1 94  PHE 94  94  94  PHE PHE A . n 
A 1 95  ILE 95  95  95  ILE ILE A . n 
A 1 96  CYS 96  96  96  CYS CYS A . n 
A 1 97  ASN 97  97  97  ASN ASN A . n 
A 1 98  CYS 98  98  98  CYS CYS A . n 
A 1 99  ASP 99  99  99  ASP ASP A . n 
A 1 100 ARG 100 100 100 ARG ARG A . n 
A 1 101 ASN 101 101 101 ASN ASN A . n 
A 1 102 ALA 102 102 102 ALA ALA A . n 
A 1 103 ALA 103 103 103 ALA ALA A . n 
A 1 104 ILE 104 104 104 ILE ILE A . n 
A 1 105 CYS 105 105 105 CYS CYS A . n 
A 1 106 PHE 106 106 106 PHE PHE A . n 
A 1 107 SER 107 107 107 SER SER A . n 
A 1 108 LYS 108 108 108 LYS LYS A . n 
A 1 109 ALA 109 109 109 ALA ALA A . n 
A 1 110 PRO 110 110 110 PRO PRO A . n 
A 1 111 TYR 111 111 111 TYR TYR A . n 
A 1 112 ASN 112 112 112 ASN ASN A . n 
A 1 113 LYS 113 113 113 LYS LYS A . n 
A 1 114 GLU 114 114 114 GLU GLU A . n 
A 1 115 HIS 115 115 115 HIS HIS A . n 
A 1 116 LYS 116 116 116 LYS LYS A . n 
A 1 117 ASN 117 117 117 ASN ASN A . n 
A 1 118 LEU 118 118 118 LEU LEU A . n 
A 1 119 ASP 119 119 119 ASP ASP A . n 
A 1 120 THR 120 120 120 THR THR A . n 
A 1 121 LYS 121 121 121 LYS LYS A . n 
A 1 122 LYS 122 122 122 LYS LYS A . n 
A 1 123 TYR 123 123 123 TYR TYR A . n 
A 1 124 CYS 124 124 124 CYS CYS A . n 
# 
loop_
_pdbx_nonpoly_scheme.asym_id 
_pdbx_nonpoly_scheme.entity_id 
_pdbx_nonpoly_scheme.mon_id 
_pdbx_nonpoly_scheme.ndb_seq_num 
_pdbx_nonpoly_scheme.pdb_seq_num 
_pdbx_nonpoly_scheme.auth_seq_num 
_pdbx_nonpoly_scheme.pdb_mon_id 
_pdbx_nonpoly_scheme.auth_mon_id 
_pdbx_nonpoly_scheme.pdb_strand_id 
_pdbx_nonpoly_scheme.pdb_ins_code 
B 2 CA  1  125 77 CA  CA  A . 
C 2 CA  1  126 78 CA  CA  A . 
D 3 CL  1  127 79 CL  CL  A . 
E 4 HOH 1  128 1  HOH HOH A . 
E 4 HOH 2  129 2  HOH HOH A . 
E 4 HOH 3  130 3  HOH HOH A . 
E 4 HOH 4  131 4  HOH HOH A . 
E 4 HOH 5  132 5  HOH HOH A . 
E 4 HOH 6  133 6  HOH HOH A . 
E 4 HOH 7  134 7  HOH HOH A . 
E 4 HOH 8  135 8  HOH HOH A . 
E 4 HOH 9  136 9  HOH HOH A . 
E 4 HOH 10 137 10 HOH HOH A . 
E 4 HOH 11 138 11 HOH HOH A . 
E 4 HOH 12 139 12 HOH HOH A . 
E 4 HOH 13 140 13 HOH HOH A . 
E 4 HOH 14 141 14 HOH HOH A . 
E 4 HOH 15 142 15 HOH HOH A . 
E 4 HOH 16 143 16 HOH HOH A . 
E 4 HOH 17 144 17 HOH HOH A . 
E 4 HOH 18 145 18 HOH HOH A . 
E 4 HOH 19 146 19 HOH HOH A . 
E 4 HOH 20 147 20 HOH HOH A . 
E 4 HOH 21 148 21 HOH HOH A . 
E 4 HOH 22 149 22 HOH HOH A . 
E 4 HOH 23 150 23 HOH HOH A . 
E 4 HOH 24 151 24 HOH HOH A . 
E 4 HOH 25 152 25 HOH HOH A . 
E 4 HOH 26 153 26 HOH HOH A . 
E 4 HOH 27 154 27 HOH HOH A . 
E 4 HOH 28 155 28 HOH HOH A . 
E 4 HOH 29 156 29 HOH HOH A . 
E 4 HOH 30 157 30 HOH HOH A . 
E 4 HOH 31 158 31 HOH HOH A . 
E 4 HOH 32 159 32 HOH HOH A . 
E 4 HOH 33 160 33 HOH HOH A . 
E 4 HOH 34 161 34 HOH HOH A . 
E 4 HOH 35 162 35 HOH HOH A . 
E 4 HOH 36 163 36 HOH HOH A . 
E 4 HOH 37 164 37 HOH HOH A . 
E 4 HOH 38 165 38 HOH HOH A . 
E 4 HOH 39 166 39 HOH HOH A . 
E 4 HOH 40 167 40 HOH HOH A . 
E 4 HOH 41 168 41 HOH HOH A . 
E 4 HOH 42 169 42 HOH HOH A . 
E 4 HOH 43 170 43 HOH HOH A . 
E 4 HOH 44 171 44 HOH HOH A . 
E 4 HOH 45 172 46 HOH HOH A . 
E 4 HOH 46 173 47 HOH HOH A . 
E 4 HOH 47 174 48 HOH HOH A . 
E 4 HOH 48 175 49 HOH HOH A . 
E 4 HOH 49 176 50 HOH HOH A . 
E 4 HOH 50 177 51 HOH HOH A . 
E 4 HOH 51 178 52 HOH HOH A . 
E 4 HOH 52 179 53 HOH HOH A . 
E 4 HOH 53 180 54 HOH HOH A . 
E 4 HOH 54 181 55 HOH HOH A . 
E 4 HOH 55 182 56 HOH HOH A . 
E 4 HOH 56 183 57 HOH HOH A . 
E 4 HOH 57 184 58 HOH HOH A . 
E 4 HOH 58 185 59 HOH HOH A . 
E 4 HOH 59 186 60 HOH HOH A . 
E 4 HOH 60 187 61 HOH HOH A . 
E 4 HOH 61 188 62 HOH HOH A . 
E 4 HOH 62 189 63 HOH HOH A . 
E 4 HOH 63 190 64 HOH HOH A . 
E 4 HOH 64 191 65 HOH HOH A . 
E 4 HOH 65 192 66 HOH HOH A . 
E 4 HOH 66 194 68 HOH HOH A . 
E 4 HOH 67 195 69 HOH HOH A . 
E 4 HOH 68 196 70 HOH HOH A . 
E 4 HOH 69 197 71 HOH HOH A . 
E 4 HOH 70 198 72 HOH HOH A . 
E 4 HOH 71 199 73 HOH HOH A . 
E 4 HOH 72 200 74 HOH HOH A . 
E 4 HOH 73 201 75 HOH HOH A . 
E 4 HOH 74 202 76 HOH HOH A . 
# 
loop_
_software.name 
_software.classification 
_software.version 
_software.citation_id 
_software.pdbx_ordinal 
HKL-2000  'data collection' .   ? 1 
AMoRE     phasing           .   ? 2 
CNS       refinement        1.1 ? 3 
DENZO     'data reduction'  .   ? 4 
SCALEPACK 'data scaling'    .   ? 5 
# 
_cell.entry_id           3FVJ 
_cell.length_a           69.064 
_cell.length_b           69.064 
_cell.length_c           68.840 
_cell.angle_alpha        90.00 
_cell.angle_beta         90.00 
_cell.angle_gamma        120.00 
_cell.Z_PDB              6 
_cell.pdbx_unique_axis   ? 
_cell.length_a_esd       ? 
_cell.length_b_esd       ? 
_cell.length_c_esd       ? 
_cell.angle_alpha_esd    ? 
_cell.angle_beta_esd     ? 
_cell.angle_gamma_esd    ? 
# 
_symmetry.entry_id                         3FVJ 
_symmetry.space_group_name_H-M             'P 31 2 1' 
_symmetry.pdbx_full_space_group_name_H-M   ? 
_symmetry.cell_setting                     ? 
_symmetry.Int_Tables_number                152 
_symmetry.space_group_name_Hall            ? 
# 
_exptl.entry_id          3FVJ 
_exptl.method            'X-RAY DIFFRACTION' 
_exptl.crystals_number   1 
# 
_exptl_crystal.id                    1 
_exptl_crystal.density_meas          ? 
_exptl_crystal.density_Matthews      3.38 
_exptl_crystal.density_percent_sol   63.64 
_exptl_crystal.description           ? 
_exptl_crystal.F_000                 ? 
_exptl_crystal.preparation           ? 
# 
_exptl_crystal_grow.crystal_id      1 
_exptl_crystal_grow.method          'VAPOR DIFFUSION, HANGING DROP' 
_exptl_crystal_grow.temp            298 
_exptl_crystal_grow.temp_details    ? 
_exptl_crystal_grow.pH              5.6 
_exptl_crystal_grow.pdbx_details    
'0.1 M sodium citrate, 20% v/v iso-propanol, 20% w/v PEG 4000, pH 5.6, VAPOR DIFFUSION, HANGING DROP, temperature 298K' 
_exptl_crystal_grow.pdbx_pH_range   ? 
# 
_diffrn.id                     1 
_diffrn.ambient_temp           93 
_diffrn.ambient_temp_details   ? 
_diffrn.crystal_id             1 
# 
_diffrn_detector.diffrn_id              1 
_diffrn_detector.detector               'IMAGE PLATE' 
_diffrn_detector.type                   'RIGAKU RAXIS IV' 
_diffrn_detector.pdbx_collection_date   2004-04-29 
_diffrn_detector.details                Morrors 
# 
_diffrn_radiation.diffrn_id                        1 
_diffrn_radiation.wavelength_id                    1 
_diffrn_radiation.pdbx_monochromatic_or_laue_m_l   M 
_diffrn_radiation.monochromator                    'Ni mirror' 
_diffrn_radiation.pdbx_diffrn_protocol             'SINGLE WAVELENGTH' 
_diffrn_radiation.pdbx_scattering_type             x-ray 
# 
_diffrn_radiation_wavelength.id           1 
_diffrn_radiation_wavelength.wavelength   1.5418 
_diffrn_radiation_wavelength.wt           1.0 
# 
_diffrn_source.diffrn_id                   1 
_diffrn_source.source                      'ROTATING ANODE' 
_diffrn_source.type                        'RIGAKU RU300' 
_diffrn_source.pdbx_synchrotron_site       ? 
_diffrn_source.pdbx_synchrotron_beamline   ? 
_diffrn_source.pdbx_wavelength             ? 
_diffrn_source.pdbx_wavelength_list        1.5418 
# 
_reflns.entry_id                     3FVJ 
_reflns.observed_criterion_sigma_I   0.0 
_reflns.observed_criterion_sigma_F   -3.0 
_reflns.d_resolution_low             30.9 
_reflns.d_resolution_high            2.3 
_reflns.number_obs                   8664 
_reflns.number_all                   8777 
_reflns.percent_possible_obs         98.7 
_reflns.pdbx_Rmerge_I_obs            0.063 
_reflns.pdbx_Rsym_value              0.046 
_reflns.pdbx_netI_over_sigmaI        46.3 
_reflns.B_iso_Wilson_estimate        43.3 
_reflns.pdbx_redundancy              11 
_reflns.R_free_details               ? 
_reflns.limit_h_max                  ? 
_reflns.limit_h_min                  ? 
_reflns.limit_k_max                  ? 
_reflns.limit_k_min                  ? 
_reflns.limit_l_max                  ? 
_reflns.limit_l_min                  ? 
_reflns.observed_criterion_F_max     ? 
_reflns.observed_criterion_F_min     ? 
_reflns.pdbx_chi_squared             ? 
_reflns.pdbx_scaling_rejects         ? 
_reflns.pdbx_diffrn_id               1 
_reflns.pdbx_ordinal                 1 
# 
_reflns_shell.d_res_high             2.3 
_reflns_shell.d_res_low              2.38 
_reflns_shell.percent_possible_all   100 
_reflns_shell.Rmerge_I_obs           0.522 
_reflns_shell.pdbx_Rsym_value        0.469 
_reflns_shell.meanI_over_sigI_obs    3.7 
_reflns_shell.pdbx_redundancy        11 
_reflns_shell.percent_possible_obs   ? 
_reflns_shell.number_unique_all      ? 
_reflns_shell.number_measured_all    ? 
_reflns_shell.number_measured_obs    ? 
_reflns_shell.number_unique_obs      ? 
_reflns_shell.pdbx_chi_squared       ? 
_reflns_shell.pdbx_diffrn_id         ? 
_reflns_shell.pdbx_ordinal           1 
# 
_refine.entry_id                                 3FVJ 
_refine.ls_number_reflns_obs                     8221 
_refine.ls_number_reflns_all                     8756 
_refine.pdbx_ls_sigma_I                          ? 
_refine.pdbx_ls_sigma_F                          0.0 
_refine.pdbx_data_cutoff_high_absF               501455.78 
_refine.pdbx_data_cutoff_low_absF                0.000000 
_refine.pdbx_data_cutoff_high_rms_absF           ? 
_refine.ls_d_res_low                             30.87 
_refine.ls_d_res_high                            2.30 
_refine.ls_percent_reflns_obs                    93.8 
_refine.ls_R_factor_obs                          0.201 
_refine.ls_R_factor_all                          0.204 
_refine.ls_R_factor_R_work                       0.201 
_refine.ls_R_factor_R_free                       0.249 
_refine.ls_R_factor_R_free_error                 0.012 
_refine.ls_R_factor_R_free_error_details         ? 
_refine.ls_percent_reflns_R_free                 5.4 
_refine.ls_number_reflns_R_free                  445 
_refine.ls_number_parameters                     ? 
_refine.ls_number_restraints                     ? 
_refine.occupancy_min                            ? 
_refine.occupancy_max                            ? 
_refine.correlation_coeff_Fo_to_Fc               ? 
_refine.correlation_coeff_Fo_to_Fc_free          ? 
_refine.B_iso_mean                               44.9 
_refine.aniso_B[1][1]                            ? 
_refine.aniso_B[2][2]                            ? 
_refine.aniso_B[3][3]                            ? 
_refine.aniso_B[1][2]                            ? 
_refine.aniso_B[1][3]                            ? 
_refine.aniso_B[2][3]                            ? 
_refine.solvent_model_details                    'FLAT MODEL' 
_refine.solvent_model_param_ksol                 0.347594 
_refine.solvent_model_param_bsol                 39.5291 
_refine.pdbx_solvent_vdw_probe_radii             ? 
_refine.pdbx_solvent_ion_probe_radii             ? 
_refine.pdbx_solvent_shrinkage_radii             ? 
_refine.pdbx_ls_cross_valid_method               THROUGHOUT 
_refine.details                                  ? 
_refine.pdbx_starting_model                      1FXF 
_refine.pdbx_method_to_determine_struct          'MOLECULAR REPLACEMENT' 
_refine.pdbx_isotropic_thermal_model             RESTRAINED 
_refine.pdbx_stereochemistry_target_values       'Engh & Huber' 
_refine.pdbx_stereochem_target_val_spec_case     ? 
_refine.pdbx_R_Free_selection_details            RANDOM 
_refine.pdbx_overall_ESU_R                       ? 
_refine.pdbx_overall_ESU_R_Free                  ? 
_refine.overall_SU_ML                            ? 
_refine.overall_SU_B                             ? 
_refine.ls_redundancy_reflns_obs                 ? 
_refine.B_iso_min                                ? 
_refine.B_iso_max                                ? 
_refine.overall_SU_R_Cruickshank_DPI             ? 
_refine.overall_SU_R_free                        ? 
_refine.ls_wR_factor_R_free                      ? 
_refine.ls_wR_factor_R_work                      ? 
_refine.overall_FOM_free_R_set                   ? 
_refine.overall_FOM_work_R_set                   ? 
_refine.pdbx_overall_phase_error                 ? 
_refine.pdbx_refine_id                           'X-RAY DIFFRACTION' 
_refine.pdbx_diffrn_id                           1 
_refine.pdbx_TLS_residual_ADP_flag               ? 
_refine.pdbx_overall_SU_R_free_Cruickshank_DPI   ? 
_refine.pdbx_overall_SU_R_Blow_DPI               ? 
_refine.pdbx_overall_SU_R_free_Blow_DPI          ? 
# 
_refine_analyze.entry_id                        3FVJ 
_refine_analyze.Luzzati_coordinate_error_obs    0.27 
_refine_analyze.Luzzati_sigma_a_obs             0.25 
_refine_analyze.Luzzati_d_res_low_obs           5.00 
_refine_analyze.Luzzati_coordinate_error_free   0.35 
_refine_analyze.Luzzati_sigma_a_free            0.28 
_refine_analyze.Luzzati_d_res_low_free          ? 
_refine_analyze.number_disordered_residues      ? 
_refine_analyze.occupancy_sum_hydrogen          ? 
_refine_analyze.occupancy_sum_non_hydrogen      ? 
_refine_analyze.pdbx_Luzzati_d_res_high_obs     ? 
_refine_analyze.pdbx_refine_id                  'X-RAY DIFFRACTION' 
# 
_refine_hist.pdbx_refine_id                   'X-RAY DIFFRACTION' 
_refine_hist.cycle_id                         LAST 
_refine_hist.pdbx_number_atoms_protein        971 
_refine_hist.pdbx_number_atoms_nucleic_acid   0 
_refine_hist.pdbx_number_atoms_ligand         3 
_refine_hist.number_atoms_solvent             74 
_refine_hist.number_atoms_total               1048 
_refine_hist.d_res_high                       2.30 
_refine_hist.d_res_low                        30.87 
# 
loop_
_refine_ls_restr.type 
_refine_ls_restr.dev_ideal 
_refine_ls_restr.dev_ideal_target 
_refine_ls_restr.weight 
_refine_ls_restr.number 
_refine_ls_restr.pdbx_refine_id 
_refine_ls_restr.pdbx_restraint_function 
c_bond_d                0.006 ?    ? ? 'X-RAY DIFFRACTION' ? 
c_bond_d_na             ?     ?    ? ? 'X-RAY DIFFRACTION' ? 
c_bond_d_prot           ?     ?    ? ? 'X-RAY DIFFRACTION' ? 
c_angle_d               ?     ?    ? ? 'X-RAY DIFFRACTION' ? 
c_angle_d_na            ?     ?    ? ? 'X-RAY DIFFRACTION' ? 
c_angle_d_prot          ?     ?    ? ? 'X-RAY DIFFRACTION' ? 
c_angle_deg             1.2   ?    ? ? 'X-RAY DIFFRACTION' ? 
c_angle_deg_na          ?     ?    ? ? 'X-RAY DIFFRACTION' ? 
c_angle_deg_prot        ?     ?    ? ? 'X-RAY DIFFRACTION' ? 
c_dihedral_angle_d      21.3  ?    ? ? 'X-RAY DIFFRACTION' ? 
c_dihedral_angle_d_na   ?     ?    ? ? 'X-RAY DIFFRACTION' ? 
c_dihedral_angle_d_prot ?     ?    ? ? 'X-RAY DIFFRACTION' ? 
c_improper_angle_d      0.78  ?    ? ? 'X-RAY DIFFRACTION' ? 
c_improper_angle_d_na   ?     ?    ? ? 'X-RAY DIFFRACTION' ? 
c_improper_angle_d_prot ?     ?    ? ? 'X-RAY DIFFRACTION' ? 
c_mcbond_it             1.14  1.50 ? ? 'X-RAY DIFFRACTION' ? 
c_mcangle_it            1.91  2.00 ? ? 'X-RAY DIFFRACTION' ? 
c_scbond_it             1.98  2.00 ? ? 'X-RAY DIFFRACTION' ? 
c_scangle_it            3.02  2.50 ? ? 'X-RAY DIFFRACTION' ? 
# 
_refine_ls_shell.pdbx_total_number_of_bins_used   6 
_refine_ls_shell.d_res_high                       2.30 
_refine_ls_shell.d_res_low                        2.44 
_refine_ls_shell.number_reflns_R_work             1182 
_refine_ls_shell.R_factor_R_work                  0.257 
_refine_ls_shell.percent_reflns_obs               88.7 
_refine_ls_shell.R_factor_R_free                  0.272 
_refine_ls_shell.R_factor_R_free_error            0.032 
_refine_ls_shell.percent_reflns_R_free            5.8 
_refine_ls_shell.number_reflns_R_free             73 
_refine_ls_shell.number_reflns_all                ? 
_refine_ls_shell.R_factor_all                     ? 
_refine_ls_shell.number_reflns_obs                753 
_refine_ls_shell.redundancy_reflns_obs            ? 
_refine_ls_shell.pdbx_refine_id                   'X-RAY DIFFRACTION' 
# 
loop_
_pdbx_xplor_file.serial_no 
_pdbx_xplor_file.param_file 
_pdbx_xplor_file.topol_file 
_pdbx_xplor_file.pdbx_refine_id 
1 protein_rep.param protein.top   'X-RAY DIFFRACTION' 
2 water_rep.param   water_rep.top 'X-RAY DIFFRACTION' 
3 ion.param         ion.top       'X-RAY DIFFRACTION' 
# 
_struct.entry_id                  3FVJ 
_struct.title                     'Crystal structure of phospholipase A2 1B crystallized in the presence of octyl sulfate' 
_struct.pdbx_model_details        ? 
_struct.pdbx_CASP_flag            ? 
_struct.pdbx_model_type_details   ? 
# 
_struct_keywords.entry_id        3FVJ 
_struct_keywords.pdbx_keywords   HYDROLASE 
_struct_keywords.text            
;Phospholipase A2, Pla2-1B, octyl sulfate binding, Hydrolase, Lipid degradation, Lipoprotein, Metal-binding, Palmitate, Pyrrolidone carboxylic acid, Secreted
;
# 
loop_
_struct_asym.id 
_struct_asym.pdbx_blank_PDB_chainid_flag 
_struct_asym.pdbx_modified 
_struct_asym.entity_id 
_struct_asym.details 
A N N 1 ? 
B N N 2 ? 
C N N 2 ? 
D N N 3 ? 
E N N 4 ? 
# 
_struct_ref.id                         1 
_struct_ref.db_name                    UNP 
_struct_ref.db_code                    PA21B_PIG 
_struct_ref.pdbx_db_accession          P00592 
_struct_ref.entity_id                  1 
_struct_ref.pdbx_seq_one_letter_code   
;ALWQFRSMIKCAIPGSHPLMDFNNYGCYCGLGGSGTPVDELDRCCETHDNCYRDAKNLDSCKFLVDNPYTESYSYSCSNT
EITCNSKNNACEAFICNCDRNAAICFSKAPYNKEHKNLDTKKYC
;
_struct_ref.pdbx_align_begin           23 
_struct_ref.pdbx_db_isoform            ? 
# 
_struct_ref_seq.align_id                      1 
_struct_ref_seq.ref_id                        1 
_struct_ref_seq.pdbx_PDB_id_code              3FVJ 
_struct_ref_seq.pdbx_strand_id                A 
_struct_ref_seq.seq_align_beg                 1 
_struct_ref_seq.pdbx_seq_align_beg_ins_code   ? 
_struct_ref_seq.seq_align_end                 124 
_struct_ref_seq.pdbx_seq_align_end_ins_code   ? 
_struct_ref_seq.pdbx_db_accession             P00592 
_struct_ref_seq.db_align_beg                  23 
_struct_ref_seq.pdbx_db_align_beg_ins_code    ? 
_struct_ref_seq.db_align_end                  146 
_struct_ref_seq.pdbx_db_align_end_ins_code    ? 
_struct_ref_seq.pdbx_auth_seq_align_beg       1 
_struct_ref_seq.pdbx_auth_seq_align_end       124 
# 
loop_
_pdbx_struct_assembly.id 
_pdbx_struct_assembly.details 
_pdbx_struct_assembly.method_details 
_pdbx_struct_assembly.oligomeric_details 
_pdbx_struct_assembly.oligomeric_count 
1 software_defined_assembly PISA dimeric   2 
2 author_defined_assembly   ?    monomeric 1 
# 
loop_
_pdbx_struct_assembly_prop.biol_id 
_pdbx_struct_assembly_prop.type 
_pdbx_struct_assembly_prop.value 
_pdbx_struct_assembly_prop.details 
1 'ABSA (A^2)' 1840  ? 
1 MORE         -76   ? 
1 'SSA (A^2)'  13110 ? 
# 
loop_
_pdbx_struct_assembly_gen.assembly_id 
_pdbx_struct_assembly_gen.oper_expression 
_pdbx_struct_assembly_gen.asym_id_list 
1 1,2 A,B,C,D,E 
2 1   A,B,C,D,E 
# 
loop_
_pdbx_struct_oper_list.id 
_pdbx_struct_oper_list.type 
_pdbx_struct_oper_list.name 
_pdbx_struct_oper_list.symmetry_operation 
_pdbx_struct_oper_list.matrix[1][1] 
_pdbx_struct_oper_list.matrix[1][2] 
_pdbx_struct_oper_list.matrix[1][3] 
_pdbx_struct_oper_list.vector[1] 
_pdbx_struct_oper_list.matrix[2][1] 
_pdbx_struct_oper_list.matrix[2][2] 
_pdbx_struct_oper_list.matrix[2][3] 
_pdbx_struct_oper_list.vector[2] 
_pdbx_struct_oper_list.matrix[3][1] 
_pdbx_struct_oper_list.matrix[3][2] 
_pdbx_struct_oper_list.matrix[3][3] 
_pdbx_struct_oper_list.vector[3] 
1 'identity operation'         1_555 x,y,z         1.0000000000 0.0000000000  0.0000000000  0.0000000000   0.0000000000  1.0000000000  0.0000000000 0.0000000000 0.0000000000  0.0000000000 1.0000000000  0.0000000000   
2 'crystal symmetry operation' 5_555 x-y,-y,-z+2/3 0.6820402042 -0.0996128353 -0.7244987529 -12.4833015657 -0.0996128353 -0.9941007849 0.0429058561 7.8774574742 -0.7244987529 0.0429058561 -0.6879394193 -30.0650772707 
# 
_struct_biol.id        1 
_struct_biol.details   ? 
# 
loop_
_struct_conf.conf_type_id 
_struct_conf.id 
_struct_conf.pdbx_PDB_helix_id 
_struct_conf.beg_label_comp_id 
_struct_conf.beg_label_asym_id 
_struct_conf.beg_label_seq_id 
_struct_conf.pdbx_beg_PDB_ins_code 
_struct_conf.end_label_comp_id 
_struct_conf.end_label_asym_id 
_struct_conf.end_label_seq_id 
_struct_conf.pdbx_end_PDB_ins_code 
_struct_conf.beg_auth_comp_id 
_struct_conf.beg_auth_asym_id 
_struct_conf.beg_auth_seq_id 
_struct_conf.end_auth_comp_id 
_struct_conf.end_auth_asym_id 
_struct_conf.end_auth_seq_id 
_struct_conf.pdbx_PDB_helix_class 
_struct_conf.details 
_struct_conf.pdbx_PDB_helix_length 
HELX_P HELX_P1 1 ALA A 1   ? ILE A 13  ? ALA A 1   ILE A 13  1 ? 13 
HELX_P HELX_P2 2 HIS A 17  ? ASN A 23  ? HIS A 17  ASN A 23  1 ? 7  
HELX_P HELX_P3 3 ASP A 39  ? ASN A 57  ? ASP A 39  ASN A 57  1 ? 19 
HELX_P HELX_P4 4 PHE A 63  ? GLU A 71  ? PHE A 63  GLU A 71  5 ? 9  
HELX_P HELX_P5 5 ASN A 89  ? ALA A 109 ? ASN A 89  ALA A 109 1 ? 21 
HELX_P HELX_P6 6 ASN A 112 ? LYS A 116 ? ASN A 112 LYS A 116 5 ? 5  
HELX_P HELX_P7 7 ASP A 119 ? CYS A 124 ? ASP A 119 CYS A 124 1 ? 6  
# 
_struct_conf_type.id          HELX_P 
_struct_conf_type.criteria    ? 
_struct_conf_type.reference   ? 
# 
loop_
_struct_conn.id 
_struct_conn.conn_type_id 
_struct_conn.pdbx_leaving_atom_flag 
_struct_conn.pdbx_PDB_id 
_struct_conn.ptnr1_label_asym_id 
_struct_conn.ptnr1_label_comp_id 
_struct_conn.ptnr1_label_seq_id 
_struct_conn.ptnr1_label_atom_id 
_struct_conn.pdbx_ptnr1_label_alt_id 
_struct_conn.pdbx_ptnr1_PDB_ins_code 
_struct_conn.pdbx_ptnr1_standard_comp_id 
_struct_conn.ptnr1_symmetry 
_struct_conn.ptnr2_label_asym_id 
_struct_conn.ptnr2_label_comp_id 
_struct_conn.ptnr2_label_seq_id 
_struct_conn.ptnr2_label_atom_id 
_struct_conn.pdbx_ptnr2_label_alt_id 
_struct_conn.pdbx_ptnr2_PDB_ins_code 
_struct_conn.ptnr1_auth_asym_id 
_struct_conn.ptnr1_auth_comp_id 
_struct_conn.ptnr1_auth_seq_id 
_struct_conn.ptnr2_auth_asym_id 
_struct_conn.ptnr2_auth_comp_id 
_struct_conn.ptnr2_auth_seq_id 
_struct_conn.ptnr2_symmetry 
_struct_conn.pdbx_ptnr3_label_atom_id 
_struct_conn.pdbx_ptnr3_label_seq_id 
_struct_conn.pdbx_ptnr3_label_comp_id 
_struct_conn.pdbx_ptnr3_label_asym_id 
_struct_conn.pdbx_ptnr3_label_alt_id 
_struct_conn.pdbx_ptnr3_PDB_ins_code 
_struct_conn.details 
_struct_conn.pdbx_dist_value 
_struct_conn.pdbx_value_order 
_struct_conn.pdbx_role 
disulf1 disulf ? ? A CYS 11 SG  ? ? ? 1_555 A CYS 77  SG ? ? A CYS 11 A CYS 77  1_555 ? ? ? ? ? ? ? 2.033 ? ? 
disulf2 disulf ? ? A CYS 27 SG  ? ? ? 1_555 A CYS 124 SG ? ? A CYS 27 A CYS 124 1_555 ? ? ? ? ? ? ? 2.027 ? ? 
disulf3 disulf ? ? A CYS 29 SG  ? ? ? 1_555 A CYS 45  SG ? ? A CYS 29 A CYS 45  1_555 ? ? ? ? ? ? ? 2.031 ? ? 
disulf4 disulf ? ? A CYS 44 SG  ? ? ? 1_555 A CYS 105 SG ? ? A CYS 44 A CYS 105 1_555 ? ? ? ? ? ? ? 2.026 ? ? 
disulf5 disulf ? ? A CYS 51 SG  ? ? ? 1_555 A CYS 98  SG ? ? A CYS 51 A CYS 98  1_555 ? ? ? ? ? ? ? 2.037 ? ? 
disulf6 disulf ? ? A CYS 61 SG  ? ? ? 1_555 A CYS 91  SG ? ? A CYS 61 A CYS 91  1_555 ? ? ? ? ? ? ? 2.033 ? ? 
disulf7 disulf ? ? A CYS 84 SG  ? ? ? 1_555 A CYS 96  SG ? ? A CYS 84 A CYS 96  1_555 ? ? ? ? ? ? ? 2.048 ? ? 
metalc1 metalc ? ? A TYR 28 O   ? ? ? 1_555 B CA  .   CA ? ? A TYR 28 A CA  125 1_555 ? ? ? ? ? ? ? 2.319 ? ? 
metalc2 metalc ? ? A GLY 30 O   ? ? ? 1_555 B CA  .   CA ? ? A GLY 30 A CA  125 1_555 ? ? ? ? ? ? ? 2.479 ? ? 
metalc3 metalc ? ? A GLY 32 O   ? ? ? 1_555 B CA  .   CA ? ? A GLY 32 A CA  125 1_555 ? ? ? ? ? ? ? 2.659 ? ? 
metalc4 metalc ? ? A ASP 49 OD1 ? ? ? 1_555 B CA  .   CA ? ? A ASP 49 A CA  125 1_555 ? ? ? ? ? ? ? 2.939 ? ? 
metalc5 metalc ? ? A ASP 49 OD2 ? ? ? 1_555 B CA  .   CA ? ? A ASP 49 A CA  125 1_555 ? ? ? ? ? ? ? 2.314 ? ? 
metalc6 metalc ? ? A GLU 71 OE2 ? ? ? 1_555 C CA  .   CA ? ? A GLU 71 A CA  126 1_555 ? ? ? ? ? ? ? 2.318 ? ? 
metalc7 metalc ? ? A SER 72 O   ? ? ? 1_555 C CA  .   CA ? ? A SER 72 A CA  126 1_555 ? ? ? ? ? ? ? 2.268 ? ? 
metalc8 metalc ? ? A GLU 92 OE1 ? ? ? 1_555 C CA  .   CA ? ? A GLU 92 A CA  126 1_555 ? ? ? ? ? ? ? 2.471 ? ? 
# 
loop_
_struct_conn_type.id 
_struct_conn_type.criteria 
_struct_conn_type.reference 
disulf ? ? 
metalc ? ? 
# 
loop_
_pdbx_struct_conn_angle.id 
_pdbx_struct_conn_angle.ptnr1_label_atom_id 
_pdbx_struct_conn_angle.ptnr1_label_alt_id 
_pdbx_struct_conn_angle.ptnr1_label_asym_id 
_pdbx_struct_conn_angle.ptnr1_label_comp_id 
_pdbx_struct_conn_angle.ptnr1_label_seq_id 
_pdbx_struct_conn_angle.ptnr1_auth_atom_id 
_pdbx_struct_conn_angle.ptnr1_auth_asym_id 
_pdbx_struct_conn_angle.ptnr1_auth_comp_id 
_pdbx_struct_conn_angle.ptnr1_auth_seq_id 
_pdbx_struct_conn_angle.ptnr1_PDB_ins_code 
_pdbx_struct_conn_angle.ptnr1_symmetry 
_pdbx_struct_conn_angle.ptnr2_label_atom_id 
_pdbx_struct_conn_angle.ptnr2_label_alt_id 
_pdbx_struct_conn_angle.ptnr2_label_asym_id 
_pdbx_struct_conn_angle.ptnr2_label_comp_id 
_pdbx_struct_conn_angle.ptnr2_label_seq_id 
_pdbx_struct_conn_angle.ptnr2_auth_atom_id 
_pdbx_struct_conn_angle.ptnr2_auth_asym_id 
_pdbx_struct_conn_angle.ptnr2_auth_comp_id 
_pdbx_struct_conn_angle.ptnr2_auth_seq_id 
_pdbx_struct_conn_angle.ptnr2_PDB_ins_code 
_pdbx_struct_conn_angle.ptnr2_symmetry 
_pdbx_struct_conn_angle.ptnr3_label_atom_id 
_pdbx_struct_conn_angle.ptnr3_label_alt_id 
_pdbx_struct_conn_angle.ptnr3_label_asym_id 
_pdbx_struct_conn_angle.ptnr3_label_comp_id 
_pdbx_struct_conn_angle.ptnr3_label_seq_id 
_pdbx_struct_conn_angle.ptnr3_auth_atom_id 
_pdbx_struct_conn_angle.ptnr3_auth_asym_id 
_pdbx_struct_conn_angle.ptnr3_auth_comp_id 
_pdbx_struct_conn_angle.ptnr3_auth_seq_id 
_pdbx_struct_conn_angle.ptnr3_PDB_ins_code 
_pdbx_struct_conn_angle.ptnr3_symmetry 
_pdbx_struct_conn_angle.value 
_pdbx_struct_conn_angle.value_esd 
1  O   ? A TYR 28 ? A TYR 28 ? 1_555 CA ? B CA . ? A CA 125 ? 1_555 O   ? A GLY 30 ? A GLY 30 ? 1_555 94.7  ? 
2  O   ? A TYR 28 ? A TYR 28 ? 1_555 CA ? B CA . ? A CA 125 ? 1_555 O   ? A GLY 32 ? A GLY 32 ? 1_555 100.3 ? 
3  O   ? A GLY 30 ? A GLY 30 ? 1_555 CA ? B CA . ? A CA 125 ? 1_555 O   ? A GLY 32 ? A GLY 32 ? 1_555 92.5  ? 
4  O   ? A TYR 28 ? A TYR 28 ? 1_555 CA ? B CA . ? A CA 125 ? 1_555 OD1 ? A ASP 49 ? A ASP 49 ? 1_555 106.3 ? 
5  O   ? A GLY 30 ? A GLY 30 ? 1_555 CA ? B CA . ? A CA 125 ? 1_555 OD1 ? A ASP 49 ? A ASP 49 ? 1_555 117.2 ? 
6  O   ? A GLY 32 ? A GLY 32 ? 1_555 CA ? B CA . ? A CA 125 ? 1_555 OD1 ? A ASP 49 ? A ASP 49 ? 1_555 137.5 ? 
7  O   ? A TYR 28 ? A TYR 28 ? 1_555 CA ? B CA . ? A CA 125 ? 1_555 OD2 ? A ASP 49 ? A ASP 49 ? 1_555 113.4 ? 
8  O   ? A GLY 30 ? A GLY 30 ? 1_555 CA ? B CA . ? A CA 125 ? 1_555 OD2 ? A ASP 49 ? A ASP 49 ? 1_555 150.3 ? 
9  O   ? A GLY 32 ? A GLY 32 ? 1_555 CA ? B CA . ? A CA 125 ? 1_555 OD2 ? A ASP 49 ? A ASP 49 ? 1_555 91.5  ? 
10 OD1 ? A ASP 49 ? A ASP 49 ? 1_555 CA ? B CA . ? A CA 125 ? 1_555 OD2 ? A ASP 49 ? A ASP 49 ? 1_555 47.7  ? 
11 OE2 ? A GLU 71 ? A GLU 71 ? 1_555 CA ? C CA . ? A CA 126 ? 1_555 O   ? A SER 72 ? A SER 72 ? 1_555 89.3  ? 
12 OE2 ? A GLU 71 ? A GLU 71 ? 1_555 CA ? C CA . ? A CA 126 ? 1_555 OE1 ? A GLU 92 ? A GLU 92 ? 1_555 93.6  ? 
13 O   ? A SER 72 ? A SER 72 ? 1_555 CA ? C CA . ? A CA 126 ? 1_555 OE1 ? A GLU 92 ? A GLU 92 ? 1_555 95.4  ? 
# 
loop_
_pdbx_modification_feature.ordinal 
_pdbx_modification_feature.label_comp_id 
_pdbx_modification_feature.label_asym_id 
_pdbx_modification_feature.label_seq_id 
_pdbx_modification_feature.label_alt_id 
_pdbx_modification_feature.modified_residue_label_comp_id 
_pdbx_modification_feature.modified_residue_label_asym_id 
_pdbx_modification_feature.modified_residue_label_seq_id 
_pdbx_modification_feature.modified_residue_label_alt_id 
_pdbx_modification_feature.auth_comp_id 
_pdbx_modification_feature.auth_asym_id 
_pdbx_modification_feature.auth_seq_id 
_pdbx_modification_feature.PDB_ins_code 
_pdbx_modification_feature.symmetry 
_pdbx_modification_feature.modified_residue_auth_comp_id 
_pdbx_modification_feature.modified_residue_auth_asym_id 
_pdbx_modification_feature.modified_residue_auth_seq_id 
_pdbx_modification_feature.modified_residue_PDB_ins_code 
_pdbx_modification_feature.modified_residue_symmetry 
_pdbx_modification_feature.comp_id_linking_atom 
_pdbx_modification_feature.modified_residue_id_linking_atom 
_pdbx_modification_feature.modified_residue_id 
_pdbx_modification_feature.ref_pcm_id 
_pdbx_modification_feature.ref_comp_id 
_pdbx_modification_feature.type 
_pdbx_modification_feature.category 
1 CYS A 11 ? CYS A 77  ? CYS A 11 ? 1_555 CYS A 77  ? 1_555 SG SG . . . None 'Disulfide bridge' 
2 CYS A 27 ? CYS A 124 ? CYS A 27 ? 1_555 CYS A 124 ? 1_555 SG SG . . . None 'Disulfide bridge' 
3 CYS A 29 ? CYS A 45  ? CYS A 29 ? 1_555 CYS A 45  ? 1_555 SG SG . . . None 'Disulfide bridge' 
4 CYS A 44 ? CYS A 105 ? CYS A 44 ? 1_555 CYS A 105 ? 1_555 SG SG . . . None 'Disulfide bridge' 
5 CYS A 51 ? CYS A 98  ? CYS A 51 ? 1_555 CYS A 98  ? 1_555 SG SG . . . None 'Disulfide bridge' 
6 CYS A 61 ? CYS A 91  ? CYS A 61 ? 1_555 CYS A 91  ? 1_555 SG SG . . . None 'Disulfide bridge' 
7 CYS A 84 ? CYS A 96  ? CYS A 84 ? 1_555 CYS A 96  ? 1_555 SG SG . . . None 'Disulfide bridge' 
# 
_struct_sheet.id               A 
_struct_sheet.type             ? 
_struct_sheet.number_strands   2 
_struct_sheet.details          ? 
# 
_struct_sheet_order.sheet_id     A 
_struct_sheet_order.range_id_1   1 
_struct_sheet_order.range_id_2   2 
_struct_sheet_order.offset       ? 
_struct_sheet_order.sense        anti-parallel 
# 
loop_
_struct_sheet_range.sheet_id 
_struct_sheet_range.id 
_struct_sheet_range.beg_label_comp_id 
_struct_sheet_range.beg_label_asym_id 
_struct_sheet_range.beg_label_seq_id 
_struct_sheet_range.pdbx_beg_PDB_ins_code 
_struct_sheet_range.end_label_comp_id 
_struct_sheet_range.end_label_asym_id 
_struct_sheet_range.end_label_seq_id 
_struct_sheet_range.pdbx_end_PDB_ins_code 
_struct_sheet_range.beg_auth_comp_id 
_struct_sheet_range.beg_auth_asym_id 
_struct_sheet_range.beg_auth_seq_id 
_struct_sheet_range.end_auth_comp_id 
_struct_sheet_range.end_auth_asym_id 
_struct_sheet_range.end_auth_seq_id 
A 1 TYR A 75 ? SER A 78 ? TYR A 75 SER A 78 
A 2 GLU A 81 ? CYS A 84 ? GLU A 81 CYS A 84 
# 
_pdbx_struct_sheet_hbond.sheet_id                A 
_pdbx_struct_sheet_hbond.range_id_1              1 
_pdbx_struct_sheet_hbond.range_id_2              2 
_pdbx_struct_sheet_hbond.range_1_label_atom_id   N 
_pdbx_struct_sheet_hbond.range_1_label_comp_id   SER 
_pdbx_struct_sheet_hbond.range_1_label_asym_id   A 
_pdbx_struct_sheet_hbond.range_1_label_seq_id    78 
_pdbx_struct_sheet_hbond.range_1_PDB_ins_code    ? 
_pdbx_struct_sheet_hbond.range_1_auth_atom_id    N 
_pdbx_struct_sheet_hbond.range_1_auth_comp_id    SER 
_pdbx_struct_sheet_hbond.range_1_auth_asym_id    A 
_pdbx_struct_sheet_hbond.range_1_auth_seq_id     78 
_pdbx_struct_sheet_hbond.range_2_label_atom_id   O 
_pdbx_struct_sheet_hbond.range_2_label_comp_id   GLU 
_pdbx_struct_sheet_hbond.range_2_label_asym_id   A 
_pdbx_struct_sheet_hbond.range_2_label_seq_id    81 
_pdbx_struct_sheet_hbond.range_2_PDB_ins_code    ? 
_pdbx_struct_sheet_hbond.range_2_auth_atom_id    O 
_pdbx_struct_sheet_hbond.range_2_auth_comp_id    GLU 
_pdbx_struct_sheet_hbond.range_2_auth_asym_id    A 
_pdbx_struct_sheet_hbond.range_2_auth_seq_id     81 
# 
loop_
_struct_site.id 
_struct_site.pdbx_evidence_code 
_struct_site.pdbx_auth_asym_id 
_struct_site.pdbx_auth_comp_id 
_struct_site.pdbx_auth_seq_id 
_struct_site.pdbx_auth_ins_code 
_struct_site.pdbx_num_residues 
_struct_site.details 
AC1 Software A CA 125 ? 4 'BINDING SITE FOR RESIDUE CA A 125' 
AC2 Software A CA 126 ? 3 'BINDING SITE FOR RESIDUE CA A 126' 
# 
loop_
_struct_site_gen.id 
_struct_site_gen.site_id 
_struct_site_gen.pdbx_num_res 
_struct_site_gen.label_comp_id 
_struct_site_gen.label_asym_id 
_struct_site_gen.label_seq_id 
_struct_site_gen.pdbx_auth_ins_code 
_struct_site_gen.auth_comp_id 
_struct_site_gen.auth_asym_id 
_struct_site_gen.auth_seq_id 
_struct_site_gen.label_atom_id 
_struct_site_gen.label_alt_id 
_struct_site_gen.symmetry 
_struct_site_gen.details 
1 AC1 4 TYR A 28 ? TYR A 28 . ? 1_555 ? 
2 AC1 4 GLY A 30 ? GLY A 30 . ? 1_555 ? 
3 AC1 4 GLY A 32 ? GLY A 32 . ? 1_555 ? 
4 AC1 4 ASP A 49 ? ASP A 49 . ? 1_555 ? 
5 AC2 3 GLU A 71 ? GLU A 71 . ? 1_555 ? 
6 AC2 3 SER A 72 ? SER A 72 . ? 1_555 ? 
7 AC2 3 GLU A 92 ? GLU A 92 . ? 1_555 ? 
# 
_pdbx_entry_details.entry_id                   3FVJ 
_pdbx_entry_details.nonpolymer_details         
'CRYSTALLIZATION SOLUTION CONTAINS OCTYL SULFATE, BUT NO ORDERED OCTYLE SULFATE IS FOUND IN THE DETERMINED PROTEIN STRUCTURE.' 
_pdbx_entry_details.sequence_details           ? 
_pdbx_entry_details.compound_details           ? 
_pdbx_entry_details.source_details             ? 
_pdbx_entry_details.has_ligand_of_interest     ? 
_pdbx_entry_details.has_protein_modification   Y 
# 
loop_
_pdbx_validate_torsion.id 
_pdbx_validate_torsion.PDB_model_num 
_pdbx_validate_torsion.auth_comp_id 
_pdbx_validate_torsion.auth_asym_id 
_pdbx_validate_torsion.auth_seq_id 
_pdbx_validate_torsion.PDB_ins_code 
_pdbx_validate_torsion.label_alt_id 
_pdbx_validate_torsion.phi 
_pdbx_validate_torsion.psi 
1 1 PRO A 18 ? ? -26.28 -67.34 
2 1 VAL A 65 ? ? 58.41  16.36  
3 1 THR A 80 ? ? 71.42  -14.98 
# 
loop_
_pdbx_struct_special_symmetry.id 
_pdbx_struct_special_symmetry.PDB_model_num 
_pdbx_struct_special_symmetry.auth_asym_id 
_pdbx_struct_special_symmetry.auth_comp_id 
_pdbx_struct_special_symmetry.auth_seq_id 
_pdbx_struct_special_symmetry.PDB_ins_code 
_pdbx_struct_special_symmetry.label_asym_id 
_pdbx_struct_special_symmetry.label_comp_id 
_pdbx_struct_special_symmetry.label_seq_id 
1 1 A CA  126 ? C CA  . 
2 1 A HOH 198 ? E HOH . 
# 
loop_
_chem_comp_atom.comp_id 
_chem_comp_atom.atom_id 
_chem_comp_atom.type_symbol 
_chem_comp_atom.pdbx_aromatic_flag 
_chem_comp_atom.pdbx_stereo_config 
_chem_comp_atom.pdbx_ordinal 
ALA N    N  N N 1   
ALA CA   C  N S 2   
ALA C    C  N N 3   
ALA O    O  N N 4   
ALA CB   C  N N 5   
ALA OXT  O  N N 6   
ALA H    H  N N 7   
ALA H2   H  N N 8   
ALA HA   H  N N 9   
ALA HB1  H  N N 10  
ALA HB2  H  N N 11  
ALA HB3  H  N N 12  
ALA HXT  H  N N 13  
ARG N    N  N N 14  
ARG CA   C  N S 15  
ARG C    C  N N 16  
ARG O    O  N N 17  
ARG CB   C  N N 18  
ARG CG   C  N N 19  
ARG CD   C  N N 20  
ARG NE   N  N N 21  
ARG CZ   C  N N 22  
ARG NH1  N  N N 23  
ARG NH2  N  N N 24  
ARG OXT  O  N N 25  
ARG H    H  N N 26  
ARG H2   H  N N 27  
ARG HA   H  N N 28  
ARG HB2  H  N N 29  
ARG HB3  H  N N 30  
ARG HG2  H  N N 31  
ARG HG3  H  N N 32  
ARG HD2  H  N N 33  
ARG HD3  H  N N 34  
ARG HE   H  N N 35  
ARG HH11 H  N N 36  
ARG HH12 H  N N 37  
ARG HH21 H  N N 38  
ARG HH22 H  N N 39  
ARG HXT  H  N N 40  
ASN N    N  N N 41  
ASN CA   C  N S 42  
ASN C    C  N N 43  
ASN O    O  N N 44  
ASN CB   C  N N 45  
ASN CG   C  N N 46  
ASN OD1  O  N N 47  
ASN ND2  N  N N 48  
ASN OXT  O  N N 49  
ASN H    H  N N 50  
ASN H2   H  N N 51  
ASN HA   H  N N 52  
ASN HB2  H  N N 53  
ASN HB3  H  N N 54  
ASN HD21 H  N N 55  
ASN HD22 H  N N 56  
ASN HXT  H  N N 57  
ASP N    N  N N 58  
ASP CA   C  N S 59  
ASP C    C  N N 60  
ASP O    O  N N 61  
ASP CB   C  N N 62  
ASP CG   C  N N 63  
ASP OD1  O  N N 64  
ASP OD2  O  N N 65  
ASP OXT  O  N N 66  
ASP H    H  N N 67  
ASP H2   H  N N 68  
ASP HA   H  N N 69  
ASP HB2  H  N N 70  
ASP HB3  H  N N 71  
ASP HD2  H  N N 72  
ASP HXT  H  N N 73  
CA  CA   CA N N 74  
CL  CL   CL N N 75  
CYS N    N  N N 76  
CYS CA   C  N R 77  
CYS C    C  N N 78  
CYS O    O  N N 79  
CYS CB   C  N N 80  
CYS SG   S  N N 81  
CYS OXT  O  N N 82  
CYS H    H  N N 83  
CYS H2   H  N N 84  
CYS HA   H  N N 85  
CYS HB2  H  N N 86  
CYS HB3  H  N N 87  
CYS HG   H  N N 88  
CYS HXT  H  N N 89  
GLN N    N  N N 90  
GLN CA   C  N S 91  
GLN C    C  N N 92  
GLN O    O  N N 93  
GLN CB   C  N N 94  
GLN CG   C  N N 95  
GLN CD   C  N N 96  
GLN OE1  O  N N 97  
GLN NE2  N  N N 98  
GLN OXT  O  N N 99  
GLN H    H  N N 100 
GLN H2   H  N N 101 
GLN HA   H  N N 102 
GLN HB2  H  N N 103 
GLN HB3  H  N N 104 
GLN HG2  H  N N 105 
GLN HG3  H  N N 106 
GLN HE21 H  N N 107 
GLN HE22 H  N N 108 
GLN HXT  H  N N 109 
GLU N    N  N N 110 
GLU CA   C  N S 111 
GLU C    C  N N 112 
GLU O    O  N N 113 
GLU CB   C  N N 114 
GLU CG   C  N N 115 
GLU CD   C  N N 116 
GLU OE1  O  N N 117 
GLU OE2  O  N N 118 
GLU OXT  O  N N 119 
GLU H    H  N N 120 
GLU H2   H  N N 121 
GLU HA   H  N N 122 
GLU HB2  H  N N 123 
GLU HB3  H  N N 124 
GLU HG2  H  N N 125 
GLU HG3  H  N N 126 
GLU HE2  H  N N 127 
GLU HXT  H  N N 128 
GLY N    N  N N 129 
GLY CA   C  N N 130 
GLY C    C  N N 131 
GLY O    O  N N 132 
GLY OXT  O  N N 133 
GLY H    H  N N 134 
GLY H2   H  N N 135 
GLY HA2  H  N N 136 
GLY HA3  H  N N 137 
GLY HXT  H  N N 138 
HIS N    N  N N 139 
HIS CA   C  N S 140 
HIS C    C  N N 141 
HIS O    O  N N 142 
HIS CB   C  N N 143 
HIS CG   C  Y N 144 
HIS ND1  N  Y N 145 
HIS CD2  C  Y N 146 
HIS CE1  C  Y N 147 
HIS NE2  N  Y N 148 
HIS OXT  O  N N 149 
HIS H    H  N N 150 
HIS H2   H  N N 151 
HIS HA   H  N N 152 
HIS HB2  H  N N 153 
HIS HB3  H  N N 154 
HIS HD1  H  N N 155 
HIS HD2  H  N N 156 
HIS HE1  H  N N 157 
HIS HE2  H  N N 158 
HIS HXT  H  N N 159 
HOH O    O  N N 160 
HOH H1   H  N N 161 
HOH H2   H  N N 162 
ILE N    N  N N 163 
ILE CA   C  N S 164 
ILE C    C  N N 165 
ILE O    O  N N 166 
ILE CB   C  N S 167 
ILE CG1  C  N N 168 
ILE CG2  C  N N 169 
ILE CD1  C  N N 170 
ILE OXT  O  N N 171 
ILE H    H  N N 172 
ILE H2   H  N N 173 
ILE HA   H  N N 174 
ILE HB   H  N N 175 
ILE HG12 H  N N 176 
ILE HG13 H  N N 177 
ILE HG21 H  N N 178 
ILE HG22 H  N N 179 
ILE HG23 H  N N 180 
ILE HD11 H  N N 181 
ILE HD12 H  N N 182 
ILE HD13 H  N N 183 
ILE HXT  H  N N 184 
LEU N    N  N N 185 
LEU CA   C  N S 186 
LEU C    C  N N 187 
LEU O    O  N N 188 
LEU CB   C  N N 189 
LEU CG   C  N N 190 
LEU CD1  C  N N 191 
LEU CD2  C  N N 192 
LEU OXT  O  N N 193 
LEU H    H  N N 194 
LEU H2   H  N N 195 
LEU HA   H  N N 196 
LEU HB2  H  N N 197 
LEU HB3  H  N N 198 
LEU HG   H  N N 199 
LEU HD11 H  N N 200 
LEU HD12 H  N N 201 
LEU HD13 H  N N 202 
LEU HD21 H  N N 203 
LEU HD22 H  N N 204 
LEU HD23 H  N N 205 
LEU HXT  H  N N 206 
LYS N    N  N N 207 
LYS CA   C  N S 208 
LYS C    C  N N 209 
LYS O    O  N N 210 
LYS CB   C  N N 211 
LYS CG   C  N N 212 
LYS CD   C  N N 213 
LYS CE   C  N N 214 
LYS NZ   N  N N 215 
LYS OXT  O  N N 216 
LYS H    H  N N 217 
LYS H2   H  N N 218 
LYS HA   H  N N 219 
LYS HB2  H  N N 220 
LYS HB3  H  N N 221 
LYS HG2  H  N N 222 
LYS HG3  H  N N 223 
LYS HD2  H  N N 224 
LYS HD3  H  N N 225 
LYS HE2  H  N N 226 
LYS HE3  H  N N 227 
LYS HZ1  H  N N 228 
LYS HZ2  H  N N 229 
LYS HZ3  H  N N 230 
LYS HXT  H  N N 231 
MET N    N  N N 232 
MET CA   C  N S 233 
MET C    C  N N 234 
MET O    O  N N 235 
MET CB   C  N N 236 
MET CG   C  N N 237 
MET SD   S  N N 238 
MET CE   C  N N 239 
MET OXT  O  N N 240 
MET H    H  N N 241 
MET H2   H  N N 242 
MET HA   H  N N 243 
MET HB2  H  N N 244 
MET HB3  H  N N 245 
MET HG2  H  N N 246 
MET HG3  H  N N 247 
MET HE1  H  N N 248 
MET HE2  H  N N 249 
MET HE3  H  N N 250 
MET HXT  H  N N 251 
PHE N    N  N N 252 
PHE CA   C  N S 253 
PHE C    C  N N 254 
PHE O    O  N N 255 
PHE CB   C  N N 256 
PHE CG   C  Y N 257 
PHE CD1  C  Y N 258 
PHE CD2  C  Y N 259 
PHE CE1  C  Y N 260 
PHE CE2  C  Y N 261 
PHE CZ   C  Y N 262 
PHE OXT  O  N N 263 
PHE H    H  N N 264 
PHE H2   H  N N 265 
PHE HA   H  N N 266 
PHE HB2  H  N N 267 
PHE HB3  H  N N 268 
PHE HD1  H  N N 269 
PHE HD2  H  N N 270 
PHE HE1  H  N N 271 
PHE HE2  H  N N 272 
PHE HZ   H  N N 273 
PHE HXT  H  N N 274 
PRO N    N  N N 275 
PRO CA   C  N S 276 
PRO C    C  N N 277 
PRO O    O  N N 278 
PRO CB   C  N N 279 
PRO CG   C  N N 280 
PRO CD   C  N N 281 
PRO OXT  O  N N 282 
PRO H    H  N N 283 
PRO HA   H  N N 284 
PRO HB2  H  N N 285 
PRO HB3  H  N N 286 
PRO HG2  H  N N 287 
PRO HG3  H  N N 288 
PRO HD2  H  N N 289 
PRO HD3  H  N N 290 
PRO HXT  H  N N 291 
SER N    N  N N 292 
SER CA   C  N S 293 
SER C    C  N N 294 
SER O    O  N N 295 
SER CB   C  N N 296 
SER OG   O  N N 297 
SER OXT  O  N N 298 
SER H    H  N N 299 
SER H2   H  N N 300 
SER HA   H  N N 301 
SER HB2  H  N N 302 
SER HB3  H  N N 303 
SER HG   H  N N 304 
SER HXT  H  N N 305 
THR N    N  N N 306 
THR CA   C  N S 307 
THR C    C  N N 308 
THR O    O  N N 309 
THR CB   C  N R 310 
THR OG1  O  N N 311 
THR CG2  C  N N 312 
THR OXT  O  N N 313 
THR H    H  N N 314 
THR H2   H  N N 315 
THR HA   H  N N 316 
THR HB   H  N N 317 
THR HG1  H  N N 318 
THR HG21 H  N N 319 
THR HG22 H  N N 320 
THR HG23 H  N N 321 
THR HXT  H  N N 322 
TRP N    N  N N 323 
TRP CA   C  N S 324 
TRP C    C  N N 325 
TRP O    O  N N 326 
TRP CB   C  N N 327 
TRP CG   C  Y N 328 
TRP CD1  C  Y N 329 
TRP CD2  C  Y N 330 
TRP NE1  N  Y N 331 
TRP CE2  C  Y N 332 
TRP CE3  C  Y N 333 
TRP CZ2  C  Y N 334 
TRP CZ3  C  Y N 335 
TRP CH2  C  Y N 336 
TRP OXT  O  N N 337 
TRP H    H  N N 338 
TRP H2   H  N N 339 
TRP HA   H  N N 340 
TRP HB2  H  N N 341 
TRP HB3  H  N N 342 
TRP HD1  H  N N 343 
TRP HE1  H  N N 344 
TRP HE3  H  N N 345 
TRP HZ2  H  N N 346 
TRP HZ3  H  N N 347 
TRP HH2  H  N N 348 
TRP HXT  H  N N 349 
TYR N    N  N N 350 
TYR CA   C  N S 351 
TYR C    C  N N 352 
TYR O    O  N N 353 
TYR CB   C  N N 354 
TYR CG   C  Y N 355 
TYR CD1  C  Y N 356 
TYR CD2  C  Y N 357 
TYR CE1  C  Y N 358 
TYR CE2  C  Y N 359 
TYR CZ   C  Y N 360 
TYR OH   O  N N 361 
TYR OXT  O  N N 362 
TYR H    H  N N 363 
TYR H2   H  N N 364 
TYR HA   H  N N 365 
TYR HB2  H  N N 366 
TYR HB3  H  N N 367 
TYR HD1  H  N N 368 
TYR HD2  H  N N 369 
TYR HE1  H  N N 370 
TYR HE2  H  N N 371 
TYR HH   H  N N 372 
TYR HXT  H  N N 373 
VAL N    N  N N 374 
VAL CA   C  N S 375 
VAL C    C  N N 376 
VAL O    O  N N 377 
VAL CB   C  N N 378 
VAL CG1  C  N N 379 
VAL CG2  C  N N 380 
VAL OXT  O  N N 381 
VAL H    H  N N 382 
VAL H2   H  N N 383 
VAL HA   H  N N 384 
VAL HB   H  N N 385 
VAL HG11 H  N N 386 
VAL HG12 H  N N 387 
VAL HG13 H  N N 388 
VAL HG21 H  N N 389 
VAL HG22 H  N N 390 
VAL HG23 H  N N 391 
VAL HXT  H  N N 392 
# 
loop_
_chem_comp_bond.comp_id 
_chem_comp_bond.atom_id_1 
_chem_comp_bond.atom_id_2 
_chem_comp_bond.value_order 
_chem_comp_bond.pdbx_aromatic_flag 
_chem_comp_bond.pdbx_stereo_config 
_chem_comp_bond.pdbx_ordinal 
ALA N   CA   sing N N 1   
ALA N   H    sing N N 2   
ALA N   H2   sing N N 3   
ALA CA  C    sing N N 4   
ALA CA  CB   sing N N 5   
ALA CA  HA   sing N N 6   
ALA C   O    doub N N 7   
ALA C   OXT  sing N N 8   
ALA CB  HB1  sing N N 9   
ALA CB  HB2  sing N N 10  
ALA CB  HB3  sing N N 11  
ALA OXT HXT  sing N N 12  
ARG N   CA   sing N N 13  
ARG N   H    sing N N 14  
ARG N   H2   sing N N 15  
ARG CA  C    sing N N 16  
ARG CA  CB   sing N N 17  
ARG CA  HA   sing N N 18  
ARG C   O    doub N N 19  
ARG C   OXT  sing N N 20  
ARG CB  CG   sing N N 21  
ARG CB  HB2  sing N N 22  
ARG CB  HB3  sing N N 23  
ARG CG  CD   sing N N 24  
ARG CG  HG2  sing N N 25  
ARG CG  HG3  sing N N 26  
ARG CD  NE   sing N N 27  
ARG CD  HD2  sing N N 28  
ARG CD  HD3  sing N N 29  
ARG NE  CZ   sing N N 30  
ARG NE  HE   sing N N 31  
ARG CZ  NH1  sing N N 32  
ARG CZ  NH2  doub N N 33  
ARG NH1 HH11 sing N N 34  
ARG NH1 HH12 sing N N 35  
ARG NH2 HH21 sing N N 36  
ARG NH2 HH22 sing N N 37  
ARG OXT HXT  sing N N 38  
ASN N   CA   sing N N 39  
ASN N   H    sing N N 40  
ASN N   H2   sing N N 41  
ASN CA  C    sing N N 42  
ASN CA  CB   sing N N 43  
ASN CA  HA   sing N N 44  
ASN C   O    doub N N 45  
ASN C   OXT  sing N N 46  
ASN CB  CG   sing N N 47  
ASN CB  HB2  sing N N 48  
ASN CB  HB3  sing N N 49  
ASN CG  OD1  doub N N 50  
ASN CG  ND2  sing N N 51  
ASN ND2 HD21 sing N N 52  
ASN ND2 HD22 sing N N 53  
ASN OXT HXT  sing N N 54  
ASP N   CA   sing N N 55  
ASP N   H    sing N N 56  
ASP N   H2   sing N N 57  
ASP CA  C    sing N N 58  
ASP CA  CB   sing N N 59  
ASP CA  HA   sing N N 60  
ASP C   O    doub N N 61  
ASP C   OXT  sing N N 62  
ASP CB  CG   sing N N 63  
ASP CB  HB2  sing N N 64  
ASP CB  HB3  sing N N 65  
ASP CG  OD1  doub N N 66  
ASP CG  OD2  sing N N 67  
ASP OD2 HD2  sing N N 68  
ASP OXT HXT  sing N N 69  
CYS N   CA   sing N N 70  
CYS N   H    sing N N 71  
CYS N   H2   sing N N 72  
CYS CA  C    sing N N 73  
CYS CA  CB   sing N N 74  
CYS CA  HA   sing N N 75  
CYS C   O    doub N N 76  
CYS C   OXT  sing N N 77  
CYS CB  SG   sing N N 78  
CYS CB  HB2  sing N N 79  
CYS CB  HB3  sing N N 80  
CYS SG  HG   sing N N 81  
CYS OXT HXT  sing N N 82  
GLN N   CA   sing N N 83  
GLN N   H    sing N N 84  
GLN N   H2   sing N N 85  
GLN CA  C    sing N N 86  
GLN CA  CB   sing N N 87  
GLN CA  HA   sing N N 88  
GLN C   O    doub N N 89  
GLN C   OXT  sing N N 90  
GLN CB  CG   sing N N 91  
GLN CB  HB2  sing N N 92  
GLN CB  HB3  sing N N 93  
GLN CG  CD   sing N N 94  
GLN CG  HG2  sing N N 95  
GLN CG  HG3  sing N N 96  
GLN CD  OE1  doub N N 97  
GLN CD  NE2  sing N N 98  
GLN NE2 HE21 sing N N 99  
GLN NE2 HE22 sing N N 100 
GLN OXT HXT  sing N N 101 
GLU N   CA   sing N N 102 
GLU N   H    sing N N 103 
GLU N   H2   sing N N 104 
GLU CA  C    sing N N 105 
GLU CA  CB   sing N N 106 
GLU CA  HA   sing N N 107 
GLU C   O    doub N N 108 
GLU C   OXT  sing N N 109 
GLU CB  CG   sing N N 110 
GLU CB  HB2  sing N N 111 
GLU CB  HB3  sing N N 112 
GLU CG  CD   sing N N 113 
GLU CG  HG2  sing N N 114 
GLU CG  HG3  sing N N 115 
GLU CD  OE1  doub N N 116 
GLU CD  OE2  sing N N 117 
GLU OE2 HE2  sing N N 118 
GLU OXT HXT  sing N N 119 
GLY N   CA   sing N N 120 
GLY N   H    sing N N 121 
GLY N   H2   sing N N 122 
GLY CA  C    sing N N 123 
GLY CA  HA2  sing N N 124 
GLY CA  HA3  sing N N 125 
GLY C   O    doub N N 126 
GLY C   OXT  sing N N 127 
GLY OXT HXT  sing N N 128 
HIS N   CA   sing N N 129 
HIS N   H    sing N N 130 
HIS N   H2   sing N N 131 
HIS CA  C    sing N N 132 
HIS CA  CB   sing N N 133 
HIS CA  HA   sing N N 134 
HIS C   O    doub N N 135 
HIS C   OXT  sing N N 136 
HIS CB  CG   sing N N 137 
HIS CB  HB2  sing N N 138 
HIS CB  HB3  sing N N 139 
HIS CG  ND1  sing Y N 140 
HIS CG  CD2  doub Y N 141 
HIS ND1 CE1  doub Y N 142 
HIS ND1 HD1  sing N N 143 
HIS CD2 NE2  sing Y N 144 
HIS CD2 HD2  sing N N 145 
HIS CE1 NE2  sing Y N 146 
HIS CE1 HE1  sing N N 147 
HIS NE2 HE2  sing N N 148 
HIS OXT HXT  sing N N 149 
HOH O   H1   sing N N 150 
HOH O   H2   sing N N 151 
ILE N   CA   sing N N 152 
ILE N   H    sing N N 153 
ILE N   H2   sing N N 154 
ILE CA  C    sing N N 155 
ILE CA  CB   sing N N 156 
ILE CA  HA   sing N N 157 
ILE C   O    doub N N 158 
ILE C   OXT  sing N N 159 
ILE CB  CG1  sing N N 160 
ILE CB  CG2  sing N N 161 
ILE CB  HB   sing N N 162 
ILE CG1 CD1  sing N N 163 
ILE CG1 HG12 sing N N 164 
ILE CG1 HG13 sing N N 165 
ILE CG2 HG21 sing N N 166 
ILE CG2 HG22 sing N N 167 
ILE CG2 HG23 sing N N 168 
ILE CD1 HD11 sing N N 169 
ILE CD1 HD12 sing N N 170 
ILE CD1 HD13 sing N N 171 
ILE OXT HXT  sing N N 172 
LEU N   CA   sing N N 173 
LEU N   H    sing N N 174 
LEU N   H2   sing N N 175 
LEU CA  C    sing N N 176 
LEU CA  CB   sing N N 177 
LEU CA  HA   sing N N 178 
LEU C   O    doub N N 179 
LEU C   OXT  sing N N 180 
LEU CB  CG   sing N N 181 
LEU CB  HB2  sing N N 182 
LEU CB  HB3  sing N N 183 
LEU CG  CD1  sing N N 184 
LEU CG  CD2  sing N N 185 
LEU CG  HG   sing N N 186 
LEU CD1 HD11 sing N N 187 
LEU CD1 HD12 sing N N 188 
LEU CD1 HD13 sing N N 189 
LEU CD2 HD21 sing N N 190 
LEU CD2 HD22 sing N N 191 
LEU CD2 HD23 sing N N 192 
LEU OXT HXT  sing N N 193 
LYS N   CA   sing N N 194 
LYS N   H    sing N N 195 
LYS N   H2   sing N N 196 
LYS CA  C    sing N N 197 
LYS CA  CB   sing N N 198 
LYS CA  HA   sing N N 199 
LYS C   O    doub N N 200 
LYS C   OXT  sing N N 201 
LYS CB  CG   sing N N 202 
LYS CB  HB2  sing N N 203 
LYS CB  HB3  sing N N 204 
LYS CG  CD   sing N N 205 
LYS CG  HG2  sing N N 206 
LYS CG  HG3  sing N N 207 
LYS CD  CE   sing N N 208 
LYS CD  HD2  sing N N 209 
LYS CD  HD3  sing N N 210 
LYS CE  NZ   sing N N 211 
LYS CE  HE2  sing N N 212 
LYS CE  HE3  sing N N 213 
LYS NZ  HZ1  sing N N 214 
LYS NZ  HZ2  sing N N 215 
LYS NZ  HZ3  sing N N 216 
LYS OXT HXT  sing N N 217 
MET N   CA   sing N N 218 
MET N   H    sing N N 219 
MET N   H2   sing N N 220 
MET CA  C    sing N N 221 
MET CA  CB   sing N N 222 
MET CA  HA   sing N N 223 
MET C   O    doub N N 224 
MET C   OXT  sing N N 225 
MET CB  CG   sing N N 226 
MET CB  HB2  sing N N 227 
MET CB  HB3  sing N N 228 
MET CG  SD   sing N N 229 
MET CG  HG2  sing N N 230 
MET CG  HG3  sing N N 231 
MET SD  CE   sing N N 232 
MET CE  HE1  sing N N 233 
MET CE  HE2  sing N N 234 
MET CE  HE3  sing N N 235 
MET OXT HXT  sing N N 236 
PHE N   CA   sing N N 237 
PHE N   H    sing N N 238 
PHE N   H2   sing N N 239 
PHE CA  C    sing N N 240 
PHE CA  CB   sing N N 241 
PHE CA  HA   sing N N 242 
PHE C   O    doub N N 243 
PHE C   OXT  sing N N 244 
PHE CB  CG   sing N N 245 
PHE CB  HB2  sing N N 246 
PHE CB  HB3  sing N N 247 
PHE CG  CD1  doub Y N 248 
PHE CG  CD2  sing Y N 249 
PHE CD1 CE1  sing Y N 250 
PHE CD1 HD1  sing N N 251 
PHE CD2 CE2  doub Y N 252 
PHE CD2 HD2  sing N N 253 
PHE CE1 CZ   doub Y N 254 
PHE CE1 HE1  sing N N 255 
PHE CE2 CZ   sing Y N 256 
PHE CE2 HE2  sing N N 257 
PHE CZ  HZ   sing N N 258 
PHE OXT HXT  sing N N 259 
PRO N   CA   sing N N 260 
PRO N   CD   sing N N 261 
PRO N   H    sing N N 262 
PRO CA  C    sing N N 263 
PRO CA  CB   sing N N 264 
PRO CA  HA   sing N N 265 
PRO C   O    doub N N 266 
PRO C   OXT  sing N N 267 
PRO CB  CG   sing N N 268 
PRO CB  HB2  sing N N 269 
PRO CB  HB3  sing N N 270 
PRO CG  CD   sing N N 271 
PRO CG  HG2  sing N N 272 
PRO CG  HG3  sing N N 273 
PRO CD  HD2  sing N N 274 
PRO CD  HD3  sing N N 275 
PRO OXT HXT  sing N N 276 
SER N   CA   sing N N 277 
SER N   H    sing N N 278 
SER N   H2   sing N N 279 
SER CA  C    sing N N 280 
SER CA  CB   sing N N 281 
SER CA  HA   sing N N 282 
SER C   O    doub N N 283 
SER C   OXT  sing N N 284 
SER CB  OG   sing N N 285 
SER CB  HB2  sing N N 286 
SER CB  HB3  sing N N 287 
SER OG  HG   sing N N 288 
SER OXT HXT  sing N N 289 
THR N   CA   sing N N 290 
THR N   H    sing N N 291 
THR N   H2   sing N N 292 
THR CA  C    sing N N 293 
THR CA  CB   sing N N 294 
THR CA  HA   sing N N 295 
THR C   O    doub N N 296 
THR C   OXT  sing N N 297 
THR CB  OG1  sing N N 298 
THR CB  CG2  sing N N 299 
THR CB  HB   sing N N 300 
THR OG1 HG1  sing N N 301 
THR CG2 HG21 sing N N 302 
THR CG2 HG22 sing N N 303 
THR CG2 HG23 sing N N 304 
THR OXT HXT  sing N N 305 
TRP N   CA   sing N N 306 
TRP N   H    sing N N 307 
TRP N   H2   sing N N 308 
TRP CA  C    sing N N 309 
TRP CA  CB   sing N N 310 
TRP CA  HA   sing N N 311 
TRP C   O    doub N N 312 
TRP C   OXT  sing N N 313 
TRP CB  CG   sing N N 314 
TRP CB  HB2  sing N N 315 
TRP CB  HB3  sing N N 316 
TRP CG  CD1  doub Y N 317 
TRP CG  CD2  sing Y N 318 
TRP CD1 NE1  sing Y N 319 
TRP CD1 HD1  sing N N 320 
TRP CD2 CE2  doub Y N 321 
TRP CD2 CE3  sing Y N 322 
TRP NE1 CE2  sing Y N 323 
TRP NE1 HE1  sing N N 324 
TRP CE2 CZ2  sing Y N 325 
TRP CE3 CZ3  doub Y N 326 
TRP CE3 HE3  sing N N 327 
TRP CZ2 CH2  doub Y N 328 
TRP CZ2 HZ2  sing N N 329 
TRP CZ3 CH2  sing Y N 330 
TRP CZ3 HZ3  sing N N 331 
TRP CH2 HH2  sing N N 332 
TRP OXT HXT  sing N N 333 
TYR N   CA   sing N N 334 
TYR N   H    sing N N 335 
TYR N   H2   sing N N 336 
TYR CA  C    sing N N 337 
TYR CA  CB   sing N N 338 
TYR CA  HA   sing N N 339 
TYR C   O    doub N N 340 
TYR C   OXT  sing N N 341 
TYR CB  CG   sing N N 342 
TYR CB  HB2  sing N N 343 
TYR CB  HB3  sing N N 344 
TYR CG  CD1  doub Y N 345 
TYR CG  CD2  sing Y N 346 
TYR CD1 CE1  sing Y N 347 
TYR CD1 HD1  sing N N 348 
TYR CD2 CE2  doub Y N 349 
TYR CD2 HD2  sing N N 350 
TYR CE1 CZ   doub Y N 351 
TYR CE1 HE1  sing N N 352 
TYR CE2 CZ   sing Y N 353 
TYR CE2 HE2  sing N N 354 
TYR CZ  OH   sing N N 355 
TYR OH  HH   sing N N 356 
TYR OXT HXT  sing N N 357 
VAL N   CA   sing N N 358 
VAL N   H    sing N N 359 
VAL N   H2   sing N N 360 
VAL CA  C    sing N N 361 
VAL CA  CB   sing N N 362 
VAL CA  HA   sing N N 363 
VAL C   O    doub N N 364 
VAL C   OXT  sing N N 365 
VAL CB  CG1  sing N N 366 
VAL CB  CG2  sing N N 367 
VAL CB  HB   sing N N 368 
VAL CG1 HG11 sing N N 369 
VAL CG1 HG12 sing N N 370 
VAL CG1 HG13 sing N N 371 
VAL CG2 HG21 sing N N 372 
VAL CG2 HG22 sing N N 373 
VAL CG2 HG23 sing N N 374 
VAL OXT HXT  sing N N 375 
# 
_pdbx_initial_refinement_model.id               1 
_pdbx_initial_refinement_model.entity_id_list   ? 
_pdbx_initial_refinement_model.type             'experimental model' 
_pdbx_initial_refinement_model.source_name      PDB 
_pdbx_initial_refinement_model.accession_code   1FXF 
_pdbx_initial_refinement_model.details          ? 
# 
_atom_sites.entry_id                    3FVJ 
_atom_sites.fract_transf_matrix[1][1]   0.01524850 
_atom_sites.fract_transf_matrix[1][2]   -0.00684962 
_atom_sites.fract_transf_matrix[1][3]   -0.00031146 
_atom_sites.fract_transf_matrix[2][1]   0.00394021 
_atom_sites.fract_transf_matrix[2][2]   -0.01212579 
_atom_sites.fract_transf_matrix[2][3]   0.01081503 
_atom_sites.fract_transf_matrix[3][1]   -0.00467183 
_atom_sites.fract_transf_matrix[3][2]   -0.00996947 
_atom_sites.fract_transf_matrix[3][3]   -0.00947568 
_atom_sites.fract_transf_vector[1]      0.634511 
_atom_sites.fract_transf_vector[2]      0.234931 
_atom_sites.fract_transf_vector[3]      0.200987 
# 
loop_
_atom_type.symbol 
C  
CA 
CL 
N  
O  
S  
# 
loop_
_atom_site.group_PDB 
_atom_site.id 
_atom_site.type_symbol 
_atom_site.label_atom_id 
_atom_site.label_alt_id 
_atom_site.label_comp_id 
_atom_site.label_asym_id 
_atom_site.label_entity_id 
_atom_site.label_seq_id 
_atom_site.pdbx_PDB_ins_code 
_atom_site.Cartn_x 
_atom_site.Cartn_y 
_atom_site.Cartn_z 
_atom_site.occupancy 
_atom_site.B_iso_or_equiv 
_atom_site.pdbx_formal_charge 
_atom_site.auth_seq_id 
_atom_site.auth_comp_id 
_atom_site.auth_asym_id 
_atom_site.auth_atom_id 
_atom_site.pdbx_PDB_model_num 
ATOM   1    N  N   . ALA A 1 1   ? -4.268  0.398   -9.545  1.00 29.75 ? 1   ALA A N   1 
ATOM   2    C  CA  . ALA A 1 1   ? -4.682  -1.026  -9.417  1.00 30.43 ? 1   ALA A CA  1 
ATOM   3    C  C   . ALA A 1 1   ? -3.624  -1.795  -8.627  1.00 29.98 ? 1   ALA A C   1 
ATOM   4    O  O   . ALA A 1 1   ? -2.472  -1.372  -8.552  1.00 30.27 ? 1   ALA A O   1 
ATOM   5    C  CB  . ALA A 1 1   ? -4.864  -1.640  -10.804 1.00 28.72 ? 1   ALA A CB  1 
ATOM   6    N  N   . LEU A 1 2   ? -4.017  -2.918  -8.033  1.00 31.09 ? 2   LEU A N   1 
ATOM   7    C  CA  . LEU A 1 2   ? -3.087  -3.717  -7.247  1.00 32.73 ? 2   LEU A CA  1 
ATOM   8    C  C   . LEU A 1 2   ? -1.770  -4.011  -7.970  1.00 33.95 ? 2   LEU A C   1 
ATOM   9    O  O   . LEU A 1 2   ? -0.700  -3.911  -7.367  1.00 34.35 ? 2   LEU A O   1 
ATOM   10   C  CB  . LEU A 1 2   ? -3.735  -5.039  -6.822  1.00 33.06 ? 2   LEU A CB  1 
ATOM   11   C  CG  . LEU A 1 2   ? -2.847  -5.989  -6.004  1.00 35.05 ? 2   LEU A CG  1 
ATOM   12   C  CD1 . LEU A 1 2   ? -2.404  -5.300  -4.706  1.00 34.25 ? 2   LEU A CD1 1 
ATOM   13   C  CD2 . LEU A 1 2   ? -3.609  -7.275  -5.683  1.00 34.19 ? 2   LEU A CD2 1 
ATOM   14   N  N   . TRP A 1 3   ? -1.830  -4.360  -9.255  1.00 34.30 ? 3   TRP A N   1 
ATOM   15   C  CA  . TRP A 1 3   ? -0.596  -4.665  -9.971  1.00 34.52 ? 3   TRP A CA  1 
ATOM   16   C  C   . TRP A 1 3   ? 0.315   -3.451  -10.085 1.00 34.75 ? 3   TRP A C   1 
ATOM   17   O  O   . TRP A 1 3   ? 1.536   -3.586  -10.099 1.00 36.81 ? 3   TRP A O   1 
ATOM   18   C  CB  . TRP A 1 3   ? -0.874  -5.251  -11.366 1.00 33.40 ? 3   TRP A CB  1 
ATOM   19   C  CG  . TRP A 1 3   ? -1.367  -4.277  -12.399 1.00 33.19 ? 3   TRP A CG  1 
ATOM   20   C  CD1 . TRP A 1 3   ? -2.663  -3.988  -12.699 1.00 33.11 ? 3   TRP A CD1 1 
ATOM   21   C  CD2 . TRP A 1 3   ? -0.562  -3.486  -13.282 1.00 32.93 ? 3   TRP A CD2 1 
ATOM   22   N  NE1 . TRP A 1 3   ? -2.721  -3.065  -13.720 1.00 35.40 ? 3   TRP A NE1 1 
ATOM   23   C  CE2 . TRP A 1 3   ? -1.444  -2.740  -14.097 1.00 34.65 ? 3   TRP A CE2 1 
ATOM   24   C  CE3 . TRP A 1 3   ? 0.820   -3.336  -13.466 1.00 34.19 ? 3   TRP A CE3 1 
ATOM   25   C  CZ2 . TRP A 1 3   ? -0.990  -1.852  -15.086 1.00 35.33 ? 3   TRP A CZ2 1 
ATOM   26   C  CZ3 . TRP A 1 3   ? 1.276   -2.447  -14.450 1.00 36.02 ? 3   TRP A CZ3 1 
ATOM   27   C  CH2 . TRP A 1 3   ? 0.368   -1.719  -15.246 1.00 35.90 ? 3   TRP A CH2 1 
ATOM   28   N  N   . GLN A 1 4   ? -0.269  -2.262  -10.143 1.00 35.06 ? 4   GLN A N   1 
ATOM   29   C  CA  . GLN A 1 4   ? 0.528   -1.049  -10.251 1.00 34.37 ? 4   GLN A CA  1 
ATOM   30   C  C   . GLN A 1 4   ? 1.188   -0.719  -8.916  1.00 34.80 ? 4   GLN A C   1 
ATOM   31   O  O   . GLN A 1 4   ? 2.278   -0.149  -8.871  1.00 33.21 ? 4   GLN A O   1 
ATOM   32   C  CB  . GLN A 1 4   ? -0.353  0.115   -10.703 1.00 33.26 ? 4   GLN A CB  1 
ATOM   33   C  CG  . GLN A 1 4   ? -1.087  -0.158  -12.006 1.00 29.91 ? 4   GLN A CG  1 
ATOM   34   C  CD  . GLN A 1 4   ? -1.917  1.024   -12.456 1.00 30.71 ? 4   GLN A CD  1 
ATOM   35   O  OE1 . GLN A 1 4   ? -2.931  1.363   -11.836 1.00 31.88 ? 4   GLN A OE1 1 
ATOM   36   N  NE2 . GLN A 1 4   ? -1.485  1.670   -13.535 1.00 27.95 ? 4   GLN A NE2 1 
ATOM   37   N  N   . PHE A 1 5   ? 0.518   -1.081  -7.828  1.00 35.91 ? 5   PHE A N   1 
ATOM   38   C  CA  . PHE A 1 5   ? 1.045   -0.816  -6.498  1.00 37.25 ? 5   PHE A CA  1 
ATOM   39   C  C   . PHE A 1 5   ? 2.291   -1.671  -6.276  1.00 38.20 ? 5   PHE A C   1 
ATOM   40   O  O   . PHE A 1 5   ? 3.275   -1.205  -5.707  1.00 37.86 ? 5   PHE A O   1 
ATOM   41   C  CB  . PHE A 1 5   ? -0.029  -1.105  -5.436  1.00 36.10 ? 5   PHE A CB  1 
ATOM   42   C  CG  . PHE A 1 5   ? 0.448   -0.934  -4.014  1.00 36.19 ? 5   PHE A CG  1 
ATOM   43   C  CD1 . PHE A 1 5   ? 1.244   0.146   -3.655  1.00 35.54 ? 5   PHE A CD1 1 
ATOM   44   C  CD2 . PHE A 1 5   ? 0.085   -1.855  -3.032  1.00 36.75 ? 5   PHE A CD2 1 
ATOM   45   C  CE1 . PHE A 1 5   ? 1.676   0.310   -2.340  1.00 35.15 ? 5   PHE A CE1 1 
ATOM   46   C  CE2 . PHE A 1 5   ? 0.508   -1.702  -1.714  1.00 36.31 ? 5   PHE A CE2 1 
ATOM   47   C  CZ  . PHE A 1 5   ? 1.308   -0.614  -1.367  1.00 36.00 ? 5   PHE A CZ  1 
ATOM   48   N  N   . ARG A 1 6   ? 2.250   -2.920  -6.729  1.00 39.99 ? 6   ARG A N   1 
ATOM   49   C  CA  . ARG A 1 6   ? 3.407   -3.793  -6.587  1.00 42.88 ? 6   ARG A CA  1 
ATOM   50   C  C   . ARG A 1 6   ? 4.563   -3.249  -7.427  1.00 42.94 ? 6   ARG A C   1 
ATOM   51   O  O   . ARG A 1 6   ? 5.719   -3.343  -7.026  1.00 44.06 ? 6   ARG A O   1 
ATOM   52   C  CB  . ARG A 1 6   ? 3.059   -5.217  -7.007  1.00 45.27 ? 6   ARG A CB  1 
ATOM   53   C  CG  . ARG A 1 6   ? 2.089   -5.889  -6.046  1.00 51.32 ? 6   ARG A CG  1 
ATOM   54   C  CD  . ARG A 1 6   ? 1.829   -7.351  -6.401  1.00 55.84 ? 6   ARG A CD  1 
ATOM   55   N  NE  . ARG A 1 6   ? 1.231   -7.495  -7.723  1.00 59.80 ? 6   ARG A NE  1 
ATOM   56   C  CZ  . ARG A 1 6   ? 0.507   -8.542  -8.103  1.00 62.08 ? 6   ARG A CZ  1 
ATOM   57   N  NH1 . ARG A 1 6   ? 0.001   -8.590  -9.329  1.00 62.58 ? 6   ARG A NH1 1 
ATOM   58   N  NH2 . ARG A 1 6   ? 0.279   -9.536  -7.252  1.00 63.54 ? 6   ARG A NH2 1 
ATOM   59   N  N   . SER A 1 7   ? 4.253   -2.665  -8.583  1.00 42.00 ? 7   SER A N   1 
ATOM   60   C  CA  . SER A 1 7   ? 5.292   -2.087  -9.425  1.00 41.36 ? 7   SER A CA  1 
ATOM   61   C  C   . SER A 1 7   ? 5.905   -0.881  -8.741  1.00 39.79 ? 7   SER A C   1 
ATOM   62   O  O   . SER A 1 7   ? 7.117   -0.684  -8.809  1.00 39.88 ? 7   SER A O   1 
ATOM   63   C  CB  . SER A 1 7   ? 4.730   -1.660  -10.772 1.00 41.29 ? 7   SER A CB  1 
ATOM   64   O  OG  . SER A 1 7   ? 4.441   -2.795  -11.555 1.00 47.58 ? 7   SER A OG  1 
ATOM   65   N  N   . MET A 1 8   ? 5.063   -0.071  -8.099  1.00 38.79 ? 8   MET A N   1 
ATOM   66   C  CA  . MET A 1 8   ? 5.528   1.111   -7.378  1.00 40.05 ? 8   MET A CA  1 
ATOM   67   C  C   . MET A 1 8   ? 6.543   0.700   -6.317  1.00 40.90 ? 8   MET A C   1 
ATOM   68   O  O   . MET A 1 8   ? 7.530   1.394   -6.081  1.00 41.71 ? 8   MET A O   1 
ATOM   69   C  CB  . MET A 1 8   ? 4.375   1.823   -6.667  1.00 39.96 ? 8   MET A CB  1 
ATOM   70   C  CG  . MET A 1 8   ? 3.486   2.690   -7.523  1.00 38.97 ? 8   MET A CG  1 
ATOM   71   S  SD  . MET A 1 8   ? 2.597   3.840   -6.442  1.00 37.51 ? 8   MET A SD  1 
ATOM   72   C  CE  . MET A 1 8   ? 2.006   5.027   -7.628  1.00 35.22 ? 8   MET A CE  1 
ATOM   73   N  N   . ILE A 1 9   ? 6.277   -0.426  -5.666  1.00 41.66 ? 9   ILE A N   1 
ATOM   74   C  CA  . ILE A 1 9   ? 7.161   -0.935  -4.632  1.00 43.45 ? 9   ILE A CA  1 
ATOM   75   C  C   . ILE A 1 9   ? 8.521   -1.321  -5.216  1.00 44.71 ? 9   ILE A C   1 
ATOM   76   O  O   . ILE A 1 9   ? 9.556   -1.009  -4.624  1.00 44.40 ? 9   ILE A O   1 
ATOM   77   C  CB  . ILE A 1 9   ? 6.516   -2.139  -3.910  1.00 43.08 ? 9   ILE A CB  1 
ATOM   78   C  CG1 . ILE A 1 9   ? 5.257   -1.671  -3.173  1.00 42.29 ? 9   ILE A CG1 1 
ATOM   79   C  CG2 . ILE A 1 9   ? 7.500   -2.763  -2.932  1.00 43.08 ? 9   ILE A CG2 1 
ATOM   80   C  CD1 . ILE A 1 9   ? 4.536   -2.766  -2.405  1.00 42.16 ? 9   ILE A CD1 1 
ATOM   81   N  N   . LYS A 1 10  ? 8.528   -1.989  -6.371  1.00 45.53 ? 10  LYS A N   1 
ATOM   82   C  CA  . LYS A 1 10  ? 9.797   -2.365  -6.998  1.00 46.96 ? 10  LYS A CA  1 
ATOM   83   C  C   . LYS A 1 10  ? 10.556  -1.103  -7.378  1.00 46.94 ? 10  LYS A C   1 
ATOM   84   O  O   . LYS A 1 10  ? 11.784  -1.062  -7.324  1.00 48.36 ? 10  LYS A O   1 
ATOM   85   C  CB  . LYS A 1 10  ? 9.563   -3.219  -8.246  1.00 47.46 ? 10  LYS A CB  1 
ATOM   86   C  CG  . LYS A 1 10  ? 9.196   -4.651  -7.928  1.00 50.80 ? 10  LYS A CG  1 
ATOM   87   C  CD  . LYS A 1 10  ? 8.837   -5.448  -9.175  1.00 52.82 ? 10  LYS A CD  1 
ATOM   88   C  CE  . LYS A 1 10  ? 8.468   -6.880  -8.797  1.00 55.22 ? 10  LYS A CE  1 
ATOM   89   N  NZ  . LYS A 1 10  ? 8.030   -7.711  -9.957  1.00 58.27 ? 10  LYS A NZ  1 
ATOM   90   N  N   . CYS A 1 11  ? 9.813   -0.068  -7.749  1.00 46.19 ? 11  CYS A N   1 
ATOM   91   C  CA  . CYS A 1 11  ? 10.411  1.204   -8.127  1.00 47.30 ? 11  CYS A CA  1 
ATOM   92   C  C   . CYS A 1 11  ? 11.173  1.840   -6.959  1.00 48.08 ? 11  CYS A C   1 
ATOM   93   O  O   . CYS A 1 11  ? 12.353  2.168   -7.084  1.00 48.97 ? 11  CYS A O   1 
ATOM   94   C  CB  . CYS A 1 11  ? 9.322   2.166   -8.617  1.00 47.39 ? 11  CYS A CB  1 
ATOM   95   S  SG  . CYS A 1 11  ? 9.907   3.853   -8.980  1.00 47.81 ? 11  CYS A SG  1 
ATOM   96   N  N   . ALA A 1 12  ? 10.495  2.008   -5.827  1.00 48.27 ? 12  ALA A N   1 
ATOM   97   C  CA  . ALA A 1 12  ? 11.111  2.619   -4.652  1.00 48.86 ? 12  ALA A CA  1 
ATOM   98   C  C   . ALA A 1 12  ? 12.131  1.712   -3.968  1.00 48.82 ? 12  ALA A C   1 
ATOM   99   O  O   . ALA A 1 12  ? 13.027  2.195   -3.276  1.00 50.04 ? 12  ALA A O   1 
ATOM   100  C  CB  . ALA A 1 12  ? 10.032  3.026   -3.652  1.00 48.14 ? 12  ALA A CB  1 
ATOM   101  N  N   . ILE A 1 13  ? 11.987  0.404   -4.161  1.00 48.74 ? 13  ILE A N   1 
ATOM   102  C  CA  . ILE A 1 13  ? 12.885  -0.579  -3.557  1.00 48.94 ? 13  ILE A CA  1 
ATOM   103  C  C   . ILE A 1 13  ? 13.259  -1.605  -4.618  1.00 49.49 ? 13  ILE A C   1 
ATOM   104  O  O   . ILE A 1 13  ? 12.673  -2.682  -4.683  1.00 49.89 ? 13  ILE A O   1 
ATOM   105  C  CB  . ILE A 1 13  ? 12.200  -1.317  -2.389  1.00 48.45 ? 13  ILE A CB  1 
ATOM   106  C  CG1 . ILE A 1 13  ? 11.614  -0.306  -1.402  1.00 47.52 ? 13  ILE A CG1 1 
ATOM   107  C  CG2 . ILE A 1 13  ? 13.201  -2.224  -1.688  1.00 48.23 ? 13  ILE A CG2 1 
ATOM   108  C  CD1 . ILE A 1 13  ? 10.747  -0.936  -0.330  1.00 47.13 ? 13  ILE A CD1 1 
ATOM   109  N  N   . PRO A 1 14  ? 14.245  -1.278  -5.462  1.00 50.47 ? 14  PRO A N   1 
ATOM   110  C  CA  . PRO A 1 14  ? 14.741  -2.126  -6.551  1.00 51.75 ? 14  PRO A CA  1 
ATOM   111  C  C   . PRO A 1 14  ? 14.854  -3.634  -6.301  1.00 53.63 ? 14  PRO A C   1 
ATOM   112  O  O   . PRO A 1 14  ? 14.386  -4.438  -7.112  1.00 54.28 ? 14  PRO A O   1 
ATOM   113  C  CB  . PRO A 1 14  ? 16.081  -1.487  -6.884  1.00 52.14 ? 14  PRO A CB  1 
ATOM   114  C  CG  . PRO A 1 14  ? 15.775  -0.028  -6.695  1.00 51.75 ? 14  PRO A CG  1 
ATOM   115  C  CD  . PRO A 1 14  ? 15.023  -0.029  -5.382  1.00 50.66 ? 14  PRO A CD  1 
ATOM   116  N  N   . GLY A 1 15  ? 15.462  -4.031  -5.191  1.00 54.35 ? 15  GLY A N   1 
ATOM   117  C  CA  . GLY A 1 15  ? 15.605  -5.456  -4.937  1.00 57.49 ? 15  GLY A CA  1 
ATOM   118  C  C   . GLY A 1 15  ? 14.372  -6.194  -4.430  1.00 58.48 ? 15  GLY A C   1 
ATOM   119  O  O   . GLY A 1 15  ? 14.327  -7.429  -4.445  1.00 58.05 ? 15  GLY A O   1 
ATOM   120  N  N   . SER A 1 16  ? 13.361  -5.440  -4.007  1.00 58.88 ? 16  SER A N   1 
ATOM   121  C  CA  . SER A 1 16  ? 12.145  -6.017  -3.440  1.00 58.11 ? 16  SER A CA  1 
ATOM   122  C  C   . SER A 1 16  ? 11.361  -7.029  -4.268  1.00 57.73 ? 16  SER A C   1 
ATOM   123  O  O   . SER A 1 16  ? 11.391  -7.030  -5.498  1.00 57.29 ? 16  SER A O   1 
ATOM   124  C  CB  . SER A 1 16  ? 11.192  -4.898  -3.001  1.00 58.10 ? 16  SER A CB  1 
ATOM   125  O  OG  . SER A 1 16  ? 10.682  -4.184  -4.115  1.00 57.73 ? 16  SER A OG  1 
ATOM   126  N  N   . HIS A 1 17  ? 10.669  -7.900  -3.546  1.00 57.60 ? 17  HIS A N   1 
ATOM   127  C  CA  . HIS A 1 17  ? 9.805   -8.926  -4.105  1.00 58.45 ? 17  HIS A CA  1 
ATOM   128  C  C   . HIS A 1 17  ? 8.489   -8.641  -3.390  1.00 58.06 ? 17  HIS A C   1 
ATOM   129  O  O   . HIS A 1 17  ? 8.090   -9.369  -2.482  1.00 58.09 ? 17  HIS A O   1 
ATOM   130  C  CB  . HIS A 1 17  ? 10.310  -10.314 -3.727  1.00 60.58 ? 17  HIS A CB  1 
ATOM   131  C  CG  . HIS A 1 17  ? 11.625  -10.665 -4.346  1.00 62.97 ? 17  HIS A CG  1 
ATOM   132  N  ND1 . HIS A 1 17  ? 11.755  -10.981 -5.681  1.00 63.94 ? 17  HIS A ND1 1 
ATOM   133  C  CD2 . HIS A 1 17  ? 12.869  -10.733 -3.818  1.00 64.17 ? 17  HIS A CD2 1 
ATOM   134  C  CE1 . HIS A 1 17  ? 13.024  -11.230 -5.949  1.00 64.40 ? 17  HIS A CE1 1 
ATOM   135  N  NE2 . HIS A 1 17  ? 13.721  -11.086 -4.837  1.00 65.74 ? 17  HIS A NE2 1 
ATOM   136  N  N   . PRO A 1 18  ? 7.802   -7.561  -3.797  1.00 57.43 ? 18  PRO A N   1 
ATOM   137  C  CA  . PRO A 1 18  ? 6.528   -7.106  -3.233  1.00 56.89 ? 18  PRO A CA  1 
ATOM   138  C  C   . PRO A 1 18  ? 5.638   -8.161  -2.580  1.00 56.58 ? 18  PRO A C   1 
ATOM   139  O  O   . PRO A 1 18  ? 5.434   -8.143  -1.365  1.00 54.87 ? 18  PRO A O   1 
ATOM   140  C  CB  . PRO A 1 18  ? 5.862   -6.427  -4.424  1.00 57.11 ? 18  PRO A CB  1 
ATOM   141  C  CG  . PRO A 1 18  ? 7.029   -5.766  -5.088  1.00 56.59 ? 18  PRO A CG  1 
ATOM   142  C  CD  . PRO A 1 18  ? 8.078   -6.867  -5.070  1.00 56.97 ? 18  PRO A CD  1 
ATOM   143  N  N   . LEU A 1 19  ? 5.111   -9.075  -3.386  1.00 57.02 ? 19  LEU A N   1 
ATOM   144  C  CA  . LEU A 1 19  ? 4.223   -10.111 -2.879  1.00 57.73 ? 19  LEU A CA  1 
ATOM   145  C  C   . LEU A 1 19  ? 4.859   -10.903 -1.737  1.00 58.10 ? 19  LEU A C   1 
ATOM   146  O  O   . LEU A 1 19  ? 4.282   -11.019 -0.656  1.00 57.20 ? 19  LEU A O   1 
ATOM   147  C  CB  . LEU A 1 19  ? 3.822   -11.050 -4.021  1.00 58.45 ? 19  LEU A CB  1 
ATOM   148  C  CG  . LEU A 1 19  ? 2.491   -11.805 -3.898  1.00 59.98 ? 19  LEU A CG  1 
ATOM   149  C  CD1 . LEU A 1 19  ? 2.544   -12.810 -2.749  1.00 60.67 ? 19  LEU A CD1 1 
ATOM   150  C  CD2 . LEU A 1 19  ? 1.362   -10.799 -3.687  1.00 60.02 ? 19  LEU A CD2 1 
ATOM   151  N  N   . MET A 1 20  ? 6.055   -11.427 -1.977  1.00 58.94 ? 20  MET A N   1 
ATOM   152  C  CA  . MET A 1 20  ? 6.773   -12.224 -0.988  1.00 60.44 ? 20  MET A CA  1 
ATOM   153  C  C   . MET A 1 20  ? 7.232   -11.466 0.265   1.00 59.71 ? 20  MET A C   1 
ATOM   154  O  O   . MET A 1 20  ? 7.149   -11.993 1.378   1.00 59.64 ? 20  MET A O   1 
ATOM   155  C  CB  . MET A 1 20  ? 7.987   -12.888 -1.653  1.00 63.67 ? 20  MET A CB  1 
ATOM   156  C  CG  . MET A 1 20  ? 8.855   -13.712 -0.705  1.00 68.80 ? 20  MET A CG  1 
ATOM   157  S  SD  . MET A 1 20  ? 10.434  -14.243 -1.452  1.00 74.30 ? 20  MET A SD  1 
ATOM   158  C  CE  . MET A 1 20  ? 11.585  -12.991 -0.796  1.00 71.68 ? 20  MET A CE  1 
ATOM   159  N  N   . ASP A 1 21  ? 7.707   -10.234 0.089   1.00 58.10 ? 21  ASP A N   1 
ATOM   160  C  CA  . ASP A 1 21  ? 8.204   -9.445  1.218   1.00 57.02 ? 21  ASP A CA  1 
ATOM   161  C  C   . ASP A 1 21  ? 7.173   -8.681  2.036   1.00 55.84 ? 21  ASP A C   1 
ATOM   162  O  O   . ASP A 1 21  ? 7.216   -8.698  3.265   1.00 55.37 ? 21  ASP A O   1 
ATOM   163  C  CB  . ASP A 1 21  ? 9.251   -8.422  0.755   1.00 57.22 ? 21  ASP A CB  1 
ATOM   164  C  CG  . ASP A 1 21  ? 10.459  -9.060  0.096   1.00 58.04 ? 21  ASP A CG  1 
ATOM   165  O  OD1 . ASP A 1 21  ? 10.871  -10.167 0.511   1.00 57.69 ? 21  ASP A OD1 1 
ATOM   166  O  OD2 . ASP A 1 21  ? 11.009  -8.431  -0.833  1.00 57.94 ? 21  ASP A OD2 1 
ATOM   167  N  N   . PHE A 1 22  ? 6.252   -8.007  1.357   1.00 54.98 ? 22  PHE A N   1 
ATOM   168  C  CA  . PHE A 1 22  ? 5.270   -7.178  2.041   1.00 54.04 ? 22  PHE A CA  1 
ATOM   169  C  C   . PHE A 1 22  ? 3.857   -7.706  2.233   1.00 54.29 ? 22  PHE A C   1 
ATOM   170  O  O   . PHE A 1 22  ? 2.983   -6.974  2.694   1.00 55.08 ? 22  PHE A O   1 
ATOM   171  C  CB  . PHE A 1 22  ? 5.229   -5.819  1.355   1.00 52.82 ? 22  PHE A CB  1 
ATOM   172  C  CG  . PHE A 1 22  ? 6.564   -5.144  1.307   1.00 53.35 ? 22  PHE A CG  1 
ATOM   173  C  CD1 . PHE A 1 22  ? 7.127   -4.614  2.461   1.00 52.94 ? 22  PHE A CD1 1 
ATOM   174  C  CD2 . PHE A 1 22  ? 7.283   -5.081  0.120   1.00 53.27 ? 22  PHE A CD2 1 
ATOM   175  C  CE1 . PHE A 1 22  ? 8.390   -4.032  2.436   1.00 54.36 ? 22  PHE A CE1 1 
ATOM   176  C  CE2 . PHE A 1 22  ? 8.547   -4.502  0.082   1.00 53.55 ? 22  PHE A CE2 1 
ATOM   177  C  CZ  . PHE A 1 22  ? 9.103   -3.976  1.240   1.00 53.63 ? 22  PHE A CZ  1 
ATOM   178  N  N   . ASN A 1 23  ? 3.619   -8.961  1.885   1.00 54.31 ? 23  ASN A N   1 
ATOM   179  C  CA  . ASN A 1 23  ? 2.300   -9.532  2.076   1.00 54.84 ? 23  ASN A CA  1 
ATOM   180  C  C   . ASN A 1 23  ? 2.408   -10.480 3.252   1.00 54.81 ? 23  ASN A C   1 
ATOM   181  O  O   . ASN A 1 23  ? 3.382   -11.220 3.377   1.00 55.12 ? 23  ASN A O   1 
ATOM   182  C  CB  . ASN A 1 23  ? 1.836   -10.275 0.826   1.00 55.77 ? 23  ASN A CB  1 
ATOM   183  C  CG  . ASN A 1 23  ? 0.429   -10.826 0.967   1.00 57.94 ? 23  ASN A CG  1 
ATOM   184  O  OD1 . ASN A 1 23  ? 0.229   -11.960 1.402   1.00 59.36 ? 23  ASN A OD1 1 
ATOM   185  N  ND2 . ASN A 1 23  ? -0.558  -10.012 0.613   1.00 59.26 ? 23  ASN A ND2 1 
ATOM   186  N  N   . ASN A 1 24  ? 1.410   -10.452 4.123   1.00 55.02 ? 24  ASN A N   1 
ATOM   187  C  CA  . ASN A 1 24  ? 1.428   -11.301 5.301   1.00 54.88 ? 24  ASN A CA  1 
ATOM   188  C  C   . ASN A 1 24  ? 2.617   -10.921 6.182   1.00 52.77 ? 24  ASN A C   1 
ATOM   189  O  O   . ASN A 1 24  ? 3.505   -11.732 6.469   1.00 51.76 ? 24  ASN A O   1 
ATOM   190  C  CB  . ASN A 1 24  ? 1.520   -12.772 4.900   1.00 58.68 ? 24  ASN A CB  1 
ATOM   191  C  CG  . ASN A 1 24  ? 1.613   -13.687 6.099   1.00 61.97 ? 24  ASN A CG  1 
ATOM   192  O  OD1 . ASN A 1 24  ? 0.798   -13.603 7.022   1.00 64.07 ? 24  ASN A OD1 1 
ATOM   193  N  ND2 . ASN A 1 24  ? 2.611   -14.565 6.098   1.00 64.55 ? 24  ASN A ND2 1 
ATOM   194  N  N   . TYR A 1 25  ? 2.635   -9.660  6.590   1.00 49.68 ? 25  TYR A N   1 
ATOM   195  C  CA  . TYR A 1 25  ? 3.686   -9.154  7.447   1.00 46.87 ? 25  TYR A CA  1 
ATOM   196  C  C   . TYR A 1 25  ? 3.020   -8.350  8.549   1.00 45.62 ? 25  TYR A C   1 
ATOM   197  O  O   . TYR A 1 25  ? 2.152   -7.521  8.291   1.00 45.28 ? 25  TYR A O   1 
ATOM   198  C  CB  . TYR A 1 25  ? 4.650   -8.279  6.647   1.00 45.83 ? 25  TYR A CB  1 
ATOM   199  C  CG  . TYR A 1 25  ? 5.756   -7.655  7.471   1.00 46.14 ? 25  TYR A CG  1 
ATOM   200  C  CD1 . TYR A 1 25  ? 5.493   -6.589  8.333   1.00 45.49 ? 25  TYR A CD1 1 
ATOM   201  C  CD2 . TYR A 1 25  ? 7.070   -8.121  7.381   1.00 45.57 ? 25  TYR A CD2 1 
ATOM   202  C  CE1 . TYR A 1 25  ? 6.505   -5.996  9.084   1.00 45.45 ? 25  TYR A CE1 1 
ATOM   203  C  CE2 . TYR A 1 25  ? 8.096   -7.535  8.131   1.00 46.80 ? 25  TYR A CE2 1 
ATOM   204  C  CZ  . TYR A 1 25  ? 7.802   -6.470  8.980   1.00 47.57 ? 25  TYR A CZ  1 
ATOM   205  O  OH  . TYR A 1 25  ? 8.801   -5.874  9.720   1.00 49.49 ? 25  TYR A OH  1 
ATOM   206  N  N   . GLY A 1 26  ? 3.422   -8.617  9.784   1.00 44.47 ? 26  GLY A N   1 
ATOM   207  C  CA  . GLY A 1 26  ? 2.849   -7.908  10.904  1.00 42.22 ? 26  GLY A CA  1 
ATOM   208  C  C   . GLY A 1 26  ? 1.354   -8.109  10.996  1.00 41.93 ? 26  GLY A C   1 
ATOM   209  O  O   . GLY A 1 26  ? 0.833   -9.180  10.686  1.00 42.36 ? 26  GLY A O   1 
ATOM   210  N  N   . CYS A 1 27  ? 0.658   -7.058  11.403  1.00 40.98 ? 27  CYS A N   1 
ATOM   211  C  CA  . CYS A 1 27  ? -0.782  -7.112  11.568  1.00 39.44 ? 27  CYS A CA  1 
ATOM   212  C  C   . CYS A 1 27  ? -1.572  -6.481  10.417  1.00 39.07 ? 27  CYS A C   1 
ATOM   213  O  O   . CYS A 1 27  ? -2.746  -6.796  10.218  1.00 37.18 ? 27  CYS A O   1 
ATOM   214  C  CB  . CYS A 1 27  ? -1.157  -6.415  12.881  1.00 39.83 ? 27  CYS A CB  1 
ATOM   215  S  SG  . CYS A 1 27  ? -0.431  -7.142  14.394  1.00 38.63 ? 27  CYS A SG  1 
ATOM   216  N  N   . TYR A 1 28  ? -0.936  -5.598  9.652   1.00 38.78 ? 28  TYR A N   1 
ATOM   217  C  CA  . TYR A 1 28  ? -1.649  -4.927  8.570   1.00 39.17 ? 28  TYR A CA  1 
ATOM   218  C  C   . TYR A 1 28  ? -1.134  -5.107  7.148   1.00 40.01 ? 28  TYR A C   1 
ATOM   219  O  O   . TYR A 1 28  ? -1.824  -4.749  6.203   1.00 39.48 ? 28  TYR A O   1 
ATOM   220  C  CB  . TYR A 1 28  ? -1.770  -3.437  8.901   1.00 35.96 ? 28  TYR A CB  1 
ATOM   221  C  CG  . TYR A 1 28  ? -2.793  -3.183  9.983   1.00 35.18 ? 28  TYR A CG  1 
ATOM   222  C  CD1 . TYR A 1 28  ? -4.136  -2.981  9.666   1.00 35.27 ? 28  TYR A CD1 1 
ATOM   223  C  CD2 . TYR A 1 28  ? -2.436  -3.230  11.325  1.00 33.54 ? 28  TYR A CD2 1 
ATOM   224  C  CE1 . TYR A 1 28  ? -5.103  -2.838  10.666  1.00 33.44 ? 28  TYR A CE1 1 
ATOM   225  C  CE2 . TYR A 1 28  ? -3.393  -3.091  12.331  1.00 33.92 ? 28  TYR A CE2 1 
ATOM   226  C  CZ  . TYR A 1 28  ? -4.726  -2.899  11.992  1.00 34.16 ? 28  TYR A CZ  1 
ATOM   227  O  OH  . TYR A 1 28  ? -5.677  -2.787  12.986  1.00 33.91 ? 28  TYR A OH  1 
ATOM   228  N  N   . CYS A 1 29  ? 0.068   -5.647  6.987   1.00 42.01 ? 29  CYS A N   1 
ATOM   229  C  CA  . CYS A 1 29  ? 0.608   -5.862  5.651   1.00 44.15 ? 29  CYS A CA  1 
ATOM   230  C  C   . CYS A 1 29  ? 0.002   -7.139  5.083   1.00 46.38 ? 29  CYS A C   1 
ATOM   231  O  O   . CYS A 1 29  ? 0.623   -8.200  5.106   1.00 48.37 ? 29  CYS A O   1 
ATOM   232  C  CB  . CYS A 1 29  ? 2.128   -5.983  5.699   1.00 42.23 ? 29  CYS A CB  1 
ATOM   233  S  SG  . CYS A 1 29  ? 2.967   -4.487  6.294   1.00 43.52 ? 29  CYS A SG  1 
ATOM   234  N  N   . GLY A 1 30  ? -1.222  -7.023  4.585   1.00 48.54 ? 30  GLY A N   1 
ATOM   235  C  CA  . GLY A 1 30  ? -1.930  -8.159  4.031   1.00 51.19 ? 30  GLY A CA  1 
ATOM   236  C  C   . GLY A 1 30  ? -3.389  -7.772  3.898   1.00 53.98 ? 30  GLY A C   1 
ATOM   237  O  O   . GLY A 1 30  ? -3.704  -6.585  3.843   1.00 54.67 ? 30  GLY A O   1 
ATOM   238  N  N   . LEU A 1 31  ? -4.287  -8.751  3.851   1.00 55.36 ? 31  LEU A N   1 
ATOM   239  C  CA  . LEU A 1 31  ? -5.708  -8.445  3.722   1.00 55.96 ? 31  LEU A CA  1 
ATOM   240  C  C   . LEU A 1 31  ? -6.319  -8.046  5.063   1.00 54.27 ? 31  LEU A C   1 
ATOM   241  O  O   . LEU A 1 31  ? -6.334  -8.831  6.013   1.00 53.96 ? 31  LEU A O   1 
ATOM   242  C  CB  . LEU A 1 31  ? -6.479  -9.643  3.166   1.00 58.72 ? 31  LEU A CB  1 
ATOM   243  C  CG  . LEU A 1 31  ? -7.960  -9.328  2.928   1.00 60.28 ? 31  LEU A CG  1 
ATOM   244  C  CD1 . LEU A 1 31  ? -8.069  -8.268  1.826   1.00 60.25 ? 31  LEU A CD1 1 
ATOM   245  C  CD2 . LEU A 1 31  ? -8.717  -10.595 2.539   1.00 61.78 ? 31  LEU A CD2 1 
ATOM   246  N  N   . GLY A 1 32  ? -6.835  -6.824  5.126   1.00 52.53 ? 32  GLY A N   1 
ATOM   247  C  CA  . GLY A 1 32  ? -7.430  -6.352  6.360   1.00 49.73 ? 32  GLY A CA  1 
ATOM   248  C  C   . GLY A 1 32  ? -6.402  -6.340  7.473   1.00 47.50 ? 32  GLY A C   1 
ATOM   249  O  O   . GLY A 1 32  ? -5.201  -6.239  7.224   1.00 45.69 ? 32  GLY A O   1 
ATOM   250  N  N   . GLY A 1 33  ? -6.871  -6.447  8.707   1.00 45.99 ? 33  GLY A N   1 
ATOM   251  C  CA  . GLY A 1 33  ? -5.962  -6.440  9.832   1.00 43.83 ? 33  GLY A CA  1 
ATOM   252  C  C   . GLY A 1 33  ? -6.707  -6.320  11.142  1.00 42.29 ? 33  GLY A C   1 
ATOM   253  O  O   . GLY A 1 33  ? -7.938  -6.322  11.180  1.00 42.64 ? 33  GLY A O   1 
ATOM   254  N  N   . SER A 1 34  ? -5.951  -6.223  12.224  1.00 40.63 ? 34  SER A N   1 
ATOM   255  C  CA  . SER A 1 34  ? -6.535  -6.090  13.545  1.00 39.54 ? 34  SER A CA  1 
ATOM   256  C  C   . SER A 1 34  ? -5.466  -5.610  14.511  1.00 37.30 ? 34  SER A C   1 
ATOM   257  O  O   . SER A 1 34  ? -4.266  -5.713  14.231  1.00 36.83 ? 34  SER A O   1 
ATOM   258  C  CB  . SER A 1 34  ? -7.104  -7.438  14.009  1.00 39.46 ? 34  SER A CB  1 
ATOM   259  O  OG  . SER A 1 34  ? -6.103  -8.440  14.023  1.00 41.77 ? 34  SER A OG  1 
ATOM   260  N  N   . GLY A 1 35  ? -5.908  -5.074  15.639  1.00 36.34 ? 35  GLY A N   1 
ATOM   261  C  CA  . GLY A 1 35  ? -4.980  -4.592  16.640  1.00 33.61 ? 35  GLY A CA  1 
ATOM   262  C  C   . GLY A 1 35  ? -4.159  -3.396  16.209  1.00 34.22 ? 35  GLY A C   1 
ATOM   263  O  O   . GLY A 1 35  ? -4.552  -2.616  15.339  1.00 33.84 ? 35  GLY A O   1 
ATOM   264  N  N   . THR A 1 36  ? -3.000  -3.264  16.837  1.00 32.96 ? 36  THR A N   1 
ATOM   265  C  CA  . THR A 1 36  ? -2.082  -2.173  16.583  1.00 31.82 ? 36  THR A CA  1 
ATOM   266  C  C   . THR A 1 36  ? -0.883  -2.702  15.809  1.00 33.48 ? 36  THR A C   1 
ATOM   267  O  O   . THR A 1 36  ? -0.459  -3.832  16.029  1.00 33.37 ? 36  THR A O   1 
ATOM   268  C  CB  . THR A 1 36  ? -1.620  -1.562  17.930  1.00 31.79 ? 36  THR A CB  1 
ATOM   269  O  OG1 . THR A 1 36  ? -2.751  -0.978  18.589  1.00 28.31 ? 36  THR A OG1 1 
ATOM   270  C  CG2 . THR A 1 36  ? -0.541  -0.507  17.726  1.00 29.65 ? 36  THR A CG2 1 
ATOM   271  N  N   . PRO A 1 37  ? -0.327  -1.893  14.885  1.00 34.98 ? 37  PRO A N   1 
ATOM   272  C  CA  . PRO A 1 37  ? 0.835   -2.278  14.068  1.00 36.28 ? 37  PRO A CA  1 
ATOM   273  C  C   . PRO A 1 37  ? 2.007   -2.644  14.972  1.00 37.75 ? 37  PRO A C   1 
ATOM   274  O  O   . PRO A 1 37  ? 2.197   -2.018  16.013  1.00 37.84 ? 37  PRO A O   1 
ATOM   275  C  CB  . PRO A 1 37  ? 1.137   -1.016  13.263  1.00 36.21 ? 37  PRO A CB  1 
ATOM   276  C  CG  . PRO A 1 37  ? -0.166  -0.295  13.230  1.00 36.31 ? 37  PRO A CG  1 
ATOM   277  C  CD  . PRO A 1 37  ? -0.750  -0.518  14.579  1.00 33.70 ? 37  PRO A CD  1 
ATOM   278  N  N   . VAL A 1 38  ? 2.801   -3.633  14.571  1.00 39.62 ? 38  VAL A N   1 
ATOM   279  C  CA  . VAL A 1 38  ? 3.943   -4.058  15.380  1.00 41.83 ? 38  VAL A CA  1 
ATOM   280  C  C   . VAL A 1 38  ? 5.209   -3.229  15.192  1.00 43.74 ? 38  VAL A C   1 
ATOM   281  O  O   . VAL A 1 38  ? 6.102   -3.281  16.039  1.00 45.23 ? 38  VAL A O   1 
ATOM   282  C  CB  . VAL A 1 38  ? 4.297   -5.548  15.131  1.00 42.79 ? 38  VAL A CB  1 
ATOM   283  C  CG1 . VAL A 1 38  ? 3.150   -6.442  15.608  1.00 40.61 ? 38  VAL A CG1 1 
ATOM   284  C  CG2 . VAL A 1 38  ? 4.580   -5.783  13.645  1.00 40.81 ? 38  VAL A CG2 1 
ATOM   285  N  N   . ASP A 1 39  ? 5.299   -2.482  14.088  1.00 44.09 ? 39  ASP A N   1 
ATOM   286  C  CA  . ASP A 1 39  ? 6.467   -1.634  13.819  1.00 43.22 ? 39  ASP A CA  1 
ATOM   287  C  C   . ASP A 1 39  ? 6.179   -0.629  12.704  1.00 43.25 ? 39  ASP A C   1 
ATOM   288  O  O   . ASP A 1 39  ? 5.079   -0.600  12.173  1.00 44.28 ? 39  ASP A O   1 
ATOM   289  C  CB  . ASP A 1 39  ? 7.688   -2.488  13.448  1.00 43.54 ? 39  ASP A CB  1 
ATOM   290  C  CG  . ASP A 1 39  ? 7.447   -3.360  12.227  1.00 43.94 ? 39  ASP A CG  1 
ATOM   291  O  OD1 . ASP A 1 39  ? 6.578   -3.010  11.399  1.00 44.48 ? 39  ASP A OD1 1 
ATOM   292  O  OD2 . ASP A 1 39  ? 8.138   -4.389  12.085  1.00 44.84 ? 39  ASP A OD2 1 
ATOM   293  N  N   . GLU A 1 40  ? 7.165   0.189   12.350  1.00 44.10 ? 40  GLU A N   1 
ATOM   294  C  CA  . GLU A 1 40  ? 6.991   1.194   11.300  1.00 45.67 ? 40  GLU A CA  1 
ATOM   295  C  C   . GLU A 1 40  ? 6.406   0.633   10.008  1.00 44.09 ? 40  GLU A C   1 
ATOM   296  O  O   . GLU A 1 40  ? 5.427   1.162   9.483   1.00 42.38 ? 40  GLU A O   1 
ATOM   297  C  CB  . GLU A 1 40  ? 8.325   1.861   10.982  1.00 49.44 ? 40  GLU A CB  1 
ATOM   298  C  CG  . GLU A 1 40  ? 8.959   2.555   12.163  1.00 56.81 ? 40  GLU A CG  1 
ATOM   299  C  CD  . GLU A 1 40  ? 10.440  2.817   11.945  1.00 61.57 ? 40  GLU A CD  1 
ATOM   300  O  OE1 . GLU A 1 40  ? 10.786  3.474   10.932  1.00 64.18 ? 40  GLU A OE1 1 
ATOM   301  O  OE2 . GLU A 1 40  ? 11.254  2.362   12.783  1.00 63.17 ? 40  GLU A OE2 1 
ATOM   302  N  N   . LEU A 1 41  ? 7.014   -0.431  9.493   1.00 42.78 ? 41  LEU A N   1 
ATOM   303  C  CA  . LEU A 1 41  ? 6.541   -1.043  8.257   1.00 42.27 ? 41  LEU A CA  1 
ATOM   304  C  C   . LEU A 1 41  ? 5.068   -1.429  8.387   1.00 42.82 ? 41  LEU A C   1 
ATOM   305  O  O   . LEU A 1 41  ? 4.240   -1.078  7.538   1.00 41.51 ? 41  LEU A O   1 
ATOM   306  C  CB  . LEU A 1 41  ? 7.371   -2.285  7.924   1.00 40.99 ? 41  LEU A CB  1 
ATOM   307  C  CG  . LEU A 1 41  ? 6.999   -2.977  6.608   1.00 40.49 ? 41  LEU A CG  1 
ATOM   308  C  CD1 . LEU A 1 41  ? 7.052   -1.960  5.469   1.00 40.03 ? 41  LEU A CD1 1 
ATOM   309  C  CD2 . LEU A 1 41  ? 7.958   -4.133  6.342   1.00 38.69 ? 41  LEU A CD2 1 
ATOM   310  N  N   . ASP A 1 42  ? 4.747   -2.143  9.462   1.00 41.41 ? 42  ASP A N   1 
ATOM   311  C  CA  . ASP A 1 42  ? 3.379   -2.573  9.705   1.00 41.38 ? 42  ASP A CA  1 
ATOM   312  C  C   . ASP A 1 42  ? 2.446   -1.366  9.744   1.00 41.67 ? 42  ASP A C   1 
ATOM   313  O  O   . ASP A 1 42  ? 1.317   -1.431  9.270   1.00 42.04 ? 42  ASP A O   1 
ATOM   314  C  CB  . ASP A 1 42  ? 3.301   -3.361  11.015  1.00 39.11 ? 42  ASP A CB  1 
ATOM   315  C  CG  . ASP A 1 42  ? 2.091   -4.273  11.077  1.00 38.42 ? 42  ASP A CG  1 
ATOM   316  O  OD1 . ASP A 1 42  ? 1.510   -4.581  10.018  1.00 38.65 ? 42  ASP A OD1 1 
ATOM   317  O  OD2 . ASP A 1 42  ? 1.731   -4.702  12.188  1.00 39.22 ? 42  ASP A OD2 1 
ATOM   318  N  N   . ARG A 1 43  ? 2.923   -0.254  10.288  1.00 42.15 ? 43  ARG A N   1 
ATOM   319  C  CA  . ARG A 1 43  ? 2.101   0.948   10.356  1.00 43.78 ? 43  ARG A CA  1 
ATOM   320  C  C   . ARG A 1 43  ? 1.903   1.548   8.959   1.00 41.92 ? 43  ARG A C   1 
ATOM   321  O  O   . ARG A 1 43  ? 0.854   2.121   8.665   1.00 40.96 ? 43  ARG A O   1 
ATOM   322  C  CB  . ARG A 1 43  ? 2.735   1.985   11.286  1.00 46.95 ? 43  ARG A CB  1 
ATOM   323  C  CG  . ARG A 1 43  ? 1.883   3.232   11.476  1.00 53.40 ? 43  ARG A CG  1 
ATOM   324  C  CD  . ARG A 1 43  ? 2.592   4.233   12.364  1.00 58.40 ? 43  ARG A CD  1 
ATOM   325  N  NE  . ARG A 1 43  ? 3.961   4.457   11.907  1.00 63.52 ? 43  ARG A NE  1 
ATOM   326  C  CZ  . ARG A 1 43  ? 4.853   5.209   12.546  1.00 65.15 ? 43  ARG A CZ  1 
ATOM   327  N  NH1 . ARG A 1 43  ? 6.078   5.352   12.056  1.00 65.28 ? 43  ARG A NH1 1 
ATOM   328  N  NH2 . ARG A 1 43  ? 4.516   5.819   13.674  1.00 66.85 ? 43  ARG A NH2 1 
ATOM   329  N  N   . CYS A 1 44  ? 2.918   1.422   8.108   1.00 41.01 ? 44  CYS A N   1 
ATOM   330  C  CA  . CYS A 1 44  ? 2.828   1.928   6.743   1.00 39.62 ? 44  CYS A CA  1 
ATOM   331  C  C   . CYS A 1 44  ? 1.643   1.210   6.102   1.00 38.95 ? 44  CYS A C   1 
ATOM   332  O  O   . CYS A 1 44  ? 0.867   1.804   5.352   1.00 37.46 ? 44  CYS A O   1 
ATOM   333  C  CB  . CYS A 1 44  ? 4.076   1.569   5.936   1.00 40.87 ? 44  CYS A CB  1 
ATOM   334  S  SG  . CYS A 1 44  ? 5.656   2.393   6.315   1.00 41.17 ? 44  CYS A SG  1 
ATOM   335  N  N   . CYS A 1 45  ? 1.524   -0.080  6.405   1.00 37.45 ? 45  CYS A N   1 
ATOM   336  C  CA  . CYS A 1 45  ? 0.454   -0.897  5.860   1.00 37.59 ? 45  CYS A CA  1 
ATOM   337  C  C   . CYS A 1 45  ? -0.908  -0.494  6.419   1.00 37.24 ? 45  CYS A C   1 
ATOM   338  O  O   . CYS A 1 45  ? -1.893  -0.415  5.671   1.00 34.41 ? 45  CYS A O   1 
ATOM   339  C  CB  . CYS A 1 45  ? 0.745   -2.384  6.114   1.00 38.18 ? 45  CYS A CB  1 
ATOM   340  S  SG  . CYS A 1 45  ? 2.178   -3.000  5.156   1.00 41.72 ? 45  CYS A SG  1 
ATOM   341  N  N   . GLU A 1 46  ? -0.965  -0.217  7.721   1.00 36.83 ? 46  GLU A N   1 
ATOM   342  C  CA  . GLU A 1 46  ? -2.220  0.199   8.333   1.00 36.29 ? 46  GLU A CA  1 
ATOM   343  C  C   . GLU A 1 46  ? -2.665  1.517   7.696   1.00 36.00 ? 46  GLU A C   1 
ATOM   344  O  O   . GLU A 1 46  ? -3.838  1.692   7.368   1.00 35.56 ? 46  GLU A O   1 
ATOM   345  C  CB  . GLU A 1 46  ? -2.076  0.401   9.845   1.00 36.84 ? 46  GLU A CB  1 
ATOM   346  C  CG  . GLU A 1 46  ? -3.428  0.616   10.531  1.00 37.03 ? 46  GLU A CG  1 
ATOM   347  C  CD  . GLU A 1 46  ? -3.323  1.237   11.916  1.00 39.05 ? 46  GLU A CD  1 
ATOM   348  O  OE1 . GLU A 1 46  ? -4.333  1.184   12.654  1.00 38.66 ? 46  GLU A OE1 1 
ATOM   349  O  OE2 . GLU A 1 46  ? -2.251  1.786   12.263  1.00 36.57 ? 46  GLU A OE2 1 
ATOM   350  N  N   . THR A 1 47  ? -1.721  2.438   7.524   1.00 36.22 ? 47  THR A N   1 
ATOM   351  C  CA  . THR A 1 47  ? -2.022  3.731   6.918   1.00 36.73 ? 47  THR A CA  1 
ATOM   352  C  C   . THR A 1 47  ? -2.567  3.544   5.501   1.00 36.10 ? 47  THR A C   1 
ATOM   353  O  O   . THR A 1 47  ? -3.506  4.223   5.099   1.00 37.56 ? 47  THR A O   1 
ATOM   354  C  CB  . THR A 1 47  ? -0.769  4.625   6.871   1.00 37.49 ? 47  THR A CB  1 
ATOM   355  O  OG1 . THR A 1 47  ? -0.308  4.863   8.205   1.00 37.37 ? 47  THR A OG1 1 
ATOM   356  C  CG2 . THR A 1 47  ? -1.076  5.944   6.204   1.00 36.51 ? 47  THR A CG2 1 
ATOM   357  N  N   . HIS A 1 48  ? -1.984  2.614   4.752   1.00 36.23 ? 48  HIS A N   1 
ATOM   358  C  CA  . HIS A 1 48  ? -2.452  2.344   3.392   1.00 36.60 ? 48  HIS A CA  1 
ATOM   359  C  C   . HIS A 1 48  ? -3.898  1.851   3.442   1.00 36.45 ? 48  HIS A C   1 
ATOM   360  O  O   . HIS A 1 48  ? -4.733  2.263   2.628   1.00 35.37 ? 48  HIS A O   1 
ATOM   361  C  CB  . HIS A 1 48  ? -1.564  1.299   2.710   1.00 35.10 ? 48  HIS A CB  1 
ATOM   362  C  CG  . HIS A 1 48  ? -1.874  1.097   1.261   1.00 35.10 ? 48  HIS A CG  1 
ATOM   363  N  ND1 . HIS A 1 48  ? -2.429  -0.067  0.772   1.00 35.35 ? 48  HIS A ND1 1 
ATOM   364  C  CD2 . HIS A 1 48  ? -1.713  1.914   0.192   1.00 35.24 ? 48  HIS A CD2 1 
ATOM   365  C  CE1 . HIS A 1 48  ? -2.595  0.043   -0.535  1.00 34.08 ? 48  HIS A CE1 1 
ATOM   366  N  NE2 . HIS A 1 48  ? -2.169  1.234   -0.913  1.00 32.80 ? 48  HIS A NE2 1 
ATOM   367  N  N   . ASP A 1 49  ? -4.187  0.965   4.395   1.00 35.88 ? 49  ASP A N   1 
ATOM   368  C  CA  . ASP A 1 49  ? -5.544  0.457   4.563   1.00 37.28 ? 49  ASP A CA  1 
ATOM   369  C  C   . ASP A 1 49  ? -6.503  1.620   4.880   1.00 36.61 ? 49  ASP A C   1 
ATOM   370  O  O   . ASP A 1 49  ? -7.557  1.744   4.257   1.00 35.70 ? 49  ASP A O   1 
ATOM   371  C  CB  . ASP A 1 49  ? -5.602  -0.558  5.704   1.00 40.16 ? 49  ASP A CB  1 
ATOM   372  C  CG  . ASP A 1 49  ? -5.023  -1.901  5.331   1.00 43.18 ? 49  ASP A CG  1 
ATOM   373  O  OD1 . ASP A 1 49  ? -4.398  -2.025  4.252   1.00 46.52 ? 49  ASP A OD1 1 
ATOM   374  O  OD2 . ASP A 1 49  ? -5.194  -2.841  6.132   1.00 44.79 ? 49  ASP A OD2 1 
ATOM   375  N  N   . ASN A 1 50  ? -6.134  2.456   5.853   1.00 35.91 ? 50  ASN A N   1 
ATOM   376  C  CA  . ASN A 1 50  ? -6.958  3.601   6.250   1.00 37.03 ? 50  ASN A CA  1 
ATOM   377  C  C   . ASN A 1 50  ? -7.177  4.546   5.064   1.00 36.41 ? 50  ASN A C   1 
ATOM   378  O  O   . ASN A 1 50  ? -8.251  5.129   4.906   1.00 36.67 ? 50  ASN A O   1 
ATOM   379  C  CB  . ASN A 1 50  ? -6.297  4.391   7.399   1.00 37.90 ? 50  ASN A CB  1 
ATOM   380  C  CG  . ASN A 1 50  ? -6.218  3.601   8.708   1.00 38.73 ? 50  ASN A CG  1 
ATOM   381  O  OD1 . ASN A 1 50  ? -6.967  2.644   8.923   1.00 39.18 ? 50  ASN A OD1 1 
ATOM   382  N  ND2 . ASN A 1 50  ? -5.314  4.019   9.601   1.00 36.35 ? 50  ASN A ND2 1 
ATOM   383  N  N   . CYS A 1 51  ? -6.144  4.695   4.242   1.00 36.02 ? 51  CYS A N   1 
ATOM   384  C  CA  . CYS A 1 51  ? -6.189  5.558   3.065   1.00 35.30 ? 51  CYS A CA  1 
ATOM   385  C  C   . CYS A 1 51  ? -7.228  5.021   2.079   1.00 34.54 ? 51  CYS A C   1 
ATOM   386  O  O   . CYS A 1 51  ? -7.982  5.778   1.464   1.00 34.94 ? 51  CYS A O   1 
ATOM   387  C  CB  . CYS A 1 51  ? -4.804  5.593   2.422   1.00 34.48 ? 51  CYS A CB  1 
ATOM   388  S  SG  . CYS A 1 51  ? -4.472  6.966   1.276   1.00 40.75 ? 51  CYS A SG  1 
ATOM   389  N  N   . TYR A 1 52  ? -7.266  3.701   1.937   1.00 35.26 ? 52  TYR A N   1 
ATOM   390  C  CA  . TYR A 1 52  ? -8.213  3.068   1.037   1.00 36.25 ? 52  TYR A CA  1 
ATOM   391  C  C   . TYR A 1 52  ? -9.608  3.213   1.617   1.00 38.17 ? 52  TYR A C   1 
ATOM   392  O  O   . TYR A 1 52  ? -10.588 3.337   0.885   1.00 38.37 ? 52  TYR A O   1 
ATOM   393  C  CB  . TYR A 1 52  ? -7.850  1.588   0.847   1.00 32.88 ? 52  TYR A CB  1 
ATOM   394  C  CG  . TYR A 1 52  ? -6.963  1.350   -0.350  1.00 33.50 ? 52  TYR A CG  1 
ATOM   395  C  CD1 . TYR A 1 52  ? -5.981  2.275   -0.710  1.00 31.26 ? 52  TYR A CD1 1 
ATOM   396  C  CD2 . TYR A 1 52  ? -7.111  0.209   -1.137  1.00 33.64 ? 52  TYR A CD2 1 
ATOM   397  C  CE1 . TYR A 1 52  ? -5.177  2.074   -1.818  1.00 32.28 ? 52  TYR A CE1 1 
ATOM   398  C  CE2 . TYR A 1 52  ? -6.306  -0.007  -2.255  1.00 32.39 ? 52  TYR A CE2 1 
ATOM   399  C  CZ  . TYR A 1 52  ? -5.342  0.928   -2.590  1.00 32.73 ? 52  TYR A CZ  1 
ATOM   400  O  OH  . TYR A 1 52  ? -4.538  0.728   -3.685  1.00 29.20 ? 52  TYR A OH  1 
ATOM   401  N  N   . ARG A 1 53  ? -9.689  3.215   2.941   1.00 40.60 ? 53  ARG A N   1 
ATOM   402  C  CA  . ARG A 1 53  ? -10.969 3.359   3.620   1.00 43.88 ? 53  ARG A CA  1 
ATOM   403  C  C   . ARG A 1 53  ? -11.529 4.754   3.349   1.00 42.79 ? 53  ARG A C   1 
ATOM   404  O  O   . ARG A 1 53  ? -12.705 4.902   3.019   1.00 43.48 ? 53  ARG A O   1 
ATOM   405  C  CB  . ARG A 1 53  ? -10.785 3.133   5.119   1.00 47.72 ? 53  ARG A CB  1 
ATOM   406  C  CG  . ARG A 1 53  ? -12.068 2.892   5.885   1.00 53.31 ? 53  ARG A CG  1 
ATOM   407  C  CD  . ARG A 1 53  ? -11.723 2.556   7.322   1.00 58.96 ? 53  ARG A CD  1 
ATOM   408  N  NE  . ARG A 1 53  ? -10.730 1.485   7.380   1.00 62.96 ? 53  ARG A NE  1 
ATOM   409  C  CZ  . ARG A 1 53  ? -9.763  1.413   8.290   1.00 65.59 ? 53  ARG A CZ  1 
ATOM   410  N  NH1 . ARG A 1 53  ? -8.899  0.399   8.267   1.00 65.90 ? 53  ARG A NH1 1 
ATOM   411  N  NH2 . ARG A 1 53  ? -9.657  2.362   9.218   1.00 66.42 ? 53  ARG A NH2 1 
ATOM   412  N  N   . ASP A 1 54  ? -10.682 5.772   3.472   1.00 41.96 ? 54  ASP A N   1 
ATOM   413  C  CA  . ASP A 1 54  ? -11.104 7.149   3.212   1.00 41.80 ? 54  ASP A CA  1 
ATOM   414  C  C   . ASP A 1 54  ? -11.569 7.296   1.766   1.00 42.32 ? 54  ASP A C   1 
ATOM   415  O  O   . ASP A 1 54  ? -12.516 8.023   1.477   1.00 41.75 ? 54  ASP A O   1 
ATOM   416  C  CB  . ASP A 1 54  ? -9.950  8.114   3.476   1.00 42.35 ? 54  ASP A CB  1 
ATOM   417  C  CG  . ASP A 1 54  ? -9.473  8.075   4.918   1.00 44.19 ? 54  ASP A CG  1 
ATOM   418  O  OD1 . ASP A 1 54  ? -8.382  8.617   5.202   1.00 45.26 ? 54  ASP A OD1 1 
ATOM   419  O  OD2 . ASP A 1 54  ? -10.190 7.507   5.770   1.00 45.29 ? 54  ASP A OD2 1 
ATOM   420  N  N   . ALA A 1 55  ? -10.895 6.602   0.856   1.00 43.31 ? 55  ALA A N   1 
ATOM   421  C  CA  . ALA A 1 55  ? -11.249 6.654   -0.556  1.00 43.43 ? 55  ALA A CA  1 
ATOM   422  C  C   . ALA A 1 55  ? -12.644 6.063   -0.803  1.00 45.21 ? 55  ALA A C   1 
ATOM   423  O  O   . ALA A 1 55  ? -13.445 6.641   -1.535  1.00 44.58 ? 55  ALA A O   1 
ATOM   424  C  CB  . ALA A 1 55  ? -10.208 5.910   -1.373  1.00 43.55 ? 55  ALA A CB  1 
ATOM   425  N  N   . LYS A 1 56  ? -12.926 4.913   -0.192  1.00 46.49 ? 56  LYS A N   1 
ATOM   426  C  CA  . LYS A 1 56  ? -14.224 4.254   -0.338  1.00 48.85 ? 56  LYS A CA  1 
ATOM   427  C  C   . LYS A 1 56  ? -15.342 5.114   0.237   1.00 50.55 ? 56  LYS A C   1 
ATOM   428  O  O   . LYS A 1 56  ? -16.506 4.993   -0.166  1.00 51.14 ? 56  LYS A O   1 
ATOM   429  C  CB  . LYS A 1 56  ? -14.223 2.901   0.383   1.00 49.17 ? 56  LYS A CB  1 
ATOM   430  C  CG  . LYS A 1 56  ? -13.534 1.780   -0.372  1.00 51.34 ? 56  LYS A CG  1 
ATOM   431  C  CD  . LYS A 1 56  ? -13.078 0.662   0.560   1.00 53.64 ? 56  LYS A CD  1 
ATOM   432  C  CE  . LYS A 1 56  ? -14.236 0.027   1.294   1.00 55.14 ? 56  LYS A CE  1 
ATOM   433  N  NZ  . LYS A 1 56  ? -15.221 -0.520  0.329   1.00 58.01 ? 56  LYS A NZ  1 
ATOM   434  N  N   . ASN A 1 57  ? -14.985 5.978   1.183   1.00 51.14 ? 57  ASN A N   1 
ATOM   435  C  CA  . ASN A 1 57  ? -15.960 6.847   1.826   1.00 51.97 ? 57  ASN A CA  1 
ATOM   436  C  C   . ASN A 1 57  ? -16.111 8.212   1.167   1.00 51.75 ? 57  ASN A C   1 
ATOM   437  O  O   . ASN A 1 57  ? -16.657 9.136   1.758   1.00 52.29 ? 57  ASN A O   1 
ATOM   438  C  CB  . ASN A 1 57  ? -15.619 6.985   3.309   1.00 52.24 ? 57  ASN A CB  1 
ATOM   439  C  CG  . ASN A 1 57  ? -15.904 5.706   4.081   1.00 54.13 ? 57  ASN A CG  1 
ATOM   440  O  OD1 . ASN A 1 57  ? -15.360 5.477   5.162   1.00 55.54 ? 57  ASN A OD1 1 
ATOM   441  N  ND2 . ASN A 1 57  ? -16.769 4.863   3.523   1.00 54.13 ? 57  ASN A ND2 1 
ATOM   442  N  N   . LEU A 1 58  ? -15.625 8.328   -0.065  1.00 52.00 ? 58  LEU A N   1 
ATOM   443  C  CA  . LEU A 1 58  ? -15.749 9.569   -0.823  1.00 53.33 ? 58  LEU A CA  1 
ATOM   444  C  C   . LEU A 1 58  ? -17.051 9.459   -1.614  1.00 53.91 ? 58  LEU A C   1 
ATOM   445  O  O   . LEU A 1 58  ? -17.224 8.535   -2.411  1.00 53.36 ? 58  LEU A O   1 
ATOM   446  C  CB  . LEU A 1 58  ? -14.578 9.734   -1.793  1.00 53.06 ? 58  LEU A CB  1 
ATOM   447  C  CG  . LEU A 1 58  ? -13.190 9.970   -1.197  1.00 53.75 ? 58  LEU A CG  1 
ATOM   448  C  CD1 . LEU A 1 58  ? -12.126 9.716   -2.253  1.00 52.01 ? 58  LEU A CD1 1 
ATOM   449  C  CD2 . LEU A 1 58  ? -13.100 11.390  -0.657  1.00 53.03 ? 58  LEU A CD2 1 
ATOM   450  N  N   . ASP A 1 59  ? -17.971 10.389  -1.380  1.00 54.34 ? 59  ASP A N   1 
ATOM   451  C  CA  . ASP A 1 59  ? -19.257 10.376  -2.067  1.00 55.38 ? 59  ASP A CA  1 
ATOM   452  C  C   . ASP A 1 59  ? -19.046 10.430  -3.573  1.00 54.17 ? 59  ASP A C   1 
ATOM   453  O  O   . ASP A 1 59  ? -19.754 9.772   -4.336  1.00 54.38 ? 59  ASP A O   1 
ATOM   454  C  CB  . ASP A 1 59  ? -20.098 11.574  -1.623  1.00 58.65 ? 59  ASP A CB  1 
ATOM   455  C  CG  . ASP A 1 59  ? -20.447 11.528  -0.147  1.00 62.82 ? 59  ASP A CG  1 
ATOM   456  O  OD1 . ASP A 1 59  ? -20.700 12.613  0.429   1.00 65.81 ? 59  ASP A OD1 1 
ATOM   457  O  OD2 . ASP A 1 59  ? -20.481 10.414  0.437   1.00 63.49 ? 59  ASP A OD2 1 
ATOM   458  N  N   . SER A 1 60  ? -18.056 11.215  -3.987  1.00 52.28 ? 60  SER A N   1 
ATOM   459  C  CA  . SER A 1 60  ? -17.736 11.389  -5.398  1.00 50.47 ? 60  SER A CA  1 
ATOM   460  C  C   . SER A 1 60  ? -17.106 10.177  -6.093  1.00 49.19 ? 60  SER A C   1 
ATOM   461  O  O   . SER A 1 60  ? -17.077 10.118  -7.326  1.00 48.52 ? 60  SER A O   1 
ATOM   462  C  CB  . SER A 1 60  ? -16.833 12.613  -5.562  1.00 50.49 ? 60  SER A CB  1 
ATOM   463  O  OG  . SER A 1 60  ? -15.894 12.686  -4.500  1.00 51.22 ? 60  SER A OG  1 
ATOM   464  N  N   . CYS A 1 61  ? -16.619 9.206   -5.320  1.00 47.80 ? 61  CYS A N   1 
ATOM   465  C  CA  . CYS A 1 61  ? -15.991 8.020   -5.909  1.00 47.13 ? 61  CYS A CA  1 
ATOM   466  C  C   . CYS A 1 61  ? -16.734 6.712   -5.689  1.00 46.91 ? 61  CYS A C   1 
ATOM   467  O  O   . CYS A 1 61  ? -17.264 6.448   -4.609  1.00 47.84 ? 61  CYS A O   1 
ATOM   468  C  CB  . CYS A 1 61  ? -14.562 7.858   -5.386  1.00 45.47 ? 61  CYS A CB  1 
ATOM   469  S  SG  . CYS A 1 61  ? -13.550 9.334   -5.676  1.00 43.81 ? 61  CYS A SG  1 
ATOM   470  N  N   . LYS A 1 62  ? -16.757 5.890   -6.728  1.00 46.54 ? 62  LYS A N   1 
ATOM   471  C  CA  . LYS A 1 62  ? -17.403 4.592   -6.660  1.00 47.18 ? 62  LYS A CA  1 
ATOM   472  C  C   . LYS A 1 62  ? -16.523 3.582   -7.383  1.00 46.20 ? 62  LYS A C   1 
ATOM   473  O  O   . LYS A 1 62  ? -16.519 3.509   -8.611  1.00 47.23 ? 62  LYS A O   1 
ATOM   474  C  CB  . LYS A 1 62  ? -18.780 4.650   -7.314  1.00 49.61 ? 62  LYS A CB  1 
ATOM   475  C  CG  . LYS A 1 62  ? -19.517 3.324   -7.311  1.00 53.30 ? 62  LYS A CG  1 
ATOM   476  C  CD  . LYS A 1 62  ? -19.713 2.791   -5.891  1.00 55.87 ? 62  LYS A CD  1 
ATOM   477  C  CE  . LYS A 1 62  ? -20.540 1.512   -5.903  1.00 57.98 ? 62  LYS A CE  1 
ATOM   478  N  NZ  . LYS A 1 62  ? -19.924 0.474   -6.775  1.00 58.66 ? 62  LYS A NZ  1 
ATOM   479  N  N   . PHE A 1 63  ? -15.772 2.804   -6.615  1.00 44.88 ? 63  PHE A N   1 
ATOM   480  C  CA  . PHE A 1 63  ? -14.875 1.815   -7.188  1.00 43.18 ? 63  PHE A CA  1 
ATOM   481  C  C   . PHE A 1 63  ? -15.583 0.498   -7.481  1.00 43.18 ? 63  PHE A C   1 
ATOM   482  O  O   . PHE A 1 63  ? -16.493 0.092   -6.754  1.00 43.45 ? 63  PHE A O   1 
ATOM   483  C  CB  . PHE A 1 63  ? -13.689 1.587   -6.251  1.00 39.51 ? 63  PHE A CB  1 
ATOM   484  C  CG  . PHE A 1 63  ? -12.987 2.857   -5.859  1.00 39.44 ? 63  PHE A CG  1 
ATOM   485  C  CD1 . PHE A 1 63  ? -13.310 3.507   -4.672  1.00 37.85 ? 63  PHE A CD1 1 
ATOM   486  C  CD2 . PHE A 1 63  ? -12.035 3.432   -6.704  1.00 38.61 ? 63  PHE A CD2 1 
ATOM   487  C  CE1 . PHE A 1 63  ? -12.700 4.713   -4.330  1.00 37.78 ? 63  PHE A CE1 1 
ATOM   488  C  CE2 . PHE A 1 63  ? -11.418 4.642   -6.371  1.00 37.46 ? 63  PHE A CE2 1 
ATOM   489  C  CZ  . PHE A 1 63  ? -11.750 5.283   -5.184  1.00 38.27 ? 63  PHE A CZ  1 
ATOM   490  N  N   . LEU A 1 64  ? -15.168 -0.156  -8.560  1.00 42.43 ? 64  LEU A N   1 
ATOM   491  C  CA  . LEU A 1 64  ? -15.753 -1.430  -8.950  1.00 42.69 ? 64  LEU A CA  1 
ATOM   492  C  C   . LEU A 1 64  ? -15.622 -2.394  -7.772  1.00 42.78 ? 64  LEU A C   1 
ATOM   493  O  O   . LEU A 1 64  ? -14.562 -2.466  -7.141  1.00 40.12 ? 64  LEU A O   1 
ATOM   494  C  CB  . LEU A 1 64  ? -15.021 -2.001  -10.170 1.00 41.87 ? 64  LEU A CB  1 
ATOM   495  C  CG  . LEU A 1 64  ? -15.647 -3.250  -10.800 1.00 42.82 ? 64  LEU A CG  1 
ATOM   496  C  CD1 . LEU A 1 64  ? -16.993 -2.875  -11.412 1.00 41.60 ? 64  LEU A CD1 1 
ATOM   497  C  CD2 . LEU A 1 64  ? -14.723 -3.817  -11.870 1.00 40.48 ? 64  LEU A CD2 1 
ATOM   498  N  N   . VAL A 1 65  ? -16.698 -3.118  -7.466  1.00 42.71 ? 65  VAL A N   1 
ATOM   499  C  CA  . VAL A 1 65  ? -16.682 -4.069  -6.358  1.00 43.52 ? 65  VAL A CA  1 
ATOM   500  C  C   . VAL A 1 65  ? -16.335 -3.310  -5.082  1.00 42.49 ? 65  VAL A C   1 
ATOM   501  O  O   . VAL A 1 65  ? -15.974 -3.907  -4.073  1.00 41.76 ? 65  VAL A O   1 
ATOM   502  C  CB  . VAL A 1 65  ? -15.614 -5.181  -6.593  1.00 43.93 ? 65  VAL A CB  1 
ATOM   503  C  CG1 . VAL A 1 65  ? -15.555 -6.131  -5.404  1.00 47.11 ? 65  VAL A CG1 1 
ATOM   504  C  CG2 . VAL A 1 65  ? -15.939 -5.950  -7.848  1.00 44.82 ? 65  VAL A CG2 1 
ATOM   505  N  N   . ASP A 1 66  ? -16.454 -1.987  -5.132  1.00 42.74 ? 66  ASP A N   1 
ATOM   506  C  CA  . ASP A 1 66  ? -16.119 -1.151  -3.985  1.00 43.01 ? 66  ASP A CA  1 
ATOM   507  C  C   . ASP A 1 66  ? -14.722 -1.470  -3.461  1.00 40.82 ? 66  ASP A C   1 
ATOM   508  O  O   . ASP A 1 66  ? -14.462 -1.404  -2.260  1.00 39.98 ? 66  ASP A O   1 
ATOM   509  C  CB  . ASP A 1 66  ? -17.146 -1.334  -2.868  1.00 47.64 ? 66  ASP A CB  1 
ATOM   510  C  CG  . ASP A 1 66  ? -18.141 -0.195  -2.815  1.00 52.61 ? 66  ASP A CG  1 
ATOM   511  O  OD1 . ASP A 1 66  ? -18.919 -0.037  -3.787  1.00 53.17 ? 66  ASP A OD1 1 
ATOM   512  O  OD2 . ASP A 1 66  ? -18.129 0.552   -1.807  1.00 56.27 ? 66  ASP A OD2 1 
ATOM   513  N  N   . ASN A 1 67  ? -13.826 -1.822  -4.374  1.00 38.09 ? 67  ASN A N   1 
ATOM   514  C  CA  . ASN A 1 67  ? -12.458 -2.148  -4.011  1.00 37.15 ? 67  ASN A CA  1 
ATOM   515  C  C   . ASN A 1 67  ? -11.494 -1.270  -4.796  1.00 36.03 ? 67  ASN A C   1 
ATOM   516  O  O   . ASN A 1 67  ? -11.322 -1.442  -6.008  1.00 36.74 ? 67  ASN A O   1 
ATOM   517  C  CB  . ASN A 1 67  ? -12.168 -3.622  -4.298  1.00 37.08 ? 67  ASN A CB  1 
ATOM   518  C  CG  . ASN A 1 67  ? -10.734 -4.007  -3.972  1.00 39.49 ? 67  ASN A CG  1 
ATOM   519  O  OD1 . ASN A 1 67  ? -10.004 -3.252  -3.318  1.00 39.13 ? 67  ASN A OD1 1 
ATOM   520  N  ND2 . ASN A 1 67  ? -10.323 -5.195  -4.420  1.00 40.29 ? 67  ASN A ND2 1 
ATOM   521  N  N   . PRO A 1 68  ? -10.861 -0.306  -4.111  1.00 34.26 ? 68  PRO A N   1 
ATOM   522  C  CA  . PRO A 1 68  ? -9.905  0.614   -4.730  1.00 33.38 ? 68  PRO A CA  1 
ATOM   523  C  C   . PRO A 1 68  ? -8.784  -0.088  -5.493  1.00 33.84 ? 68  PRO A C   1 
ATOM   524  O  O   . PRO A 1 68  ? -8.236  0.477   -6.436  1.00 35.31 ? 68  PRO A O   1 
ATOM   525  C  CB  . PRO A 1 68  ? -9.393  1.427   -3.541  1.00 32.93 ? 68  PRO A CB  1 
ATOM   526  C  CG  . PRO A 1 68  ? -10.603 1.506   -2.665  1.00 31.72 ? 68  PRO A CG  1 
ATOM   527  C  CD  . PRO A 1 68  ? -11.123 0.078   -2.714  1.00 33.36 ? 68  PRO A CD  1 
ATOM   528  N  N   . TYR A 1 69  ? -8.441  -1.310  -5.091  1.00 34.44 ? 69  TYR A N   1 
ATOM   529  C  CA  . TYR A 1 69  ? -7.383  -2.052  -5.777  1.00 34.15 ? 69  TYR A CA  1 
ATOM   530  C  C   . TYR A 1 69  ? -7.705  -2.308  -7.240  1.00 33.56 ? 69  TYR A C   1 
ATOM   531  O  O   . TYR A 1 69  ? -6.804  -2.632  -8.016  1.00 33.97 ? 69  TYR A O   1 
ATOM   532  C  CB  . TYR A 1 69  ? -7.105  -3.387  -5.090  1.00 35.19 ? 69  TYR A CB  1 
ATOM   533  C  CG  . TYR A 1 69  ? -6.238  -3.262  -3.867  1.00 37.89 ? 69  TYR A CG  1 
ATOM   534  C  CD1 . TYR A 1 69  ? -4.955  -2.721  -3.955  1.00 38.69 ? 69  TYR A CD1 1 
ATOM   535  C  CD2 . TYR A 1 69  ? -6.696  -3.685  -2.620  1.00 38.82 ? 69  TYR A CD2 1 
ATOM   536  C  CE1 . TYR A 1 69  ? -4.147  -2.603  -2.828  1.00 39.97 ? 69  TYR A CE1 1 
ATOM   537  C  CE2 . TYR A 1 69  ? -5.897  -3.573  -1.489  1.00 40.77 ? 69  TYR A CE2 1 
ATOM   538  C  CZ  . TYR A 1 69  ? -4.625  -3.031  -1.599  1.00 40.81 ? 69  TYR A CZ  1 
ATOM   539  O  OH  . TYR A 1 69  ? -3.838  -2.910  -0.475  1.00 43.42 ? 69  TYR A OH  1 
ATOM   540  N  N   . THR A 1 70  ? -8.978  -2.172  -7.615  1.00 31.96 ? 70  THR A N   1 
ATOM   541  C  CA  . THR A 1 70  ? -9.383  -2.364  -9.012  1.00 31.45 ? 70  THR A CA  1 
ATOM   542  C  C   . THR A 1 70  ? -9.222  -1.062  -9.797  1.00 30.95 ? 70  THR A C   1 
ATOM   543  O  O   . THR A 1 70  ? -9.286  -1.072  -11.022 1.00 32.82 ? 70  THR A O   1 
ATOM   544  C  CB  . THR A 1 70  ? -10.875 -2.777  -9.161  1.00 30.90 ? 70  THR A CB  1 
ATOM   545  O  OG1 . THR A 1 70  ? -11.713 -1.675  -8.795  1.00 30.37 ? 70  THR A OG1 1 
ATOM   546  C  CG2 . THR A 1 70  ? -11.205 -3.987  -8.285  1.00 29.65 ? 70  THR A CG2 1 
ATOM   547  N  N   . GLU A 1 71  ? -9.025  0.053   -9.097  1.00 30.29 ? 71  GLU A N   1 
ATOM   548  C  CA  . GLU A 1 71  ? -8.886  1.341   -9.770  1.00 33.62 ? 71  GLU A CA  1 
ATOM   549  C  C   . GLU A 1 71  ? -7.496  1.555   -10.363 1.00 34.28 ? 71  GLU A C   1 
ATOM   550  O  O   . GLU A 1 71  ? -6.499  1.743   -9.657  1.00 34.96 ? 71  GLU A O   1 
ATOM   551  C  CB  . GLU A 1 71  ? -9.218  2.503   -8.831  1.00 33.68 ? 71  GLU A CB  1 
ATOM   552  C  CG  . GLU A 1 71  ? -9.054  3.868   -9.487  1.00 34.73 ? 71  GLU A CG  1 
ATOM   553  C  CD  . GLU A 1 71  ? -10.096 4.147   -10.560 1.00 39.97 ? 71  GLU A CD  1 
ATOM   554  O  OE1 . GLU A 1 71  ? -11.201 4.618   -10.207 1.00 45.26 ? 71  GLU A OE1 1 
ATOM   555  O  OE2 . GLU A 1 71  ? -9.821  3.896   -11.755 1.00 38.52 ? 71  GLU A OE2 1 
ATOM   556  N  N   . SER A 1 72  ? -7.462  1.549   -11.683 1.00 33.69 ? 72  SER A N   1 
ATOM   557  C  CA  . SER A 1 72  ? -6.238  1.713   -12.426 1.00 35.11 ? 72  SER A CA  1 
ATOM   558  C  C   . SER A 1 72  ? -5.949  3.207   -12.660 1.00 34.47 ? 72  SER A C   1 
ATOM   559  O  O   . SER A 1 72  ? -6.844  3.985   -12.985 1.00 33.44 ? 72  SER A O   1 
ATOM   560  C  CB  . SER A 1 72  ? -6.382  0.920   -13.730 1.00 36.29 ? 72  SER A CB  1 
ATOM   561  O  OG  . SER A 1 72  ? -5.371  1.259   -14.644 1.00 45.27 ? 72  SER A OG  1 
ATOM   562  N  N   . TYR A 1 73  ? -4.700  3.611   -12.441 1.00 33.60 ? 73  TYR A N   1 
ATOM   563  C  CA  . TYR A 1 73  ? -4.303  5.008   -12.619 1.00 32.62 ? 73  TYR A CA  1 
ATOM   564  C  C   . TYR A 1 73  ? -3.038  5.061   -13.466 1.00 31.86 ? 73  TYR A C   1 
ATOM   565  O  O   . TYR A 1 73  ? -2.549  4.032   -13.921 1.00 33.03 ? 73  TYR A O   1 
ATOM   566  C  CB  . TYR A 1 73  ? -4.045  5.668   -11.250 1.00 30.45 ? 73  TYR A CB  1 
ATOM   567  C  CG  . TYR A 1 73  ? -3.118  4.867   -10.353 1.00 30.97 ? 73  TYR A CG  1 
ATOM   568  C  CD1 . TYR A 1 73  ? -1.779  4.656   -10.705 1.00 30.18 ? 73  TYR A CD1 1 
ATOM   569  C  CD2 . TYR A 1 73  ? -3.600  4.246   -9.195  1.00 29.35 ? 73  TYR A CD2 1 
ATOM   570  C  CE1 . TYR A 1 73  ? -0.948  3.841   -9.929  1.00 28.87 ? 73  TYR A CE1 1 
ATOM   571  C  CE2 . TYR A 1 73  ? -2.778  3.426   -8.414  1.00 28.50 ? 73  TYR A CE2 1 
ATOM   572  C  CZ  . TYR A 1 73  ? -1.450  3.223   -8.789  1.00 29.61 ? 73  TYR A CZ  1 
ATOM   573  O  OH  . TYR A 1 73  ? -0.637  2.374   -8.054  1.00 26.95 ? 73  TYR A OH  1 
ATOM   574  N  N   . SER A 1 74  ? -2.513  6.260   -13.681 1.00 32.97 ? 74  SER A N   1 
ATOM   575  C  CA  . SER A 1 74  ? -1.285  6.419   -14.444 1.00 34.24 ? 74  SER A CA  1 
ATOM   576  C  C   . SER A 1 74  ? -0.188  6.972   -13.537 1.00 35.85 ? 74  SER A C   1 
ATOM   577  O  O   . SER A 1 74  ? -0.401  7.921   -12.785 1.00 36.52 ? 74  SER A O   1 
ATOM   578  C  CB  . SER A 1 74  ? -1.503  7.359   -15.625 1.00 33.86 ? 74  SER A CB  1 
ATOM   579  O  OG  . SER A 1 74  ? -0.270  7.682   -16.241 1.00 37.17 ? 74  SER A OG  1 
ATOM   580  N  N   . TYR A 1 75  ? 0.985   6.356   -13.596 1.00 36.95 ? 75  TYR A N   1 
ATOM   581  C  CA  . TYR A 1 75  ? 2.114   6.795   -12.795 1.00 39.39 ? 75  TYR A CA  1 
ATOM   582  C  C   . TYR A 1 75  ? 3.382   6.434   -13.557 1.00 39.86 ? 75  TYR A C   1 
ATOM   583  O  O   . TYR A 1 75  ? 3.346   5.634   -14.493 1.00 39.32 ? 75  TYR A O   1 
ATOM   584  C  CB  . TYR A 1 75  ? 2.118   6.078   -11.443 1.00 39.54 ? 75  TYR A CB  1 
ATOM   585  C  CG  . TYR A 1 75  ? 2.696   4.689   -11.534 1.00 39.80 ? 75  TYR A CG  1 
ATOM   586  C  CD1 . TYR A 1 75  ? 3.982   4.411   -11.065 1.00 40.33 ? 75  TYR A CD1 1 
ATOM   587  C  CD2 . TYR A 1 75  ? 1.974   3.662   -12.136 1.00 40.12 ? 75  TYR A CD2 1 
ATOM   588  C  CE1 . TYR A 1 75  ? 4.531   3.135   -11.196 1.00 41.64 ? 75  TYR A CE1 1 
ATOM   589  C  CE2 . TYR A 1 75  ? 2.509   2.394   -12.275 1.00 41.80 ? 75  TYR A CE2 1 
ATOM   590  C  CZ  . TYR A 1 75  ? 3.783   2.135   -11.805 1.00 41.86 ? 75  TYR A CZ  1 
ATOM   591  O  OH  . TYR A 1 75  ? 4.294   0.868   -11.946 1.00 45.49 ? 75  TYR A OH  1 
ATOM   592  N  N   . SER A 1 76  ? 4.504   7.012   -13.144 1.00 41.90 ? 76  SER A N   1 
ATOM   593  C  CA  . SER A 1 76  ? 5.773   6.723   -13.795 1.00 44.45 ? 76  SER A CA  1 
ATOM   594  C  C   . SER A 1 76  ? 6.895   6.608   -12.776 1.00 46.09 ? 76  SER A C   1 
ATOM   595  O  O   . SER A 1 76  ? 6.893   7.292   -11.746 1.00 45.68 ? 76  SER A O   1 
ATOM   596  C  CB  . SER A 1 76  ? 6.118   7.816   -14.811 1.00 44.08 ? 76  SER A CB  1 
ATOM   597  O  OG  . SER A 1 76  ? 6.291   9.070   -14.174 1.00 44.52 ? 76  SER A OG  1 
ATOM   598  N  N   . CYS A 1 77  ? 7.849   5.730   -13.073 1.00 48.28 ? 77  CYS A N   1 
ATOM   599  C  CA  . CYS A 1 77  ? 8.999   5.513   -12.210 1.00 49.49 ? 77  CYS A CA  1 
ATOM   600  C  C   . CYS A 1 77  ? 10.265  6.050   -12.861 1.00 50.90 ? 77  CYS A C   1 
ATOM   601  O  O   . CYS A 1 77  ? 10.514  5.820   -14.042 1.00 49.91 ? 77  CYS A O   1 
ATOM   602  C  CB  . CYS A 1 77  ? 9.186   4.026   -11.925 1.00 49.40 ? 77  CYS A CB  1 
ATOM   603  S  SG  . CYS A 1 77  ? 10.634  3.673   -10.871 1.00 50.25 ? 77  CYS A SG  1 
ATOM   604  N  N   . SER A 1 78  ? 11.066  6.759   -12.076 1.00 52.79 ? 78  SER A N   1 
ATOM   605  C  CA  . SER A 1 78  ? 12.312  7.325   -12.565 1.00 54.71 ? 78  SER A CA  1 
ATOM   606  C  C   . SER A 1 78  ? 13.354  7.350   -11.449 1.00 55.27 ? 78  SER A C   1 
ATOM   607  O  O   . SER A 1 78  ? 13.325  8.224   -10.578 1.00 54.81 ? 78  SER A O   1 
ATOM   608  C  CB  . SER A 1 78  ? 12.079  8.741   -13.087 1.00 55.39 ? 78  SER A CB  1 
ATOM   609  O  OG  . SER A 1 78  ? 13.299  9.314   -13.530 1.00 59.98 ? 78  SER A OG  1 
ATOM   610  N  N   . ASN A 1 79  ? 14.267  6.383   -11.479 1.00 55.82 ? 79  ASN A N   1 
ATOM   611  C  CA  . ASN A 1 79  ? 15.325  6.285   -10.481 1.00 56.48 ? 79  ASN A CA  1 
ATOM   612  C  C   . ASN A 1 79  ? 14.797  6.293   -9.048  1.00 55.26 ? 79  ASN A C   1 
ATOM   613  O  O   . ASN A 1 79  ? 15.086  7.215   -8.282  1.00 54.17 ? 79  ASN A O   1 
ATOM   614  C  CB  . ASN A 1 79  ? 16.322  7.434   -10.658 1.00 58.49 ? 79  ASN A CB  1 
ATOM   615  C  CG  . ASN A 1 79  ? 16.935  7.459   -12.041 1.00 61.38 ? 79  ASN A CG  1 
ATOM   616  O  OD1 . ASN A 1 79  ? 17.455  6.448   -12.520 1.00 63.31 ? 79  ASN A OD1 1 
ATOM   617  N  ND2 . ASN A 1 79  ? 16.882  8.618   -12.693 1.00 62.34 ? 79  ASN A ND2 1 
ATOM   618  N  N   . THR A 1 80  ? 14.022  5.270   -8.694  1.00 54.84 ? 80  THR A N   1 
ATOM   619  C  CA  . THR A 1 80  ? 13.471  5.147   -7.345  1.00 54.47 ? 80  THR A CA  1 
ATOM   620  C  C   . THR A 1 80  ? 12.367  6.157   -7.034  1.00 53.45 ? 80  THR A C   1 
ATOM   621  O  O   . THR A 1 80  ? 11.626  5.995   -6.065  1.00 53.90 ? 80  THR A O   1 
ATOM   622  C  CB  . THR A 1 80  ? 14.604  5.279   -6.291  1.00 54.29 ? 80  THR A CB  1 
ATOM   623  O  OG1 . THR A 1 80  ? 15.462  4.138   -6.387  1.00 54.57 ? 80  THR A OG1 1 
ATOM   624  C  CG2 . THR A 1 80  ? 14.044  5.372   -4.876  1.00 56.46 ? 80  THR A CG2 1 
ATOM   625  N  N   . GLU A 1 81  ? 12.251  7.191   -7.861  1.00 52.58 ? 81  GLU A N   1 
ATOM   626  C  CA  . GLU A 1 81  ? 11.245  8.226   -7.659  1.00 51.11 ? 81  GLU A CA  1 
ATOM   627  C  C   . GLU A 1 81  ? 9.938   7.893   -8.376  1.00 48.22 ? 81  GLU A C   1 
ATOM   628  O  O   . GLU A 1 81  ? 9.926   7.614   -9.573  1.00 46.95 ? 81  GLU A O   1 
ATOM   629  C  CB  . GLU A 1 81  ? 11.790  9.566   -8.155  1.00 54.08 ? 81  GLU A CB  1 
ATOM   630  C  CG  . GLU A 1 81  ? 10.828  10.742  -8.058  1.00 59.38 ? 81  GLU A CG  1 
ATOM   631  C  CD  . GLU A 1 81  ? 10.439  11.080  -6.627  1.00 63.47 ? 81  GLU A CD  1 
ATOM   632  O  OE1 . GLU A 1 81  ? 11.324  11.025  -5.740  1.00 65.74 ? 81  GLU A OE1 1 
ATOM   633  O  OE2 . GLU A 1 81  ? 9.252   11.417  -6.393  1.00 64.34 ? 81  GLU A OE2 1 
ATOM   634  N  N   . ILE A 1 82  ? 8.840   7.926   -7.624  1.00 46.01 ? 82  ILE A N   1 
ATOM   635  C  CA  . ILE A 1 82  ? 7.509   7.637   -8.152  1.00 43.76 ? 82  ILE A CA  1 
ATOM   636  C  C   . ILE A 1 82  ? 6.759   8.936   -8.424  1.00 42.47 ? 82  ILE A C   1 
ATOM   637  O  O   . ILE A 1 82  ? 6.780   9.851   -7.605  1.00 41.30 ? 82  ILE A O   1 
ATOM   638  C  CB  . ILE A 1 82  ? 6.678   6.817   -7.138  1.00 43.21 ? 82  ILE A CB  1 
ATOM   639  C  CG1 . ILE A 1 82  ? 7.321   5.450   -6.917  1.00 42.87 ? 82  ILE A CG1 1 
ATOM   640  C  CG2 . ILE A 1 82  ? 5.249   6.660   -7.632  1.00 43.10 ? 82  ILE A CG2 1 
ATOM   641  C  CD1 . ILE A 1 82  ? 6.724   4.677   -5.761  1.00 42.03 ? 82  ILE A CD1 1 
ATOM   642  N  N   . THR A 1 83  ? 6.091   9.017   -9.570  1.00 41.51 ? 83  THR A N   1 
ATOM   643  C  CA  . THR A 1 83  ? 5.329   10.214  -9.895  1.00 41.03 ? 83  THR A CA  1 
ATOM   644  C  C   . THR A 1 83  ? 3.906   9.881   -10.344 1.00 41.73 ? 83  THR A C   1 
ATOM   645  O  O   . THR A 1 83  ? 3.706   9.119   -11.295 1.00 42.25 ? 83  THR A O   1 
ATOM   646  C  CB  . THR A 1 83  ? 6.015   11.034  -11.002 1.00 41.74 ? 83  THR A CB  1 
ATOM   647  O  OG1 . THR A 1 83  ? 7.315   11.440  -10.558 1.00 42.53 ? 83  THR A OG1 1 
ATOM   648  C  CG2 . THR A 1 83  ? 5.199   12.283  -11.326 1.00 42.34 ? 83  THR A CG2 1 
ATOM   649  N  N   . CYS A 1 84  ? 2.917   10.439  -9.647  1.00 40.46 ? 84  CYS A N   1 
ATOM   650  C  CA  . CYS A 1 84  ? 1.524   10.209  -10.015 1.00 38.97 ? 84  CYS A CA  1 
ATOM   651  C  C   . CYS A 1 84  ? 1.146   11.242  -11.061 1.00 38.93 ? 84  CYS A C   1 
ATOM   652  O  O   . CYS A 1 84  ? 1.328   12.440  -10.861 1.00 40.01 ? 84  CYS A O   1 
ATOM   653  C  CB  . CYS A 1 84  ? 0.600   10.306  -8.794  1.00 37.96 ? 84  CYS A CB  1 
ATOM   654  S  SG  . CYS A 1 84  ? 0.673   8.822   -7.735  1.00 38.18 ? 84  CYS A SG  1 
ATOM   655  N  N   . ASN A 1 85  ? 0.632   10.765  -12.189 1.00 38.29 ? 85  ASN A N   1 
ATOM   656  C  CA  . ASN A 1 85  ? 0.248   11.638  -13.280 1.00 36.24 ? 85  ASN A CA  1 
ATOM   657  C  C   . ASN A 1 85  ? -0.840  12.608  -12.863 1.00 36.43 ? 85  ASN A C   1 
ATOM   658  O  O   . ASN A 1 85  ? -1.887  12.201  -12.359 1.00 34.68 ? 85  ASN A O   1 
ATOM   659  C  CB  . ASN A 1 85  ? -0.237  10.816  -14.471 1.00 35.55 ? 85  ASN A CB  1 
ATOM   660  C  CG  . ASN A 1 85  ? -0.230  11.612  -15.752 1.00 33.84 ? 85  ASN A CG  1 
ATOM   661  O  OD1 . ASN A 1 85  ? -0.806  12.693  -15.821 1.00 34.75 ? 85  ASN A OD1 1 
ATOM   662  N  ND2 . ASN A 1 85  ? 0.430   11.087  -16.774 1.00 35.91 ? 85  ASN A ND2 1 
ATOM   663  N  N   . SER A 1 86  ? -0.594  13.893  -13.096 1.00 36.81 ? 86  SER A N   1 
ATOM   664  C  CA  . SER A 1 86  ? -1.551  14.937  -12.738 1.00 36.46 ? 86  SER A CA  1 
ATOM   665  C  C   . SER A 1 86  ? -2.887  14.778  -13.465 1.00 35.51 ? 86  SER A C   1 
ATOM   666  O  O   . SER A 1 86  ? -3.903  15.345  -13.053 1.00 33.48 ? 86  SER A O   1 
ATOM   667  C  CB  . SER A 1 86  ? -0.957  16.315  -13.048 1.00 36.64 ? 86  SER A CB  1 
ATOM   668  O  OG  . SER A 1 86  ? -0.633  16.430  -14.423 1.00 39.45 ? 86  SER A OG  1 
ATOM   669  N  N   . LYS A 1 87  ? -2.888  14.000  -14.540 1.00 34.93 ? 87  LYS A N   1 
ATOM   670  C  CA  . LYS A 1 87  ? -4.105  13.812  -15.306 1.00 34.62 ? 87  LYS A CA  1 
ATOM   671  C  C   . LYS A 1 87  ? -5.020  12.694  -14.797 1.00 34.20 ? 87  LYS A C   1 
ATOM   672  O  O   . LYS A 1 87  ? -6.061  12.425  -15.399 1.00 34.00 ? 87  LYS A O   1 
ATOM   673  C  CB  . LYS A 1 87  ? -3.756  13.627  -16.788 1.00 35.21 ? 87  LYS A CB  1 
ATOM   674  C  CG  . LYS A 1 87  ? -3.103  14.879  -17.392 1.00 34.09 ? 87  LYS A CG  1 
ATOM   675  C  CD  . LYS A 1 87  ? -2.855  14.768  -18.893 1.00 36.80 ? 87  LYS A CD  1 
ATOM   676  C  CE  . LYS A 1 87  ? -1.844  13.675  -19.237 1.00 39.04 ? 87  LYS A CE  1 
ATOM   677  N  NZ  . LYS A 1 87  ? -0.521  13.861  -18.565 1.00 42.18 ? 87  LYS A NZ  1 
ATOM   678  N  N   . ASN A 1 88  ? -4.642  12.039  -13.701 1.00 33.57 ? 88  ASN A N   1 
ATOM   679  C  CA  . ASN A 1 88  ? -5.510  11.007  -13.124 1.00 33.63 ? 88  ASN A CA  1 
ATOM   680  C  C   . ASN A 1 88  ? -6.725  11.780  -12.594 1.00 33.15 ? 88  ASN A C   1 
ATOM   681  O  O   . ASN A 1 88  ? -6.576  12.933  -12.168 1.00 31.44 ? 88  ASN A O   1 
ATOM   682  C  CB  . ASN A 1 88  ? -4.843  10.304  -11.932 1.00 33.08 ? 88  ASN A CB  1 
ATOM   683  C  CG  . ASN A 1 88  ? -3.670  9.433   -12.330 1.00 30.69 ? 88  ASN A CG  1 
ATOM   684  O  OD1 . ASN A 1 88  ? -3.695  8.773   -13.366 1.00 32.42 ? 88  ASN A OD1 1 
ATOM   685  N  ND2 . ASN A 1 88  ? -2.643  9.406   -11.486 1.00 29.90 ? 88  ASN A ND2 1 
ATOM   686  N  N   . ASN A 1 89  ? -7.917  11.184  -12.632 1.00 32.78 ? 89  ASN A N   1 
ATOM   687  C  CA  . ASN A 1 89  ? -9.076  11.893  -12.100 1.00 32.29 ? 89  ASN A CA  1 
ATOM   688  C  C   . ASN A 1 89  ? -8.966  11.874  -10.583 1.00 33.48 ? 89  ASN A C   1 
ATOM   689  O  O   . ASN A 1 89  ? -8.171  11.109  -10.021 1.00 33.61 ? 89  ASN A O   1 
ATOM   690  C  CB  . ASN A 1 89  ? -10.418 11.297  -12.594 1.00 32.11 ? 89  ASN A CB  1 
ATOM   691  C  CG  . ASN A 1 89  ? -10.663 9.850   -12.149 1.00 31.45 ? 89  ASN A CG  1 
ATOM   692  O  OD1 . ASN A 1 89  ? -10.995 8.991   -12.976 1.00 33.53 ? 89  ASN A OD1 1 
ATOM   693  N  ND2 . ASN A 1 89  ? -10.541 9.584   -10.856 1.00 29.40 ? 89  ASN A ND2 1 
ATOM   694  N  N   . ALA A 1 90  ? -9.734  12.734  -9.927  1.00 33.74 ? 90  ALA A N   1 
ATOM   695  C  CA  . ALA A 1 90  ? -9.699  12.851  -8.471  1.00 34.65 ? 90  ALA A CA  1 
ATOM   696  C  C   . ALA A 1 90  ? -9.641  11.527  -7.704  1.00 35.04 ? 90  ALA A C   1 
ATOM   697  O  O   . ALA A 1 90  ? -8.855  11.389  -6.773  1.00 36.22 ? 90  ALA A O   1 
ATOM   698  C  CB  . ALA A 1 90  ? -10.892 13.679  -7.989  1.00 35.19 ? 90  ALA A CB  1 
ATOM   699  N  N   . CYS A 1 91  ? -10.473 10.560  -8.086  1.00 35.39 ? 91  CYS A N   1 
ATOM   700  C  CA  . CYS A 1 91  ? -10.498 9.263   -7.404  1.00 36.13 ? 91  CYS A CA  1 
ATOM   701  C  C   . CYS A 1 91  ? -9.210  8.490   -7.665  1.00 35.58 ? 91  CYS A C   1 
ATOM   702  O  O   . CYS A 1 91  ? -8.596  7.942   -6.746  1.00 35.70 ? 91  CYS A O   1 
ATOM   703  C  CB  . CYS A 1 91  ? -11.703 8.441   -7.875  1.00 36.83 ? 91  CYS A CB  1 
ATOM   704  S  SG  . CYS A 1 91  ? -13.280 9.334   -7.691  1.00 40.82 ? 91  CYS A SG  1 
ATOM   705  N  N   . GLU A 1 92  ? -8.816  8.448   -8.934  1.00 34.31 ? 92  GLU A N   1 
ATOM   706  C  CA  . GLU A 1 92  ? -7.597  7.764   -9.341  1.00 32.79 ? 92  GLU A CA  1 
ATOM   707  C  C   . GLU A 1 92  ? -6.393  8.403   -8.653  1.00 31.62 ? 92  GLU A C   1 
ATOM   708  O  O   . GLU A 1 92  ? -5.503  7.703   -8.175  1.00 31.64 ? 92  GLU A O   1 
ATOM   709  C  CB  . GLU A 1 92  ? -7.438  7.843   -10.862 1.00 29.99 ? 92  GLU A CB  1 
ATOM   710  C  CG  . GLU A 1 92  ? -8.491  7.060   -11.623 1.00 28.79 ? 92  GLU A CG  1 
ATOM   711  C  CD  . GLU A 1 92  ? -8.498  7.368   -13.098 1.00 29.43 ? 92  GLU A CD  1 
ATOM   712  O  OE1 . GLU A 1 92  ? -9.050  6.561   -13.875 1.00 30.05 ? 92  GLU A OE1 1 
ATOM   713  O  OE2 . GLU A 1 92  ? -7.968  8.428   -13.490 1.00 32.08 ? 92  GLU A OE2 1 
ATOM   714  N  N   . ALA A 1 93  ? -6.379  9.733   -8.594  1.00 30.37 ? 93  ALA A N   1 
ATOM   715  C  CA  . ALA A 1 93  ? -5.274  10.446  -7.959  1.00 30.73 ? 93  ALA A CA  1 
ATOM   716  C  C   . ALA A 1 93  ? -5.185  10.079  -6.482  1.00 31.02 ? 93  ALA A C   1 
ATOM   717  O  O   . ALA A 1 93  ? -4.098  9.858   -5.948  1.00 30.07 ? 93  ALA A O   1 
ATOM   718  C  CB  . ALA A 1 93  ? -5.457  11.958  -8.124  1.00 29.31 ? 93  ALA A CB  1 
ATOM   719  N  N   . PHE A 1 94  ? -6.334  9.993   -5.824  1.00 33.14 ? 94  PHE A N   1 
ATOM   720  C  CA  . PHE A 1 94  ? -6.361  9.652   -4.408  1.00 33.41 ? 94  PHE A CA  1 
ATOM   721  C  C   . PHE A 1 94  ? -5.745  8.270   -4.191  1.00 32.60 ? 94  PHE A C   1 
ATOM   722  O  O   . PHE A 1 94  ? -4.929  8.079   -3.294  1.00 32.18 ? 94  PHE A O   1 
ATOM   723  C  CB  . PHE A 1 94  ? -7.803  9.685   -3.892  1.00 34.81 ? 94  PHE A CB  1 
ATOM   724  C  CG  . PHE A 1 94  ? -7.915  9.729   -2.393  1.00 38.16 ? 94  PHE A CG  1 
ATOM   725  C  CD1 . PHE A 1 94  ? -7.664  8.594   -1.624  1.00 39.96 ? 94  PHE A CD1 1 
ATOM   726  C  CD2 . PHE A 1 94  ? -8.286  10.910  -1.746  1.00 39.02 ? 94  PHE A CD2 1 
ATOM   727  C  CE1 . PHE A 1 94  ? -7.786  8.631   -0.224  1.00 40.73 ? 94  PHE A CE1 1 
ATOM   728  C  CE2 . PHE A 1 94  ? -8.411  10.958  -0.353  1.00 40.37 ? 94  PHE A CE2 1 
ATOM   729  C  CZ  . PHE A 1 94  ? -8.161  9.814   0.412   1.00 39.63 ? 94  PHE A CZ  1 
ATOM   730  N  N   . ILE A 1 95  ? -6.125  7.306   -5.022  1.00 33.45 ? 95  ILE A N   1 
ATOM   731  C  CA  . ILE A 1 95  ? -5.587  5.957   -4.887  1.00 33.00 ? 95  ILE A CA  1 
ATOM   732  C  C   . ILE A 1 95  ? -4.096  5.934   -5.214  1.00 33.76 ? 95  ILE A C   1 
ATOM   733  O  O   . ILE A 1 95  ? -3.308  5.290   -4.514  1.00 33.20 ? 95  ILE A O   1 
ATOM   734  C  CB  . ILE A 1 95  ? -6.337  4.954   -5.811  1.00 32.93 ? 95  ILE A CB  1 
ATOM   735  C  CG1 . ILE A 1 95  ? -7.828  4.941   -5.453  1.00 32.24 ? 95  ILE A CG1 1 
ATOM   736  C  CG2 . ILE A 1 95  ? -5.739  3.549   -5.671  1.00 29.26 ? 95  ILE A CG2 1 
ATOM   737  C  CD1 . ILE A 1 95  ? -8.110  4.789   -3.949  1.00 32.42 ? 95  ILE A CD1 1 
ATOM   738  N  N   . CYS A 1 96  ? -3.716  6.645   -6.272  1.00 33.45 ? 96  CYS A N   1 
ATOM   739  C  CA  . CYS A 1 96  ? -2.324  6.706   -6.693  1.00 34.17 ? 96  CYS A CA  1 
ATOM   740  C  C   . CYS A 1 96  ? -1.438  7.218   -5.557  1.00 34.37 ? 96  CYS A C   1 
ATOM   741  O  O   . CYS A 1 96  ? -0.340  6.711   -5.323  1.00 33.46 ? 96  CYS A O   1 
ATOM   742  C  CB  . CYS A 1 96  ? -2.165  7.626   -7.913  1.00 35.31 ? 96  CYS A CB  1 
ATOM   743  S  SG  . CYS A 1 96  ? -0.521  7.454   -8.683  1.00 35.41 ? 96  CYS A SG  1 
ATOM   744  N  N   . ASN A 1 97  ? -1.918  8.236   -4.856  1.00 34.69 ? 97  ASN A N   1 
ATOM   745  C  CA  . ASN A 1 97  ? -1.155  8.784   -3.751  1.00 35.84 ? 97  ASN A CA  1 
ATOM   746  C  C   . ASN A 1 97  ? -1.103  7.825   -2.567  1.00 35.18 ? 97  ASN A C   1 
ATOM   747  O  O   . ASN A 1 97  ? -0.073  7.725   -1.899  1.00 34.34 ? 97  ASN A O   1 
ATOM   748  C  CB  . ASN A 1 97  ? -1.716  10.149  -3.351  1.00 37.00 ? 97  ASN A CB  1 
ATOM   749  C  CG  . ASN A 1 97  ? -1.295  11.243  -4.322  1.00 38.62 ? 97  ASN A CG  1 
ATOM   750  O  OD1 . ASN A 1 97  ? -0.108  11.462  -4.530  1.00 40.05 ? 97  ASN A OD1 1 
ATOM   751  N  ND2 . ASN A 1 97  ? -2.264  11.917  -4.928  1.00 38.60 ? 97  ASN A ND2 1 
ATOM   752  N  N   . CYS A 1 98  ? -2.194  7.109   -2.307  1.00 35.47 ? 98  CYS A N   1 
ATOM   753  C  CA  . CYS A 1 98  ? -2.180  6.146   -1.207  1.00 36.32 ? 98  CYS A CA  1 
ATOM   754  C  C   . CYS A 1 98  ? -1.056  5.142   -1.477  1.00 36.81 ? 98  CYS A C   1 
ATOM   755  O  O   . CYS A 1 98  ? -0.234  4.861   -0.597  1.00 36.18 ? 98  CYS A O   1 
ATOM   756  C  CB  . CYS A 1 98  ? -3.489  5.356   -1.117  1.00 35.81 ? 98  CYS A CB  1 
ATOM   757  S  SG  . CYS A 1 98  ? -4.978  6.231   -0.555  1.00 37.73 ? 98  CYS A SG  1 
ATOM   758  N  N   . ASP A 1 99  ? -1.034  4.607   -2.700  1.00 35.33 ? 99  ASP A N   1 
ATOM   759  C  CA  . ASP A 1 99  ? -0.028  3.621   -3.092  1.00 35.67 ? 99  ASP A CA  1 
ATOM   760  C  C   . ASP A 1 99  ? 1.383   4.216   -3.057  1.00 36.37 ? 99  ASP A C   1 
ATOM   761  O  O   . ASP A 1 99  ? 2.312   3.602   -2.534  1.00 36.01 ? 99  ASP A O   1 
ATOM   762  C  CB  . ASP A 1 99  ? -0.323  3.066   -4.494  1.00 35.27 ? 99  ASP A CB  1 
ATOM   763  C  CG  . ASP A 1 99  ? -1.615  2.247   -4.555  1.00 36.95 ? 99  ASP A CG  1 
ATOM   764  O  OD1 . ASP A 1 99  ? -1.938  1.725   -5.647  1.00 38.49 ? 99  ASP A OD1 1 
ATOM   765  O  OD2 . ASP A 1 99  ? -2.309  2.122   -3.526  1.00 36.11 ? 99  ASP A OD2 1 
ATOM   766  N  N   . ARG A 1 100 ? 1.532   5.415   -3.606  1.00 37.59 ? 100 ARG A N   1 
ATOM   767  C  CA  . ARG A 1 100 ? 2.828   6.085   -3.629  1.00 38.30 ? 100 ARG A CA  1 
ATOM   768  C  C   . ARG A 1 100 ? 3.375   6.343   -2.225  1.00 38.04 ? 100 ARG A C   1 
ATOM   769  O  O   . ARG A 1 100 ? 4.544   6.087   -1.956  1.00 39.04 ? 100 ARG A O   1 
ATOM   770  C  CB  . ARG A 1 100 ? 2.724   7.411   -4.383  1.00 38.89 ? 100 ARG A CB  1 
ATOM   771  C  CG  . ARG A 1 100 ? 3.966   8.277   -4.263  1.00 40.32 ? 100 ARG A CG  1 
ATOM   772  C  CD  . ARG A 1 100 ? 3.924   9.460   -5.211  1.00 41.86 ? 100 ARG A CD  1 
ATOM   773  N  NE  . ARG A 1 100 ? 5.187   10.190  -5.172  1.00 44.08 ? 100 ARG A NE  1 
ATOM   774  C  CZ  . ARG A 1 100 ? 5.554   11.003  -4.184  1.00 43.65 ? 100 ARG A CZ  1 
ATOM   775  N  NH1 . ARG A 1 100 ? 4.744   11.198  -3.151  1.00 42.77 ? 100 ARG A NH1 1 
ATOM   776  N  NH2 . ARG A 1 100 ? 6.736   11.607  -4.224  1.00 42.84 ? 100 ARG A NH2 1 
ATOM   777  N  N   . ASN A 1 101 ? 2.535   6.861   -1.335  1.00 37.41 ? 101 ASN A N   1 
ATOM   778  C  CA  . ASN A 1 101 ? 2.971   7.134   0.028   1.00 37.15 ? 101 ASN A CA  1 
ATOM   779  C  C   . ASN A 1 101 ? 3.345   5.835   0.734   1.00 37.41 ? 101 ASN A C   1 
ATOM   780  O  O   . ASN A 1 101 ? 4.273   5.802   1.546   1.00 37.33 ? 101 ASN A O   1 
ATOM   781  C  CB  . ASN A 1 101 ? 1.872   7.858   0.817   1.00 36.20 ? 101 ASN A CB  1 
ATOM   782  C  CG  . ASN A 1 101 ? 1.626   9.272   0.306   1.00 39.75 ? 101 ASN A CG  1 
ATOM   783  O  OD1 . ASN A 1 101 ? 2.530   9.912   -0.229  1.00 41.48 ? 101 ASN A OD1 1 
ATOM   784  N  ND2 . ASN A 1 101 ? 0.407   9.769   0.485   1.00 37.54 ? 101 ASN A ND2 1 
ATOM   785  N  N   . ALA A 1 102 ? 2.620   4.767   0.418   1.00 35.81 ? 102 ALA A N   1 
ATOM   786  C  CA  . ALA A 1 102 ? 2.889   3.477   1.027   1.00 37.65 ? 102 ALA A CA  1 
ATOM   787  C  C   . ALA A 1 102 ? 4.216   2.931   0.522   1.00 39.00 ? 102 ALA A C   1 
ATOM   788  O  O   . ALA A 1 102 ? 5.025   2.441   1.307   1.00 38.41 ? 102 ALA A O   1 
ATOM   789  C  CB  . ALA A 1 102 ? 1.769   2.497   0.710   1.00 37.55 ? 102 ALA A CB  1 
ATOM   790  N  N   . ALA A 1 103 ? 4.437   3.017   -0.789  1.00 40.18 ? 103 ALA A N   1 
ATOM   791  C  CA  . ALA A 1 103 ? 5.677   2.521   -1.379  1.00 41.05 ? 103 ALA A CA  1 
ATOM   792  C  C   . ALA A 1 103 ? 6.879   3.242   -0.772  1.00 41.45 ? 103 ALA A C   1 
ATOM   793  O  O   . ALA A 1 103 ? 7.883   2.620   -0.444  1.00 42.10 ? 103 ALA A O   1 
ATOM   794  C  CB  . ALA A 1 103 ? 5.657   2.713   -2.899  1.00 39.62 ? 103 ALA A CB  1 
ATOM   795  N  N   . ILE A 1 104 ? 6.770   4.557   -0.626  1.00 41.75 ? 104 ILE A N   1 
ATOM   796  C  CA  . ILE A 1 104 ? 7.849   5.348   -0.054  1.00 43.39 ? 104 ILE A CA  1 
ATOM   797  C  C   . ILE A 1 104 ? 8.042   4.995   1.419   1.00 44.49 ? 104 ILE A C   1 
ATOM   798  O  O   . ILE A 1 104 ? 9.171   4.853   1.890   1.00 46.21 ? 104 ILE A O   1 
ATOM   799  C  CB  . ILE A 1 104 ? 7.547   6.852   -0.179  1.00 43.05 ? 104 ILE A CB  1 
ATOM   800  C  CG1 . ILE A 1 104 ? 7.601   7.269   -1.651  1.00 41.76 ? 104 ILE A CG1 1 
ATOM   801  C  CG2 . ILE A 1 104 ? 8.531   7.660   0.663   1.00 44.02 ? 104 ILE A CG2 1 
ATOM   802  C  CD1 . ILE A 1 104 ? 7.024   8.641   -1.923  1.00 39.01 ? 104 ILE A CD1 1 
ATOM   803  N  N   . CYS A 1 105 ? 6.933   4.860   2.140   1.00 43.67 ? 105 CYS A N   1 
ATOM   804  C  CA  . CYS A 1 105 ? 6.971   4.520   3.558   1.00 43.69 ? 105 CYS A CA  1 
ATOM   805  C  C   . CYS A 1 105 ? 7.693   3.180   3.729   1.00 43.59 ? 105 CYS A C   1 
ATOM   806  O  O   . CYS A 1 105 ? 8.500   3.012   4.639   1.00 44.20 ? 105 CYS A O   1 
ATOM   807  C  CB  . CYS A 1 105 ? 5.537   4.452   4.100   1.00 43.27 ? 105 CYS A CB  1 
ATOM   808  S  SG  . CYS A 1 105 ? 5.294   4.345   5.912   1.00 43.33 ? 105 CYS A SG  1 
ATOM   809  N  N   . PHE A 1 106 ? 7.412   2.235   2.836   1.00 43.92 ? 106 PHE A N   1 
ATOM   810  C  CA  . PHE A 1 106 ? 8.043   0.919   2.880   1.00 45.19 ? 106 PHE A CA  1 
ATOM   811  C  C   . PHE A 1 106 ? 9.557   1.038   2.701   1.00 46.40 ? 106 PHE A C   1 
ATOM   812  O  O   . PHE A 1 106 ? 10.334  0.367   3.387   1.00 46.56 ? 106 PHE A O   1 
ATOM   813  C  CB  . PHE A 1 106 ? 7.511   0.020   1.752   1.00 45.32 ? 106 PHE A CB  1 
ATOM   814  C  CG  . PHE A 1 106 ? 6.113   -0.510  1.967   1.00 45.06 ? 106 PHE A CG  1 
ATOM   815  C  CD1 . PHE A 1 106 ? 5.287   -0.004  2.967   1.00 45.10 ? 106 PHE A CD1 1 
ATOM   816  C  CD2 . PHE A 1 106 ? 5.607   -1.500  1.122   1.00 45.12 ? 106 PHE A CD2 1 
ATOM   817  C  CE1 . PHE A 1 106 ? 3.978   -0.475  3.118   1.00 43.35 ? 106 PHE A CE1 1 
ATOM   818  C  CE2 . PHE A 1 106 ? 4.304   -1.975  1.265   1.00 45.06 ? 106 PHE A CE2 1 
ATOM   819  C  CZ  . PHE A 1 106 ? 3.489   -1.461  2.265   1.00 43.68 ? 106 PHE A CZ  1 
ATOM   820  N  N   . SER A 1 107 ? 9.972   1.889   1.769   1.00 46.62 ? 107 SER A N   1 
ATOM   821  C  CA  . SER A 1 107 ? 11.387  2.058   1.471   1.00 47.69 ? 107 SER A CA  1 
ATOM   822  C  C   . SER A 1 107 ? 12.203  2.679   2.596   1.00 48.16 ? 107 SER A C   1 
ATOM   823  O  O   . SER A 1 107 ? 13.428  2.596   2.584   1.00 48.51 ? 107 SER A O   1 
ATOM   824  C  CB  . SER A 1 107 ? 11.571  2.899   0.203   1.00 46.86 ? 107 SER A CB  1 
ATOM   825  O  OG  . SER A 1 107 ? 11.465  4.283   0.487   1.00 47.28 ? 107 SER A OG  1 
ATOM   826  N  N   . LYS A 1 108 ? 11.537  3.297   3.563   1.00 48.94 ? 108 LYS A N   1 
ATOM   827  C  CA  . LYS A 1 108 ? 12.253  3.926   4.665   1.00 49.98 ? 108 LYS A CA  1 
ATOM   828  C  C   . LYS A 1 108 ? 12.035  3.251   6.016   1.00 50.34 ? 108 LYS A C   1 
ATOM   829  O  O   . LYS A 1 108 ? 12.570  3.705   7.028   1.00 51.03 ? 108 LYS A O   1 
ATOM   830  C  CB  . LYS A 1 108 ? 11.869  5.406   4.755   1.00 51.34 ? 108 LYS A CB  1 
ATOM   831  C  CG  . LYS A 1 108 ? 12.302  6.214   3.540   1.00 54.72 ? 108 LYS A CG  1 
ATOM   832  C  CD  . LYS A 1 108 ? 11.881  7.674   3.629   1.00 58.45 ? 108 LYS A CD  1 
ATOM   833  C  CE  . LYS A 1 108 ? 12.556  8.375   4.799   1.00 62.50 ? 108 LYS A CE  1 
ATOM   834  N  NZ  . LYS A 1 108 ? 12.254  9.837   4.824   1.00 65.45 ? 108 LYS A NZ  1 
ATOM   835  N  N   . ALA A 1 109 ? 11.268  2.165   6.038   1.00 49.24 ? 109 ALA A N   1 
ATOM   836  C  CA  . ALA A 1 109 ? 10.994  1.460   7.287   1.00 48.76 ? 109 ALA A CA  1 
ATOM   837  C  C   . ALA A 1 109 ? 11.841  0.207   7.467   1.00 49.01 ? 109 ALA A C   1 
ATOM   838  O  O   . ALA A 1 109 ? 12.037  -0.563  6.525   1.00 50.11 ? 109 ALA A O   1 
ATOM   839  C  CB  . ALA A 1 109 ? 9.520   1.096   7.365   1.00 47.20 ? 109 ALA A CB  1 
ATOM   840  N  N   . PRO A 1 110 ? 12.368  -0.008  8.683   1.00 48.42 ? 110 PRO A N   1 
ATOM   841  C  CA  . PRO A 1 110 ? 13.191  -1.191  8.950   1.00 47.86 ? 110 PRO A CA  1 
ATOM   842  C  C   . PRO A 1 110 ? 12.406  -2.460  8.633   1.00 47.75 ? 110 PRO A C   1 
ATOM   843  O  O   . PRO A 1 110 ? 11.196  -2.512  8.836   1.00 48.69 ? 110 PRO A O   1 
ATOM   844  C  CB  . PRO A 1 110 ? 13.494  -1.067  10.439  1.00 47.23 ? 110 PRO A CB  1 
ATOM   845  C  CG  . PRO A 1 110 ? 13.543  0.411   10.641  1.00 47.79 ? 110 PRO A CG  1 
ATOM   846  C  CD  . PRO A 1 110 ? 12.353  0.895   9.848   1.00 47.69 ? 110 PRO A CD  1 
ATOM   847  N  N   . TYR A 1 111 ? 13.087  -3.479  8.131   1.00 47.24 ? 111 TYR A N   1 
ATOM   848  C  CA  . TYR A 1 111 ? 12.407  -4.720  7.815   1.00 47.48 ? 111 TYR A CA  1 
ATOM   849  C  C   . TYR A 1 111 ? 12.804  -5.775  8.835   1.00 49.13 ? 111 TYR A C   1 
ATOM   850  O  O   . TYR A 1 111 ? 13.893  -6.348  8.768   1.00 49.51 ? 111 TYR A O   1 
ATOM   851  C  CB  . TYR A 1 111 ? 12.757  -5.184  6.396   1.00 45.43 ? 111 TYR A CB  1 
ATOM   852  C  CG  . TYR A 1 111 ? 11.916  -6.354  5.936   1.00 45.67 ? 111 TYR A CG  1 
ATOM   853  C  CD1 . TYR A 1 111 ? 12.202  -7.658  6.354   1.00 45.02 ? 111 TYR A CD1 1 
ATOM   854  C  CD2 . TYR A 1 111 ? 10.784  -6.150  5.146   1.00 44.08 ? 111 TYR A CD2 1 
ATOM   855  C  CE1 . TYR A 1 111 ? 11.376  -8.722  6.003   1.00 44.54 ? 111 TYR A CE1 1 
ATOM   856  C  CE2 . TYR A 1 111 ? 9.952   -7.209  4.790   1.00 42.46 ? 111 TYR A CE2 1 
ATOM   857  C  CZ  . TYR A 1 111 ? 10.249  -8.488  5.221   1.00 43.47 ? 111 TYR A CZ  1 
ATOM   858  O  OH  . TYR A 1 111 ? 9.409   -9.527  4.888   1.00 43.70 ? 111 TYR A OH  1 
ATOM   859  N  N   . ASN A 1 112 ? 11.912  -6.028  9.782   1.00 50.36 ? 112 ASN A N   1 
ATOM   860  C  CA  . ASN A 1 112 ? 12.164  -7.008  10.827  1.00 52.05 ? 112 ASN A CA  1 
ATOM   861  C  C   . ASN A 1 112 ? 11.646  -8.377  10.417  1.00 52.97 ? 112 ASN A C   1 
ATOM   862  O  O   . ASN A 1 112 ? 10.442  -8.623  10.438  1.00 53.38 ? 112 ASN A O   1 
ATOM   863  C  CB  . ASN A 1 112 ? 11.493  -6.563  12.123  1.00 52.77 ? 112 ASN A CB  1 
ATOM   864  C  CG  . ASN A 1 112 ? 11.903  -5.167  12.532  1.00 54.51 ? 112 ASN A CG  1 
ATOM   865  O  OD1 . ASN A 1 112 ? 13.092  -4.863  12.609  1.00 57.30 ? 112 ASN A OD1 1 
ATOM   866  N  ND2 . ASN A 1 112 ? 10.924  -4.308  12.795  1.00 55.42 ? 112 ASN A ND2 1 
ATOM   867  N  N   . LYS A 1 113 ? 12.560  -9.267  10.049  1.00 54.09 ? 113 LYS A N   1 
ATOM   868  C  CA  . LYS A 1 113 ? 12.183  -10.609 9.627   1.00 55.86 ? 113 LYS A CA  1 
ATOM   869  C  C   . LYS A 1 113 ? 11.343  -11.341 10.665  1.00 55.85 ? 113 LYS A C   1 
ATOM   870  O  O   . LYS A 1 113 ? 10.546  -12.209 10.315  1.00 55.58 ? 113 LYS A O   1 
ATOM   871  C  CB  . LYS A 1 113 ? 13.430  -11.440 9.306   1.00 57.55 ? 113 LYS A CB  1 
ATOM   872  C  CG  . LYS A 1 113 ? 14.210  -10.966 8.092   1.00 60.61 ? 113 LYS A CG  1 
ATOM   873  C  CD  . LYS A 1 113 ? 15.338  -11.932 7.750   1.00 63.03 ? 113 LYS A CD  1 
ATOM   874  C  CE  . LYS A 1 113 ? 16.080  -11.501 6.492   1.00 64.43 ? 113 LYS A CE  1 
ATOM   875  N  NZ  . LYS A 1 113 ? 17.168  -12.459 6.136   1.00 66.16 ? 113 LYS A NZ  1 
ATOM   876  N  N   . GLU A 1 114 ? 11.511  -10.997 11.938  1.00 55.87 ? 114 GLU A N   1 
ATOM   877  C  CA  . GLU A 1 114 ? 10.750  -11.662 12.988  1.00 56.55 ? 114 GLU A CA  1 
ATOM   878  C  C   . GLU A 1 114 ? 9.255   -11.354 12.912  1.00 55.93 ? 114 GLU A C   1 
ATOM   879  O  O   . GLU A 1 114 ? 8.438   -12.090 13.472  1.00 55.70 ? 114 GLU A O   1 
ATOM   880  C  CB  . GLU A 1 114 ? 11.280  -11.282 14.379  1.00 58.35 ? 114 GLU A CB  1 
ATOM   881  C  CG  . GLU A 1 114 ? 11.071  -9.829  14.774  1.00 61.17 ? 114 GLU A CG  1 
ATOM   882  C  CD  . GLU A 1 114 ? 12.255  -8.946  14.426  1.00 62.62 ? 114 GLU A CD  1 
ATOM   883  O  OE1 . GLU A 1 114 ? 12.704  -8.974  13.259  1.00 63.16 ? 114 GLU A OE1 1 
ATOM   884  O  OE2 . GLU A 1 114 ? 12.733  -8.220  15.326  1.00 63.61 ? 114 GLU A OE2 1 
ATOM   885  N  N   . HIS A 1 115 ? 8.895   -10.276 12.217  1.00 54.46 ? 115 HIS A N   1 
ATOM   886  C  CA  . HIS A 1 115 ? 7.492   -9.892  12.087  1.00 52.70 ? 115 HIS A CA  1 
ATOM   887  C  C   . HIS A 1 115 ? 6.847   -10.450 10.824  1.00 52.74 ? 115 HIS A C   1 
ATOM   888  O  O   . HIS A 1 115 ? 5.669   -10.212 10.559  1.00 51.07 ? 115 HIS A O   1 
ATOM   889  C  CB  . HIS A 1 115 ? 7.350   -8.367  12.107  1.00 51.75 ? 115 HIS A CB  1 
ATOM   890  C  CG  . HIS A 1 115 ? 7.796   -7.735  13.389  1.00 51.36 ? 115 HIS A CG  1 
ATOM   891  N  ND1 . HIS A 1 115 ? 7.480   -8.256  14.625  1.00 51.63 ? 115 HIS A ND1 1 
ATOM   892  C  CD2 . HIS A 1 115 ? 8.504   -6.607  13.628  1.00 51.75 ? 115 HIS A CD2 1 
ATOM   893  C  CE1 . HIS A 1 115 ? 7.974   -7.477  15.569  1.00 51.91 ? 115 HIS A CE1 1 
ATOM   894  N  NE2 . HIS A 1 115 ? 8.599   -6.468  14.991  1.00 52.02 ? 115 HIS A NE2 1 
ATOM   895  N  N   . LYS A 1 116 ? 7.624   -11.198 10.050  1.00 53.39 ? 116 LYS A N   1 
ATOM   896  C  CA  . LYS A 1 116 ? 7.125   -11.799 8.819   1.00 55.12 ? 116 LYS A CA  1 
ATOM   897  C  C   . LYS A 1 116 ? 6.272   -13.014 9.178   1.00 54.98 ? 116 LYS A C   1 
ATOM   898  O  O   . LYS A 1 116 ? 6.653   -13.817 10.031  1.00 55.75 ? 116 LYS A O   1 
ATOM   899  C  CB  . LYS A 1 116 ? 8.303   -12.227 7.937   1.00 56.59 ? 116 LYS A CB  1 
ATOM   900  C  CG  . LYS A 1 116 ? 7.998   -12.318 6.450   1.00 59.19 ? 116 LYS A CG  1 
ATOM   901  C  CD  . LYS A 1 116 ? 7.018   -13.433 6.127   1.00 61.77 ? 116 LYS A CD  1 
ATOM   902  C  CE  . LYS A 1 116 ? 6.640   -13.402 4.654   1.00 63.31 ? 116 LYS A CE  1 
ATOM   903  N  NZ  . LYS A 1 116 ? 6.051   -12.090 4.263   1.00 63.96 ? 116 LYS A NZ  1 
ATOM   904  N  N   . ASN A 1 117 ? 5.118   -13.144 8.539   1.00 55.11 ? 117 ASN A N   1 
ATOM   905  C  CA  . ASN A 1 117 ? 4.228   -14.269 8.801   1.00 56.90 ? 117 ASN A CA  1 
ATOM   906  C  C   . ASN A 1 117 ? 4.031   -14.446 10.310  1.00 56.42 ? 117 ASN A C   1 
ATOM   907  O  O   . ASN A 1 117 ? 4.254   -15.522 10.865  1.00 56.19 ? 117 ASN A O   1 
ATOM   908  C  CB  . ASN A 1 117 ? 4.814   -15.546 8.191   1.00 59.54 ? 117 ASN A CB  1 
ATOM   909  C  CG  . ASN A 1 117 ? 3.750   -16.565 7.852   1.00 62.06 ? 117 ASN A CG  1 
ATOM   910  O  OD1 . ASN A 1 117 ? 3.043   -17.062 8.733   1.00 63.94 ? 117 ASN A OD1 1 
ATOM   911  N  ND2 . ASN A 1 117 ? 3.621   -16.878 6.564   1.00 63.88 ? 117 ASN A ND2 1 
ATOM   912  N  N   . LEU A 1 118 ? 3.610   -13.364 10.956  1.00 55.69 ? 118 LEU A N   1 
ATOM   913  C  CA  . LEU A 1 118 ? 3.373   -13.314 12.395  1.00 54.86 ? 118 LEU A CA  1 
ATOM   914  C  C   . LEU A 1 118 ? 2.068   -14.012 12.788  1.00 54.16 ? 118 LEU A C   1 
ATOM   915  O  O   . LEU A 1 118 ? 1.131   -14.082 11.996  1.00 53.41 ? 118 LEU A O   1 
ATOM   916  C  CB  . LEU A 1 118 ? 3.333   -11.843 12.824  1.00 55.77 ? 118 LEU A CB  1 
ATOM   917  C  CG  . LEU A 1 118 ? 3.106   -11.447 14.278  1.00 56.66 ? 118 LEU A CG  1 
ATOM   918  C  CD1 . LEU A 1 118 ? 4.240   -11.973 15.137  1.00 58.00 ? 118 LEU A CD1 1 
ATOM   919  C  CD2 . LEU A 1 118 ? 3.029   -9.933  14.377  1.00 56.60 ? 118 LEU A CD2 1 
ATOM   920  N  N   . ASP A 1 119 ? 2.010   -14.530 14.012  1.00 53.87 ? 119 ASP A N   1 
ATOM   921  C  CA  . ASP A 1 119 ? 0.803   -15.202 14.492  1.00 53.78 ? 119 ASP A CA  1 
ATOM   922  C  C   . ASP A 1 119 ? -0.200  -14.124 14.891  1.00 53.74 ? 119 ASP A C   1 
ATOM   923  O  O   . ASP A 1 119 ? -0.352  -13.800 16.072  1.00 53.48 ? 119 ASP A O   1 
ATOM   924  C  CB  . ASP A 1 119 ? 1.125   -16.097 15.692  1.00 53.70 ? 119 ASP A CB  1 
ATOM   925  C  CG  . ASP A 1 119 ? -0.073  -16.918 16.146  1.00 54.93 ? 119 ASP A CG  1 
ATOM   926  O  OD1 . ASP A 1 119 ? 0.111   -17.815 16.996  1.00 56.25 ? 119 ASP A OD1 1 
ATOM   927  O  OD2 . ASP A 1 119 ? -1.197  -16.668 15.658  1.00 54.07 ? 119 ASP A OD2 1 
ATOM   928  N  N   . THR A 1 120 ? -0.880  -13.571 13.893  1.00 53.49 ? 120 THR A N   1 
ATOM   929  C  CA  . THR A 1 120 ? -1.844  -12.501 14.108  1.00 52.80 ? 120 THR A CA  1 
ATOM   930  C  C   . THR A 1 120 ? -2.883  -12.813 15.176  1.00 53.28 ? 120 THR A C   1 
ATOM   931  O  O   . THR A 1 120 ? -3.216  -11.953 15.991  1.00 53.65 ? 120 THR A O   1 
ATOM   932  C  CB  . THR A 1 120 ? -2.571  -12.139 12.795  1.00 51.46 ? 120 THR A CB  1 
ATOM   933  O  OG1 . THR A 1 120 ? -3.400  -13.230 12.388  1.00 50.47 ? 120 THR A OG1 1 
ATOM   934  C  CG2 . THR A 1 120 ? -1.565  -11.851 11.695  1.00 49.56 ? 120 THR A CG2 1 
ATOM   935  N  N   . LYS A 1 121 ? -3.390  -14.042 15.175  1.00 53.75 ? 121 LYS A N   1 
ATOM   936  C  CA  . LYS A 1 121 ? -4.405  -14.455 16.142  1.00 54.29 ? 121 LYS A CA  1 
ATOM   937  C  C   . LYS A 1 121 ? -3.994  -14.196 17.592  1.00 53.07 ? 121 LYS A C   1 
ATOM   938  O  O   . LYS A 1 121 ? -4.846  -14.057 18.470  1.00 52.55 ? 121 LYS A O   1 
ATOM   939  C  CB  . LYS A 1 121 ? -4.731  -15.943 15.960  1.00 56.97 ? 121 LYS A CB  1 
ATOM   940  C  CG  . LYS A 1 121 ? -5.758  -16.482 16.948  1.00 59.44 ? 121 LYS A CG  1 
ATOM   941  C  CD  . LYS A 1 121 ? -6.081  -17.947 16.678  1.00 62.96 ? 121 LYS A CD  1 
ATOM   942  C  CE  . LYS A 1 121 ? -7.120  -18.482 17.667  1.00 64.41 ? 121 LYS A CE  1 
ATOM   943  N  NZ  . LYS A 1 121 ? -7.522  -19.896 17.368  1.00 67.01 ? 121 LYS A NZ  1 
ATOM   944  N  N   . LYS A 1 122 ? -2.691  -14.129 17.839  1.00 51.80 ? 122 LYS A N   1 
ATOM   945  C  CA  . LYS A 1 122 ? -2.196  -13.892 19.187  1.00 50.90 ? 122 LYS A CA  1 
ATOM   946  C  C   . LYS A 1 122 ? -1.659  -12.488 19.420  1.00 49.92 ? 122 LYS A C   1 
ATOM   947  O  O   . LYS A 1 122 ? -1.938  -11.875 20.448  1.00 49.17 ? 122 LYS A O   1 
ATOM   948  C  CB  . LYS A 1 122 ? -1.081  -14.885 19.533  1.00 51.91 ? 122 LYS A CB  1 
ATOM   949  C  CG  . LYS A 1 122 ? -1.530  -16.323 19.689  1.00 53.53 ? 122 LYS A CG  1 
ATOM   950  C  CD  . LYS A 1 122 ? -0.406  -17.185 20.251  1.00 55.58 ? 122 LYS A CD  1 
ATOM   951  C  CE  . LYS A 1 122 ? -0.873  -18.623 20.457  1.00 57.25 ? 122 LYS A CE  1 
ATOM   952  N  NZ  . LYS A 1 122 ? 0.122   -19.447 21.210  1.00 58.60 ? 122 LYS A NZ  1 
ATOM   953  N  N   . TYR A 1 123 ? -0.904  -11.972 18.458  1.00 49.21 ? 123 TYR A N   1 
ATOM   954  C  CA  . TYR A 1 123 ? -0.270  -10.670 18.617  1.00 47.80 ? 123 TYR A CA  1 
ATOM   955  C  C   . TYR A 1 123 ? -0.876  -9.465  17.914  1.00 45.31 ? 123 TYR A C   1 
ATOM   956  O  O   . TYR A 1 123 ? -0.284  -8.382  17.900  1.00 44.19 ? 123 TYR A O   1 
ATOM   957  C  CB  . TYR A 1 123 ? 1.203   -10.819 18.243  1.00 51.43 ? 123 TYR A CB  1 
ATOM   958  C  CG  . TYR A 1 123 ? 1.838   -12.007 18.935  1.00 55.13 ? 123 TYR A CG  1 
ATOM   959  C  CD1 . TYR A 1 123 ? 1.807   -12.120 20.328  1.00 56.92 ? 123 TYR A CD1 1 
ATOM   960  C  CD2 . TYR A 1 123 ? 2.444   -13.033 18.203  1.00 57.06 ? 123 TYR A CD2 1 
ATOM   961  C  CE1 . TYR A 1 123 ? 2.359   -13.222 20.979  1.00 58.88 ? 123 TYR A CE1 1 
ATOM   962  C  CE2 . TYR A 1 123 ? 3.001   -14.145 18.845  1.00 59.01 ? 123 TYR A CE2 1 
ATOM   963  C  CZ  . TYR A 1 123 ? 2.955   -14.230 20.235  1.00 59.86 ? 123 TYR A CZ  1 
ATOM   964  O  OH  . TYR A 1 123 ? 3.504   -15.313 20.888  1.00 61.21 ? 123 TYR A OH  1 
ATOM   965  N  N   . CYS A 1 124 ? -2.063  -9.633  17.350  1.00 43.19 ? 124 CYS A N   1 
ATOM   966  C  CA  . CYS A 1 124 ? -2.705  -8.525  16.664  1.00 41.52 ? 124 CYS A CA  1 
ATOM   967  C  C   . CYS A 1 124 ? -4.068  -8.190  17.244  1.00 40.69 ? 124 CYS A C   1 
ATOM   968  O  O   . CYS A 1 124 ? -5.080  -8.495  16.589  1.00 41.05 ? 124 CYS A O   1 
ATOM   969  C  CB  . CYS A 1 124 ? -2.818  -8.835  15.177  1.00 40.04 ? 124 CYS A CB  1 
ATOM   970  S  SG  . CYS A 1 124 ? -1.194  -9.020  14.366  1.00 40.94 ? 124 CYS A SG  1 
ATOM   971  O  OXT . CYS A 1 124 ? -4.105  -7.623  18.354  1.00 41.13 ? 124 CYS A OXT 1 
HETATM 972  CA CA  . CA  B 2 .   ? -4.006  -4.695  5.419   1.00 69.74 ? 125 CA  A CA  1 
HETATM 973  CA CA  . CA  C 2 .   ? -8.924  4.094   -13.883 0.50 22.95 ? 126 CA  A CA  1 
HETATM 974  CL CL  . CL  D 3 .   ? 1.384   -6.312  -2.127  1.00 69.16 ? 127 CL  A CL  1 
HETATM 975  O  O   . HOH E 4 .   ? -4.842  7.749   7.066   1.00 58.68 ? 128 HOH A O   1 
HETATM 976  O  O   . HOH E 4 .   ? -8.178  -2.110  1.247   1.00 46.57 ? 129 HOH A O   1 
HETATM 977  O  O   . HOH E 4 .   ? -9.904  -2.859  -0.618  1.00 50.98 ? 130 HOH A O   1 
HETATM 978  O  O   . HOH E 4 .   ? -7.468  -7.953  17.500  1.00 29.56 ? 131 HOH A O   1 
HETATM 979  O  O   . HOH E 4 .   ? 3.197   0.120   17.495  1.00 44.13 ? 132 HOH A O   1 
HETATM 980  O  O   . HOH E 4 .   ? -4.684  -2.331  19.875  1.00 32.12 ? 133 HOH A O   1 
HETATM 981  O  O   . HOH E 4 .   ? 0.295   -5.768  18.020  1.00 33.75 ? 134 HOH A O   1 
HETATM 982  O  O   . HOH E 4 .   ? -2.293  -5.233  18.797  1.00 30.19 ? 135 HOH A O   1 
HETATM 983  O  O   . HOH E 4 .   ? -4.538  0.295   15.053  1.00 25.24 ? 136 HOH A O   1 
HETATM 984  O  O   . HOH E 4 .   ? -0.645  5.067   2.280   1.00 32.83 ? 137 HOH A O   1 
HETATM 985  O  O   . HOH E 4 .   ? -12.290 6.159   -12.103 1.00 37.24 ? 138 HOH A O   1 
HETATM 986  O  O   . HOH E 4 .   ? -13.838 5.967   -10.009 1.00 51.95 ? 139 HOH A O   1 
HETATM 987  O  O   . HOH E 4 .   ? 2.609   13.733  -17.710 1.00 48.18 ? 140 HOH A O   1 
HETATM 988  O  O   . HOH E 4 .   ? -1.368  -2.999  2.296   1.00 57.10 ? 141 HOH A O   1 
HETATM 989  O  O   . HOH E 4 .   ? 13.458  1.566   -9.329  1.00 52.48 ? 142 HOH A O   1 
HETATM 990  O  O   . HOH E 4 .   ? 8.413   -10.374 -7.828  1.00 50.13 ? 143 HOH A O   1 
HETATM 991  O  O   . HOH E 4 .   ? -7.181  0.845   11.573  1.00 48.38 ? 144 HOH A O   1 
HETATM 992  O  O   . HOH E 4 .   ? -0.984  -11.676 -8.077  1.00 52.41 ? 145 HOH A O   1 
HETATM 993  O  O   . HOH E 4 .   ? -2.191  11.757  -9.426  1.00 41.09 ? 146 HOH A O   1 
HETATM 994  O  O   . HOH E 4 .   ? -4.364  12.455  -2.098  1.00 37.08 ? 147 HOH A O   1 
HETATM 995  O  O   . HOH E 4 .   ? 9.781   -1.503  10.718  1.00 41.04 ? 148 HOH A O   1 
HETATM 996  O  O   . HOH E 4 .   ? 15.251  -8.786  10.448  1.00 49.85 ? 149 HOH A O   1 
HETATM 997  O  O   . HOH E 4 .   ? 10.773  -2.282  4.547   1.00 37.68 ? 150 HOH A O   1 
HETATM 998  O  O   . HOH E 4 .   ? 2.109   -11.480 9.628   1.00 47.28 ? 151 HOH A O   1 
HETATM 999  O  O   . HOH E 4 .   ? -12.536 0.920   -9.556  1.00 31.62 ? 152 HOH A O   1 
HETATM 1000 O  O   . HOH E 4 .   ? -3.589  1.581   17.547  1.00 37.88 ? 153 HOH A O   1 
HETATM 1001 O  O   . HOH E 4 .   ? 0.414   -14.161 9.534   1.00 57.09 ? 154 HOH A O   1 
HETATM 1002 O  O   . HOH E 4 .   ? -4.308  9.342   -16.181 1.00 32.35 ? 155 HOH A O   1 
HETATM 1003 O  O   . HOH E 4 .   ? -9.952  5.243   8.081   1.00 45.87 ? 156 HOH A O   1 
HETATM 1004 O  O   . HOH E 4 .   ? -4.567  9.740   -0.945  1.00 37.78 ? 157 HOH A O   1 
HETATM 1005 O  O   . HOH E 4 .   ? 3.304   12.404  -7.771  1.00 41.52 ? 158 HOH A O   1 
HETATM 1006 O  O   . HOH E 4 .   ? 1.265   4.014   3.689   1.00 37.97 ? 159 HOH A O   1 
HETATM 1007 O  O   . HOH E 4 .   ? 7.436   -3.297  -12.589 1.00 50.50 ? 160 HOH A O   1 
HETATM 1008 O  O   . HOH E 4 .   ? 2.292   14.642  -14.010 1.00 37.18 ? 161 HOH A O   1 
HETATM 1009 O  O   . HOH E 4 .   ? -2.589  17.791  -15.686 1.00 46.06 ? 162 HOH A O   1 
HETATM 1010 O  O   . HOH E 4 .   ? 1.228   12.038  -19.382 1.00 45.88 ? 163 HOH A O   1 
HETATM 1011 O  O   . HOH E 4 .   ? -20.094 13.907  -4.133  1.00 59.57 ? 164 HOH A O   1 
HETATM 1012 O  O   . HOH E 4 .   ? -3.163  -8.328  7.361   1.00 38.49 ? 165 HOH A O   1 
HETATM 1013 O  O   . HOH E 4 .   ? -1.042  -9.667  8.174   1.00 42.74 ? 166 HOH A O   1 
HETATM 1014 O  O   . HOH E 4 .   ? -1.696  13.555  -7.650  1.00 41.13 ? 167 HOH A O   1 
HETATM 1015 O  O   . HOH E 4 .   ? -4.972  12.993  -4.700  1.00 43.04 ? 168 HOH A O   1 
HETATM 1016 O  O   . HOH E 4 .   ? 2.157   10.795  -2.824  1.00 49.12 ? 169 HOH A O   1 
HETATM 1017 O  O   . HOH E 4 .   ? -7.575  13.460  -5.427  1.00 36.54 ? 170 HOH A O   1 
HETATM 1018 O  O   . HOH E 4 .   ? 3.080   -5.720  -11.160 1.00 45.81 ? 171 HOH A O   1 
HETATM 1019 O  O   . HOH E 4 .   ? 16.875  2.190   -10.646 1.00 53.40 ? 172 HOH A O   1 
HETATM 1020 O  O   . HOH E 4 .   ? 19.247  -14.049 6.047   1.00 65.05 ? 173 HOH A O   1 
HETATM 1021 O  O   . HOH E 4 .   ? -16.324 7.150   -9.957  1.00 42.90 ? 174 HOH A O   1 
HETATM 1022 O  O   . HOH E 4 .   ? -16.544 2.521   -3.825  1.00 49.68 ? 175 HOH A O   1 
HETATM 1023 O  O   . HOH E 4 .   ? 2.465   8.763   -15.941 1.00 40.19 ? 176 HOH A O   1 
HETATM 1024 O  O   . HOH E 4 .   ? 9.073   9.740   -11.209 1.00 44.38 ? 177 HOH A O   1 
HETATM 1025 O  O   . HOH E 4 .   ? 1.938   14.815  -9.994  1.00 49.72 ? 178 HOH A O   1 
HETATM 1026 O  O   . HOH E 4 .   ? 3.359   10.335  -13.979 1.00 46.24 ? 179 HOH A O   1 
HETATM 1027 O  O   . HOH E 4 .   ? 1.541   13.124  -6.016  1.00 57.83 ? 180 HOH A O   1 
HETATM 1028 O  O   . HOH E 4 .   ? 5.239   8.564   2.460   1.00 54.74 ? 181 HOH A O   1 
HETATM 1029 O  O   . HOH E 4 .   ? -2.447  2.752   14.935  1.00 42.55 ? 182 HOH A O   1 
HETATM 1030 O  O   . HOH E 4 .   ? -4.379  -9.202  11.559  1.00 58.68 ? 183 HOH A O   1 
HETATM 1031 O  O   . HOH E 4 .   ? -5.622  3.711   12.333  1.00 38.52 ? 184 HOH A O   1 
HETATM 1032 O  O   . HOH E 4 .   ? -3.827  8.088   4.610   1.00 52.77 ? 185 HOH A O   1 
HETATM 1033 O  O   . HOH E 4 .   ? -1.396  7.513   3.052   1.00 37.31 ? 186 HOH A O   1 
HETATM 1034 O  O   . HOH E 4 .   ? -7.093  -2.669  7.794   1.00 40.04 ? 187 HOH A O   1 
HETATM 1035 O  O   . HOH E 4 .   ? -8.989  -0.753  3.427   1.00 47.31 ? 188 HOH A O   1 
HETATM 1036 O  O   . HOH E 4 .   ? 13.969  -7.619  2.517   1.00 54.44 ? 189 HOH A O   1 
HETATM 1037 O  O   . HOH E 4 .   ? 0.958   4.597   -15.860 1.00 32.67 ? 190 HOH A O   1 
HETATM 1038 O  O   . HOH E 4 .   ? 8.884   8.343   -4.954  1.00 45.31 ? 191 HOH A O   1 
HETATM 1039 O  O   . HOH E 4 .   ? 8.721   9.396   -13.773 1.00 51.83 ? 192 HOH A O   1 
HETATM 1040 O  O   . HOH E 4 .   ? 14.063  3.667   -10.679 1.00 54.45 ? 194 HOH A O   1 
HETATM 1041 O  O   . HOH E 4 .   ? 12.992  -3.529  2.962   1.00 56.21 ? 195 HOH A O   1 
HETATM 1042 O  O   . HOH E 4 .   ? -1.745  20.233  -14.545 1.00 52.62 ? 196 HOH A O   1 
HETATM 1043 O  O   . HOH E 4 .   ? 4.495   -15.029 15.942  1.00 57.96 ? 197 HOH A O   1 
HETATM 1044 O  O   . HOH E 4 .   ? -1.636  3.666   -17.017 0.50 14.82 ? 198 HOH A O   1 
HETATM 1045 O  O   . HOH E 4 .   ? -2.886  -17.001 13.621  1.00 55.66 ? 199 HOH A O   1 
HETATM 1046 O  O   . HOH E 4 .   ? 1.271   16.733  -16.495 1.00 58.95 ? 200 HOH A O   1 
HETATM 1047 O  O   . HOH E 4 .   ? 8.661   4.497   6.939   1.00 47.06 ? 201 HOH A O   1 
HETATM 1048 O  O   . HOH E 4 .   ? 10.941  -1.166  13.406  1.00 58.91 ? 202 HOH A O   1 
# 
